data_3SCL
#
_entry.id   3SCL
#
_cell.length_a   81.670
_cell.length_b   119.523
_cell.length_c   113.532
_cell.angle_alpha   90.00
_cell.angle_beta   92.50
_cell.angle_gamma   90.00
#
_symmetry.space_group_name_H-M   'P 1 21 1'
#
loop_
_entity.id
_entity.type
_entity.pdbx_description
1 polymer 'Angiotensin-converting enzyme 2 chimera'
2 polymer 'Spike glycoprotein'
3 non-polymer 'ZINC ION'
4 non-polymer 'CHLORIDE ION'
#
loop_
_entity_poly.entity_id
_entity_poly.type
_entity_poly.pdbx_seq_one_letter_code
_entity_poly.pdbx_strand_id
1 'polypeptide(L)'
;STTEELAKTFLETFNYEAQELSYQSSVASWNYNTNITEENVQNMNNAGDKWSAFLKEQSTLAQTYPLQEIQNLTVKLQLQ
ALQQNGSSVLSEDKSKRLNTILNTMSTIYSTGKVCNPDNPQECLLLEPGLNEIMANSLDYNERLWAWESWRSEVGKQLRP
LYEEYVVLKNEMARANHYEDYGDYWRGDYEVNGVDGYDYSRGQLIEDVEHTFEEIKPLYEHLHAYVRAKLMNAYPSYISP
IGCLPAHLLGDMWGRFWTNLYSLTVPFGQKPNIDVTDAMVDQAWDAQRIFKEAEKFFVSVGLPNMTQGFWENSMLTDPGN
VQKAVCHPTAWDLGKGDFRILMCTKVTMDDFLTAHHEMGHIQYDMAYAAQPFLLRNGANEGFHEAVGEIMSLSAATPKHL
KSIGLLSPDFQEDNETEINFLLKQALTIVGTLPFTYMLEKWRWMVFKGEIPKDQWMKKWWEMKREIVGVVEPVPHDETYC
DPASLFHVSNDYSFIRYYTRTLYQFQFQEALCQAAKHEGPLHKCDISNSTEAGQKLFNMLRLGKSEPWTLALENVVGAKN
MNVRPLLNYFEPLFTWLKDQNKNSFVGWSTDWSPYADHHHHHH
;
A,B
2 'polypeptide(L)'
;PFGEVFNATKFPSVYAWERKKISNCVADYSVLYNSTFFSTFKCYGVSATKLNDLCFSNVYADSFVVKGDDVRQIAPGQTG
VIADYNYKLPDDFMGCVLAWNTRNIDATSTGNYNYKYRYLRHGKLRPFERDISNVPFSPDGKPCTPPALNCYWPLNDYGF
YTTTGIGYQPYRVVVLSFEHHHHHH
;
E,F
#
loop_
_chem_comp.id
_chem_comp.type
_chem_comp.name
_chem_comp.formula
CL non-polymer 'CHLORIDE ION' 'Cl -1'
ZN non-polymer 'ZINC ION' 'Zn 2'
#
# COMPACT_ATOMS: atom_id res chain seq x y z
N SER A 1 -28.26 49.54 0.24
CA SER A 1 -27.94 48.41 1.15
C SER A 1 -26.43 48.35 1.46
N THR A 2 -25.96 47.27 2.09
CA THR A 2 -24.55 47.18 2.54
C THR A 2 -23.58 47.21 1.37
N THR A 3 -22.35 47.67 1.59
CA THR A 3 -21.32 47.66 0.54
C THR A 3 -21.35 46.34 -0.22
N GLU A 4 -21.68 45.26 0.49
CA GLU A 4 -21.79 43.93 -0.13
C GLU A 4 -22.87 43.85 -1.22
N GLU A 5 -24.10 44.22 -0.88
CA GLU A 5 -25.23 44.09 -1.81
C GLU A 5 -25.03 44.91 -3.09
N LEU A 6 -24.53 46.14 -2.94
CA LEU A 6 -24.12 46.94 -4.10
C LEU A 6 -23.04 46.25 -4.93
N ALA A 7 -22.15 45.52 -4.26
CA ALA A 7 -21.03 44.87 -4.92
C ALA A 7 -21.44 43.60 -5.64
N LYS A 8 -22.36 42.83 -5.04
CA LYS A 8 -23.01 41.72 -5.74
C LYS A 8 -23.53 42.21 -7.10
N THR A 9 -24.26 43.32 -7.06
CA THR A 9 -24.91 43.89 -8.23
C THR A 9 -23.92 44.57 -9.18
N PHE A 10 -22.76 44.97 -8.67
CA PHE A 10 -21.70 45.51 -9.54
C PHE A 10 -21.03 44.41 -10.38
N LEU A 11 -20.62 43.33 -9.71
CA LEU A 11 -20.03 42.18 -10.38
C LEU A 11 -20.96 41.60 -11.43
N GLU A 12 -22.24 41.44 -11.09
CA GLU A 12 -23.21 40.87 -12.01
C GLU A 12 -23.23 41.64 -13.31
N THR A 13 -23.32 42.97 -13.24
CA THR A 13 -23.21 43.79 -14.46
C THR A 13 -21.93 43.51 -15.24
N PHE A 14 -20.85 43.29 -14.51
CA PHE A 14 -19.52 43.11 -15.07
C PHE A 14 -19.39 41.78 -15.79
N ASN A 15 -19.84 40.72 -15.12
CA ASN A 15 -19.80 39.40 -15.71
C ASN A 15 -20.40 39.43 -17.10
N TYR A 16 -21.62 39.96 -17.22
CA TYR A 16 -22.35 39.93 -18.48
C TYR A 16 -21.69 40.79 -19.55
N GLU A 17 -21.07 41.89 -19.11
CA GLU A 17 -20.37 42.80 -20.01
C GLU A 17 -19.05 42.24 -20.51
N ALA A 18 -18.24 41.81 -19.55
CA ALA A 18 -16.98 41.20 -19.87
C ALA A 18 -17.22 40.03 -20.82
N GLN A 19 -18.23 39.22 -20.53
CA GLN A 19 -18.53 38.06 -21.38
C GLN A 19 -18.50 38.42 -22.85
N GLU A 20 -19.11 39.56 -23.17
CA GLU A 20 -19.24 40.03 -24.55
C GLU A 20 -17.91 40.51 -25.09
N LEU A 21 -17.28 41.48 -24.44
CA LEU A 21 -16.04 42.07 -24.96
C LEU A 21 -14.92 41.05 -25.04
N SER A 22 -14.87 40.18 -24.03
CA SER A 22 -13.91 39.09 -23.97
C SER A 22 -14.10 38.10 -25.13
N TYR A 23 -15.36 37.69 -25.37
CA TYR A 23 -15.64 36.80 -26.48
C TYR A 23 -15.33 37.49 -27.79
N GLN A 24 -15.37 38.82 -27.81
CA GLN A 24 -14.99 39.54 -29.02
C GLN A 24 -13.48 39.56 -29.23
N SER A 25 -12.72 39.97 -28.22
CA SER A 25 -11.26 39.89 -28.28
C SER A 25 -10.72 38.48 -28.60
N SER A 26 -11.24 37.46 -27.90
CA SER A 26 -10.91 36.06 -28.18
C SER A 26 -11.12 35.70 -29.63
N VAL A 27 -12.36 35.84 -30.09
CA VAL A 27 -12.73 35.48 -31.44
C VAL A 27 -11.83 36.11 -32.47
N ALA A 28 -11.48 37.38 -32.23
CA ALA A 28 -10.57 38.11 -33.10
C ALA A 28 -9.20 37.46 -33.23
N SER A 29 -8.59 37.13 -32.10
CA SER A 29 -7.28 36.48 -32.10
C SER A 29 -7.37 35.13 -32.76
N TRP A 30 -8.50 34.45 -32.62
CA TRP A 30 -8.67 33.16 -33.25
C TRP A 30 -8.59 33.31 -34.75
N ASN A 31 -9.35 34.25 -35.28
CA ASN A 31 -9.42 34.46 -36.70
C ASN A 31 -8.05 34.88 -37.26
N TYR A 32 -7.27 35.55 -36.41
CA TYR A 32 -5.94 36.02 -36.78
C TYR A 32 -4.94 34.88 -36.85
N ASN A 33 -4.73 34.25 -35.71
CA ASN A 33 -3.73 33.21 -35.56
C ASN A 33 -3.97 32.05 -36.51
N THR A 34 -5.12 32.03 -37.17
CA THR A 34 -5.48 30.97 -38.12
C THR A 34 -5.57 31.42 -39.60
N ASN A 35 -5.39 32.72 -39.83
CA ASN A 35 -5.58 33.38 -41.13
C ASN A 35 -4.96 34.77 -41.00
N ILE A 36 -3.64 34.87 -41.14
CA ILE A 36 -2.92 36.14 -40.93
C ILE A 36 -3.17 37.18 -42.03
N THR A 37 -4.41 37.62 -42.19
CA THR A 37 -4.75 38.68 -43.15
C THR A 37 -4.24 40.03 -42.64
N GLU A 38 -4.49 41.07 -43.42
CA GLU A 38 -4.13 42.44 -43.03
C GLU A 38 -5.31 43.18 -42.38
N GLU A 39 -6.53 42.91 -42.85
CA GLU A 39 -7.74 43.41 -42.19
C GLU A 39 -7.97 42.67 -40.88
N ASN A 40 -7.66 41.37 -40.87
CA ASN A 40 -7.83 40.53 -39.69
C ASN A 40 -6.96 40.97 -38.52
N VAL A 41 -5.71 41.31 -38.79
CA VAL A 41 -4.79 41.74 -37.75
C VAL A 41 -5.25 43.03 -37.07
N GLN A 42 -6.00 43.84 -37.80
CA GLN A 42 -6.39 45.15 -37.30
C GLN A 42 -7.35 45.05 -36.13
N ASN A 43 -8.51 44.43 -36.35
CA ASN A 43 -9.49 44.31 -35.29
C ASN A 43 -9.00 43.42 -34.14
N MET A 44 -8.12 42.47 -34.44
CA MET A 44 -7.49 41.62 -33.41
C MET A 44 -6.92 42.50 -32.31
N ASN A 45 -6.56 43.72 -32.69
CA ASN A 45 -6.17 44.75 -31.74
C ASN A 45 -7.38 45.50 -31.20
N ASN A 46 -8.18 46.09 -32.09
CA ASN A 46 -9.38 46.82 -31.69
C ASN A 46 -10.12 46.12 -30.55
N ALA A 47 -10.68 44.94 -30.84
CA ALA A 47 -11.43 44.17 -29.86
C ALA A 47 -10.67 44.06 -28.53
N GLY A 48 -9.39 43.73 -28.62
CA GLY A 48 -8.53 43.55 -27.47
C GLY A 48 -8.23 44.85 -26.78
N ASP A 49 -8.12 45.91 -27.56
CA ASP A 49 -7.92 47.26 -27.03
C ASP A 49 -9.17 47.73 -26.27
N LYS A 50 -10.35 47.40 -26.80
CA LYS A 50 -11.63 47.70 -26.15
C LYS A 50 -11.74 46.98 -24.81
N TRP A 51 -11.48 45.67 -24.86
CA TRP A 51 -11.54 44.79 -23.70
C TRP A 51 -10.58 45.22 -22.60
N SER A 52 -9.36 45.59 -22.98
CA SER A 52 -8.37 46.06 -22.03
C SER A 52 -8.75 47.43 -21.46
N ALA A 53 -9.42 48.24 -22.27
CA ALA A 53 -9.96 49.52 -21.80
C ALA A 53 -11.09 49.29 -20.81
N PHE A 54 -11.87 48.24 -21.05
CA PHE A 54 -13.02 47.90 -20.22
C PHE A 54 -12.60 47.54 -18.80
N LEU A 55 -11.52 46.79 -18.67
CA LEU A 55 -11.00 46.42 -17.35
C LEU A 55 -10.49 47.63 -16.60
N LYS A 56 -9.67 48.43 -17.27
CA LYS A 56 -9.13 49.65 -16.69
C LYS A 56 -10.28 50.44 -16.09
N GLU A 57 -11.30 50.68 -16.92
CA GLU A 57 -12.52 51.35 -16.50
C GLU A 57 -13.16 50.61 -15.34
N GLN A 58 -13.21 49.28 -15.43
CA GLN A 58 -13.90 48.46 -14.44
C GLN A 58 -13.16 48.33 -13.12
N SER A 59 -11.87 48.01 -13.22
CA SER A 59 -11.02 47.85 -12.05
C SER A 59 -11.04 49.12 -11.19
N THR A 60 -10.76 50.25 -11.81
CA THR A 60 -10.74 51.53 -11.11
C THR A 60 -12.14 51.95 -10.64
N LEU A 61 -13.18 51.39 -11.27
CA LEU A 61 -14.55 51.61 -10.84
C LEU A 61 -14.89 50.69 -9.68
N ALA A 62 -14.18 49.57 -9.59
CA ALA A 62 -14.34 48.63 -8.48
C ALA A 62 -13.59 49.09 -7.22
N GLN A 63 -12.80 50.16 -7.37
CA GLN A 63 -12.15 50.86 -6.26
C GLN A 63 -13.18 51.37 -5.25
N THR A 64 -14.40 51.63 -5.73
CA THR A 64 -15.48 52.18 -4.91
C THR A 64 -15.90 51.28 -3.75
N TYR A 65 -15.72 49.96 -3.89
CA TYR A 65 -16.17 49.02 -2.88
C TYR A 65 -14.98 48.54 -2.06
N PRO A 66 -14.88 49.00 -0.79
CA PRO A 66 -13.77 48.60 0.08
C PRO A 66 -13.87 47.13 0.46
N LEU A 67 -13.01 46.31 -0.13
CA LEU A 67 -13.09 44.87 0.04
C LEU A 67 -13.09 44.47 1.51
N GLN A 68 -12.45 45.31 2.33
CA GLN A 68 -12.34 45.09 3.77
C GLN A 68 -13.63 45.45 4.51
N GLU A 69 -14.77 45.20 3.84
CA GLU A 69 -16.08 45.45 4.42
C GLU A 69 -17.08 44.43 3.86
N ILE A 70 -16.57 43.25 3.48
CA ILE A 70 -17.38 42.20 2.83
C ILE A 70 -17.10 40.80 3.36
N GLN A 71 -18.12 39.93 3.34
CA GLN A 71 -17.95 38.51 3.66
C GLN A 71 -18.92 37.53 2.95
N ASN A 72 -18.48 37.02 1.80
CA ASN A 72 -19.08 35.85 1.14
C ASN A 72 -17.94 35.32 0.28
N LEU A 73 -16.83 34.96 0.95
CA LEU A 73 -15.57 34.51 0.32
C LEU A 73 -15.51 34.87 -1.17
N THR A 74 -16.30 34.16 -1.98
CA THR A 74 -16.43 34.38 -3.43
C THR A 74 -16.53 35.85 -3.86
N VAL A 75 -17.48 36.59 -3.31
CA VAL A 75 -17.62 38.01 -3.68
C VAL A 75 -16.32 38.78 -3.45
N LYS A 76 -15.69 38.52 -2.30
CA LYS A 76 -14.43 39.15 -1.92
C LYS A 76 -13.32 38.72 -2.87
N LEU A 77 -13.35 37.44 -3.23
CA LEU A 77 -12.38 36.82 -4.11
C LEU A 77 -12.45 37.45 -5.50
N GLN A 78 -13.68 37.66 -5.99
CA GLN A 78 -13.94 38.24 -7.31
C GLN A 78 -13.51 39.69 -7.41
N LEU A 79 -13.89 40.47 -6.40
CA LEU A 79 -13.59 41.90 -6.34
C LEU A 79 -12.08 42.10 -6.25
N GLN A 80 -11.44 41.31 -5.39
CA GLN A 80 -10.00 41.29 -5.22
C GLN A 80 -9.33 41.21 -6.58
N ALA A 81 -9.80 40.26 -7.40
CA ALA A 81 -9.27 40.09 -8.73
C ALA A 81 -9.51 41.34 -9.56
N LEU A 82 -10.75 41.82 -9.53
CA LEU A 82 -11.15 42.95 -10.38
C LEU A 82 -10.35 44.20 -10.09
N GLN A 83 -9.99 44.39 -8.82
CA GLN A 83 -9.10 45.47 -8.41
C GLN A 83 -7.68 45.20 -8.90
N GLN A 84 -7.57 44.96 -10.22
CA GLN A 84 -6.27 44.88 -10.87
C GLN A 84 -5.82 46.32 -11.11
N ASN A 85 -5.58 47.03 -10.01
CA ASN A 85 -5.05 48.39 -10.01
C ASN A 85 -3.82 48.49 -10.93
N GLY A 86 -2.82 47.66 -10.64
CA GLY A 86 -1.68 47.45 -11.53
C GLY A 86 -0.79 48.66 -11.75
N SER A 87 -0.19 48.74 -12.93
CA SER A 87 0.72 49.85 -13.27
C SER A 87 -0.02 51.06 -13.86
N SER A 88 -1.09 51.47 -13.19
CA SER A 88 -1.73 52.76 -13.42
C SER A 88 -1.59 53.62 -12.15
N VAL A 89 -1.06 53.00 -11.08
CA VAL A 89 -0.78 53.69 -9.82
C VAL A 89 0.42 54.63 -9.96
N LEU A 90 1.20 54.43 -11.03
CA LEU A 90 2.30 55.32 -11.36
C LEU A 90 1.76 56.61 -11.98
N SER A 91 2.63 57.59 -12.16
CA SER A 91 2.29 58.77 -12.95
C SER A 91 2.32 58.37 -14.43
N GLU A 92 1.36 58.88 -15.19
CA GLU A 92 1.23 58.63 -16.64
C GLU A 92 2.57 58.61 -17.41
N ASP A 93 3.54 59.42 -16.97
CA ASP A 93 4.84 59.51 -17.64
C ASP A 93 5.80 58.38 -17.26
N LYS A 94 5.70 57.90 -16.01
CA LYS A 94 6.48 56.73 -15.57
C LYS A 94 5.99 55.46 -16.26
N SER A 95 4.67 55.31 -16.36
CA SER A 95 4.01 54.19 -17.05
C SER A 95 4.31 54.19 -18.54
N LYS A 96 4.36 55.38 -19.13
CA LYS A 96 4.79 55.53 -20.51
C LYS A 96 6.17 54.91 -20.63
N ARG A 97 7.11 55.44 -19.85
CA ARG A 97 8.49 55.00 -19.87
C ARG A 97 8.57 53.49 -19.64
N LEU A 98 7.91 52.99 -18.60
CA LEU A 98 7.93 51.56 -18.27
C LEU A 98 7.50 50.67 -19.43
N ASN A 99 6.33 50.96 -20.00
CA ASN A 99 5.81 50.22 -21.14
C ASN A 99 6.66 50.31 -22.39
N THR A 100 7.43 51.40 -22.49
CA THR A 100 8.47 51.53 -23.53
C THR A 100 9.60 50.56 -23.16
N ILE A 101 10.09 50.67 -21.93
CA ILE A 101 11.15 49.77 -21.45
C ILE A 101 10.81 48.31 -21.76
N LEU A 102 9.67 47.83 -21.26
CA LEU A 102 9.16 46.49 -21.56
C LEU A 102 9.22 46.29 -23.06
N ASN A 103 8.41 47.06 -23.77
CA ASN A 103 8.25 46.91 -25.21
C ASN A 103 9.55 46.76 -25.99
N THR A 104 10.56 47.57 -25.65
CA THR A 104 11.84 47.55 -26.37
C THR A 104 12.54 46.21 -26.18
N MET A 105 12.52 45.71 -24.93
CA MET A 105 13.20 44.49 -24.57
C MET A 105 12.66 43.35 -25.42
N SER A 106 11.34 43.23 -25.44
CA SER A 106 10.64 42.20 -26.21
C SER A 106 11.07 42.21 -27.65
N THR A 107 11.19 43.42 -28.19
CA THR A 107 11.60 43.64 -29.57
C THR A 107 13.06 43.23 -29.75
N ILE A 108 13.91 43.65 -28.83
CA ILE A 108 15.34 43.38 -28.93
C ILE A 108 15.60 41.89 -29.02
N TYR A 109 14.92 41.13 -28.14
CA TYR A 109 15.07 39.68 -28.00
C TYR A 109 14.78 38.91 -29.29
N SER A 110 13.69 39.29 -29.96
CA SER A 110 13.26 38.60 -31.17
C SER A 110 14.04 39.05 -32.42
N THR A 111 14.37 40.34 -32.47
CA THR A 111 15.03 40.99 -33.61
C THR A 111 16.54 40.83 -33.58
N GLY A 112 17.09 40.74 -32.38
CA GLY A 112 18.51 40.52 -32.16
C GLY A 112 19.07 39.45 -33.05
N LYS A 113 20.20 39.78 -33.67
CA LYS A 113 20.91 38.90 -34.57
C LYS A 113 22.40 39.08 -34.35
N VAL A 114 23.17 38.03 -34.63
CA VAL A 114 24.62 38.08 -34.49
C VAL A 114 25.27 37.67 -35.80
N CYS A 115 26.46 38.20 -36.05
CA CYS A 115 27.16 37.91 -37.29
C CYS A 115 28.45 37.18 -37.06
N ASN A 116 28.69 36.23 -37.95
CA ASN A 116 29.89 35.42 -37.99
C ASN A 116 31.11 36.30 -38.26
N PRO A 117 31.94 36.57 -37.22
CA PRO A 117 33.13 37.38 -37.50
C PRO A 117 33.99 36.77 -38.62
N ASP A 118 33.89 35.46 -38.78
CA ASP A 118 34.60 34.75 -39.84
C ASP A 118 33.83 34.76 -41.16
N ASN A 119 32.66 35.41 -41.19
CA ASN A 119 31.90 35.61 -42.44
C ASN A 119 30.87 36.73 -42.32
N PRO A 120 31.20 37.92 -42.87
CA PRO A 120 30.38 39.13 -42.72
C PRO A 120 28.89 38.93 -43.04
N GLN A 121 28.60 38.20 -44.12
CA GLN A 121 27.25 38.18 -44.70
C GLN A 121 26.23 37.25 -44.02
N GLU A 122 26.73 36.16 -43.47
CA GLU A 122 25.91 35.19 -42.75
C GLU A 122 25.63 35.71 -41.34
N CYS A 123 24.35 35.87 -41.01
CA CYS A 123 23.96 36.36 -39.69
C CYS A 123 22.67 35.69 -39.18
N LEU A 124 22.67 35.31 -37.90
CA LEU A 124 21.57 34.49 -37.35
C LEU A 124 20.84 35.15 -36.19
N LEU A 125 19.57 34.78 -36.01
CA LEU A 125 18.80 35.13 -34.79
C LEU A 125 18.56 33.88 -33.94
N LEU A 126 18.22 34.07 -32.66
CA LEU A 126 18.05 32.97 -31.72
C LEU A 126 17.32 31.81 -32.37
N GLU A 127 16.06 32.06 -32.72
CA GLU A 127 15.23 31.12 -33.46
C GLU A 127 15.16 31.58 -34.91
N PRO A 128 15.64 30.74 -35.83
CA PRO A 128 16.16 29.42 -35.55
C PRO A 128 17.68 29.29 -35.70
N GLY A 129 18.36 30.39 -36.03
CA GLY A 129 19.80 30.37 -36.31
C GLY A 129 20.69 29.78 -35.21
N LEU A 130 20.63 30.39 -34.03
CA LEU A 130 21.44 29.97 -32.89
C LEU A 130 20.91 28.71 -32.24
N ASN A 131 19.59 28.65 -32.04
CA ASN A 131 19.01 27.54 -31.30
C ASN A 131 19.39 26.19 -31.86
N GLU A 132 19.65 26.18 -33.16
CA GLU A 132 20.07 25.00 -33.90
C GLU A 132 21.51 24.60 -33.50
N ILE A 133 22.41 25.59 -33.54
CA ILE A 133 23.79 25.46 -33.03
C ILE A 133 23.77 24.96 -31.57
N MET A 134 23.05 25.65 -30.70
CA MET A 134 23.07 25.33 -29.28
C MET A 134 22.55 23.92 -28.93
N ALA A 135 21.73 23.34 -29.80
CA ALA A 135 21.07 22.08 -29.52
C ALA A 135 21.72 20.90 -30.21
N ASN A 136 22.46 21.19 -31.27
CA ASN A 136 23.03 20.13 -32.14
C ASN A 136 24.55 20.04 -32.26
N SER A 137 25.23 21.20 -32.25
CA SER A 137 26.64 21.29 -32.62
C SER A 137 27.55 20.64 -31.60
N LEU A 138 28.46 19.78 -32.05
CA LEU A 138 29.45 19.18 -31.17
C LEU A 138 30.80 19.92 -31.07
N ASP A 139 30.90 21.08 -31.72
CA ASP A 139 32.15 21.85 -31.72
C ASP A 139 32.22 22.83 -30.54
N TYR A 140 33.18 22.61 -29.65
CA TYR A 140 33.25 23.38 -28.40
C TYR A 140 33.25 24.87 -28.64
N ASN A 141 34.13 25.29 -29.55
CA ASN A 141 34.33 26.68 -29.95
C ASN A 141 33.08 27.32 -30.58
N GLU A 142 32.51 26.65 -31.57
CA GLU A 142 31.27 27.11 -32.20
C GLU A 142 30.24 27.34 -31.12
N ARG A 143 30.13 26.38 -30.20
CA ARG A 143 29.24 26.52 -29.07
C ARG A 143 29.61 27.74 -28.23
N LEU A 144 30.80 27.72 -27.67
CA LEU A 144 31.28 28.88 -26.94
C LEU A 144 31.01 30.22 -27.69
N TRP A 145 31.06 30.21 -29.02
CA TRP A 145 30.79 31.42 -29.80
C TRP A 145 29.31 31.89 -29.77
N ALA A 146 28.40 31.06 -30.26
CA ALA A 146 26.96 31.29 -30.11
C ALA A 146 26.58 31.79 -28.69
N TRP A 147 26.91 31.01 -27.69
CA TRP A 147 26.58 31.34 -26.33
C TRP A 147 27.04 32.75 -25.92
N GLU A 148 28.25 33.11 -26.32
CA GLU A 148 28.86 34.37 -25.91
C GLU A 148 28.33 35.54 -26.73
N SER A 149 28.24 35.36 -28.05
CA SER A 149 27.71 36.35 -28.97
C SER A 149 26.43 36.87 -28.37
N TRP A 150 25.45 35.99 -28.26
CA TRP A 150 24.15 36.31 -27.66
C TRP A 150 24.25 37.11 -26.36
N ARG A 151 24.89 36.57 -25.32
CA ARG A 151 24.98 37.30 -24.05
C ARG A 151 25.77 38.61 -24.13
N SER A 152 26.49 38.78 -25.24
CA SER A 152 27.36 39.93 -25.51
C SER A 152 26.67 41.05 -26.31
N GLU A 153 26.07 40.70 -27.45
CA GLU A 153 25.29 41.65 -28.26
C GLU A 153 24.02 42.07 -27.50
N VAL A 154 22.99 41.22 -27.55
CA VAL A 154 21.71 41.55 -26.92
C VAL A 154 21.80 41.62 -25.37
N GLY A 155 22.66 40.83 -24.76
CA GLY A 155 22.75 40.80 -23.31
C GLY A 155 23.02 42.18 -22.75
N LYS A 156 24.11 42.78 -23.24
CA LYS A 156 24.63 44.09 -22.83
C LYS A 156 23.64 45.20 -23.17
N GLN A 157 22.98 45.00 -24.30
CA GLN A 157 22.01 45.92 -24.83
C GLN A 157 20.83 46.04 -23.87
N LEU A 158 20.52 44.95 -23.18
CA LEU A 158 19.36 44.91 -22.29
C LEU A 158 19.75 45.23 -20.84
N ARG A 159 21.05 45.36 -20.62
CA ARG A 159 21.54 45.75 -19.31
C ARG A 159 20.99 47.11 -18.84
N PRO A 160 21.11 48.19 -19.67
CA PRO A 160 20.60 49.49 -19.21
C PRO A 160 19.10 49.46 -18.92
N LEU A 161 18.33 48.90 -19.85
CA LEU A 161 16.89 48.83 -19.73
C LEU A 161 16.45 48.05 -18.49
N TYR A 162 17.01 46.86 -18.31
CA TYR A 162 16.64 46.06 -17.15
C TYR A 162 16.91 46.82 -15.85
N GLU A 163 18.02 47.57 -15.80
CA GLU A 163 18.36 48.38 -14.63
C GLU A 163 17.21 49.33 -14.28
N GLU A 164 16.75 50.11 -15.26
CA GLU A 164 15.63 51.03 -15.07
C GLU A 164 14.37 50.24 -14.77
N TYR A 165 14.17 49.17 -15.54
CA TYR A 165 13.02 48.28 -15.40
C TYR A 165 12.80 47.92 -13.94
N VAL A 166 13.89 47.62 -13.24
CA VAL A 166 13.78 47.12 -11.88
C VAL A 166 13.23 48.19 -10.93
N VAL A 167 13.77 49.41 -11.02
CA VAL A 167 13.34 50.50 -10.14
C VAL A 167 11.86 50.79 -10.31
N LEU A 168 11.45 51.04 -11.56
CA LEU A 168 10.05 51.35 -11.89
C LEU A 168 9.11 50.22 -11.47
N LYS A 169 9.34 49.02 -11.96
CA LYS A 169 8.51 47.88 -11.62
C LYS A 169 8.44 47.67 -10.11
N ASN A 170 9.54 47.99 -9.42
CA ASN A 170 9.57 47.96 -7.95
C ASN A 170 8.70 49.06 -7.37
N GLU A 171 8.76 50.25 -7.96
CA GLU A 171 7.91 51.38 -7.56
C GLU A 171 6.45 50.94 -7.63
N MET A 172 6.03 50.47 -8.81
CA MET A 172 4.72 49.86 -9.03
C MET A 172 4.38 48.89 -7.90
N ALA A 173 5.34 48.05 -7.56
CA ALA A 173 5.11 46.98 -6.60
C ALA A 173 4.92 47.52 -5.19
N ARG A 174 5.69 48.54 -4.86
CA ARG A 174 5.69 49.08 -3.50
C ARG A 174 4.41 49.85 -3.25
N ALA A 175 3.91 50.48 -4.31
CA ALA A 175 2.67 51.28 -4.26
C ALA A 175 1.43 50.48 -3.85
N ASN A 176 1.38 49.20 -4.21
CA ASN A 176 0.21 48.36 -3.89
C ASN A 176 0.33 47.61 -2.55
N HIS A 177 1.24 48.08 -1.70
CA HIS A 177 1.54 47.49 -0.38
C HIS A 177 2.31 46.16 -0.45
N TYR A 178 3.17 46.02 -1.46
CA TYR A 178 4.09 44.88 -1.55
C TYR A 178 5.53 45.32 -1.28
N GLU A 179 6.31 44.43 -0.65
CA GLU A 179 7.68 44.75 -0.23
C GLU A 179 8.57 45.15 -1.41
N ASP A 180 8.40 44.44 -2.53
CA ASP A 180 9.14 44.64 -3.77
C ASP A 180 8.37 43.99 -4.90
N TYR A 181 8.88 44.09 -6.12
CA TYR A 181 8.22 43.46 -7.26
C TYR A 181 8.25 41.95 -7.14
N GLY A 182 9.33 41.45 -6.54
CA GLY A 182 9.46 40.04 -6.16
C GLY A 182 8.31 39.62 -5.27
N ASP A 183 8.15 40.28 -4.12
CA ASP A 183 7.05 39.97 -3.22
C ASP A 183 5.69 40.02 -3.91
N TYR A 184 5.66 40.69 -5.06
CA TYR A 184 4.44 40.83 -5.85
C TYR A 184 4.01 39.52 -6.50
N TRP A 185 4.97 38.81 -7.10
CA TRP A 185 4.67 37.59 -7.82
C TRP A 185 4.28 36.45 -6.90
N ARG A 186 5.05 36.28 -5.82
CA ARG A 186 4.75 35.28 -4.81
C ARG A 186 3.30 35.40 -4.42
N GLY A 187 2.77 36.62 -4.60
CA GLY A 187 1.35 36.91 -4.46
C GLY A 187 0.42 35.86 -5.00
N ASP A 188 0.66 35.41 -6.24
CA ASP A 188 -0.17 34.40 -6.93
C ASP A 188 -0.54 33.20 -6.06
N TYR A 189 0.34 32.86 -5.11
CA TYR A 189 0.16 31.68 -4.26
C TYR A 189 -0.49 31.98 -2.90
N GLU A 190 -0.95 33.22 -2.71
CA GLU A 190 -1.44 33.68 -1.40
C GLU A 190 -2.89 33.27 -1.09
N VAL A 191 -3.15 32.92 0.15
CA VAL A 191 -4.50 32.58 0.60
C VAL A 191 -4.82 33.16 1.98
N ASN A 192 -5.98 33.80 2.10
CA ASN A 192 -6.36 34.46 3.33
C ASN A 192 -7.76 34.04 3.80
N GLY A 193 -7.95 34.05 5.11
CA GLY A 193 -9.24 33.80 5.77
C GLY A 193 -9.93 32.50 5.36
N VAL A 194 -9.45 31.38 5.90
CA VAL A 194 -10.07 30.06 5.68
C VAL A 194 -9.71 29.04 6.77
N ASP A 195 -8.52 29.19 7.35
CA ASP A 195 -7.97 28.30 8.41
C ASP A 195 -7.28 27.02 7.90
N GLY A 196 -5.96 27.03 7.90
CA GLY A 196 -5.16 25.88 7.44
C GLY A 196 -4.98 25.80 5.94
N TYR A 197 -5.90 26.47 5.22
CA TYR A 197 -5.85 26.55 3.78
C TYR A 197 -5.16 27.83 3.35
N ASP A 198 -4.81 28.64 4.34
CA ASP A 198 -4.08 29.89 4.14
C ASP A 198 -2.63 29.62 3.69
N TYR A 199 -2.00 30.64 3.10
CA TYR A 199 -0.63 30.57 2.59
C TYR A 199 -0.14 32.00 2.39
N SER A 200 1.11 32.28 2.74
CA SER A 200 1.63 33.65 2.60
C SER A 200 2.75 33.79 1.57
N ARG A 201 2.96 35.01 1.09
CA ARG A 201 3.95 35.31 0.05
C ARG A 201 5.40 35.07 0.50
N GLY A 202 5.61 34.97 1.81
CA GLY A 202 6.91 34.63 2.33
C GLY A 202 7.07 33.13 2.28
N GLN A 203 6.05 32.41 2.75
CA GLN A 203 6.14 30.96 2.93
C GLN A 203 6.39 30.17 1.64
N LEU A 204 6.16 30.81 0.49
CA LEU A 204 6.52 30.18 -0.77
C LEU A 204 7.99 29.84 -0.71
N ILE A 205 8.83 30.86 -0.50
CA ILE A 205 10.29 30.75 -0.45
C ILE A 205 10.76 29.68 0.53
N GLU A 206 10.01 29.54 1.62
CA GLU A 206 10.31 28.54 2.61
C GLU A 206 10.08 27.16 2.03
N ASP A 207 8.87 26.95 1.49
CA ASP A 207 8.49 25.66 0.96
C ASP A 207 9.22 25.27 -0.32
N VAL A 208 9.56 26.25 -1.16
CA VAL A 208 10.35 26.01 -2.39
C VAL A 208 11.81 25.65 -2.05
N GLU A 209 12.29 26.12 -0.90
CA GLU A 209 13.64 25.78 -0.48
C GLU A 209 13.69 24.46 0.29
N HIS A 210 12.75 24.26 1.21
CA HIS A 210 12.63 22.99 1.92
C HIS A 210 12.43 21.81 0.97
N THR A 211 11.70 22.05 -0.11
CA THR A 211 11.47 21.02 -1.11
C THR A 211 12.74 20.80 -1.98
N PHE A 212 13.34 21.89 -2.46
CA PHE A 212 14.54 21.82 -3.30
C PHE A 212 15.70 21.08 -2.65
N GLU A 213 15.60 20.84 -1.34
CA GLU A 213 16.70 20.14 -0.70
C GLU A 213 16.65 18.63 -0.96
N GLU A 214 15.48 18.04 -0.77
CA GLU A 214 15.30 16.62 -1.05
C GLU A 214 15.69 16.30 -2.52
N ILE A 215 15.65 17.30 -3.40
CA ILE A 215 15.97 17.07 -4.82
C ILE A 215 17.47 16.99 -5.11
N LYS A 216 18.25 17.76 -4.36
CA LYS A 216 19.71 17.74 -4.49
C LYS A 216 20.28 16.35 -4.81
N PRO A 217 20.21 15.38 -3.87
CA PRO A 217 20.89 14.10 -4.11
C PRO A 217 20.65 13.54 -5.53
N LEU A 218 19.39 13.54 -5.95
CA LEU A 218 19.05 13.03 -7.26
C LEU A 218 19.77 13.91 -8.30
N TYR A 219 19.51 15.21 -8.23
CA TYR A 219 20.22 16.16 -9.05
C TYR A 219 21.74 15.93 -8.99
N GLU A 220 22.35 16.05 -7.81
CA GLU A 220 23.80 15.80 -7.69
C GLU A 220 24.35 14.62 -8.52
N HIS A 221 23.62 13.50 -8.46
CA HIS A 221 23.97 12.27 -9.17
C HIS A 221 23.74 12.32 -10.69
N LEU A 222 22.57 12.83 -11.09
CA LEU A 222 22.28 13.11 -12.49
C LEU A 222 23.32 14.07 -13.04
N HIS A 223 23.67 15.05 -12.20
CA HIS A 223 24.75 15.95 -12.53
C HIS A 223 26.02 15.16 -12.79
N ALA A 224 26.48 14.47 -11.74
CA ALA A 224 27.71 13.72 -11.80
C ALA A 224 27.74 12.82 -13.06
N TYR A 225 26.58 12.22 -13.34
CA TYR A 225 26.54 11.19 -14.36
C TYR A 225 26.68 11.82 -15.75
N VAL A 226 25.92 12.87 -16.01
CA VAL A 226 26.08 13.48 -17.32
C VAL A 226 27.43 14.17 -17.41
N ARG A 227 27.95 14.62 -16.29
CA ARG A 227 29.30 15.18 -16.34
C ARG A 227 30.27 14.22 -17.01
N ALA A 228 30.38 13.02 -16.46
CA ALA A 228 31.34 12.06 -16.97
C ALA A 228 31.10 11.78 -18.45
N LYS A 229 29.86 11.83 -18.89
CA LYS A 229 29.57 11.44 -20.26
C LYS A 229 30.03 12.57 -21.20
N LEU A 230 29.87 13.80 -20.71
CA LEU A 230 30.30 14.99 -21.41
C LEU A 230 31.81 14.99 -21.60
N MET A 231 32.52 14.42 -20.63
CA MET A 231 33.97 14.47 -20.64
C MET A 231 34.44 13.78 -21.88
N ASN A 232 33.79 12.68 -22.24
CA ASN A 232 34.11 11.99 -23.49
C ASN A 232 33.78 12.87 -24.67
N ALA A 233 32.62 13.51 -24.65
CA ALA A 233 32.17 14.35 -25.73
C ALA A 233 33.23 15.41 -26.09
N TYR A 234 33.66 16.17 -25.08
CA TYR A 234 34.65 17.25 -25.25
C TYR A 234 35.85 17.01 -24.33
N PRO A 235 36.68 16.00 -24.66
CA PRO A 235 37.81 15.60 -23.83
C PRO A 235 38.76 16.72 -23.63
N SER A 236 39.20 16.89 -22.39
CA SER A 236 40.18 17.91 -21.99
C SER A 236 39.55 19.25 -21.62
N TYR A 237 38.27 19.46 -21.91
CA TYR A 237 37.63 20.73 -21.51
C TYR A 237 36.91 20.71 -20.16
N ILE A 238 36.60 19.52 -19.63
CA ILE A 238 35.88 19.45 -18.34
C ILE A 238 36.72 18.85 -17.19
N SER A 239 36.40 19.22 -15.96
CA SER A 239 37.14 18.74 -14.78
C SER A 239 36.24 17.82 -14.00
N PRO A 240 36.77 16.64 -13.64
CA PRO A 240 35.97 15.57 -13.07
C PRO A 240 35.44 15.89 -11.66
N ILE A 241 35.65 17.13 -11.22
CA ILE A 241 35.19 17.66 -9.93
C ILE A 241 34.51 18.99 -10.15
N GLY A 242 34.83 19.66 -11.27
CA GLY A 242 34.37 21.04 -11.59
C GLY A 242 33.00 21.12 -12.24
N CYS A 243 32.40 22.30 -12.20
CA CYS A 243 31.11 22.51 -12.80
C CYS A 243 31.08 22.18 -14.28
N LEU A 244 29.87 22.05 -14.82
CA LEU A 244 29.67 22.00 -16.27
C LEU A 244 29.69 23.43 -16.91
N PRO A 245 30.39 23.58 -18.04
CA PRO A 245 30.37 24.74 -18.93
C PRO A 245 28.98 25.06 -19.50
N ALA A 246 28.54 26.31 -19.36
CA ALA A 246 27.14 26.68 -19.70
C ALA A 246 26.73 26.42 -21.13
N HIS A 247 27.70 26.36 -22.04
CA HIS A 247 27.36 26.26 -23.44
C HIS A 247 27.21 24.85 -23.95
N LEU A 248 27.62 23.88 -23.14
CA LEU A 248 27.55 22.47 -23.53
C LEU A 248 26.37 21.75 -22.87
N LEU A 249 25.31 22.50 -22.56
CA LEU A 249 24.18 21.90 -21.82
C LEU A 249 22.93 21.65 -22.67
N GLY A 250 22.98 22.08 -23.93
CA GLY A 250 22.07 21.53 -24.93
C GLY A 250 21.04 22.47 -25.48
N ASP A 251 20.85 23.58 -24.79
CA ASP A 251 20.18 24.73 -25.39
C ASP A 251 20.91 26.02 -25.06
N MET A 252 20.27 27.14 -25.35
CA MET A 252 20.92 28.42 -25.19
C MET A 252 21.21 28.80 -23.73
N TRP A 253 20.68 28.04 -22.77
CA TRP A 253 20.91 28.43 -21.38
C TRP A 253 21.15 27.20 -20.54
N GLY A 254 20.85 26.06 -21.13
CA GLY A 254 20.81 24.82 -20.36
C GLY A 254 19.61 24.85 -19.43
N ARG A 255 18.49 25.36 -19.94
CA ARG A 255 17.21 25.32 -19.26
C ARG A 255 16.87 23.85 -19.13
N PHE A 256 17.06 23.17 -20.26
CA PHE A 256 16.79 21.76 -20.41
C PHE A 256 17.99 21.00 -20.95
N TRP A 257 18.28 19.86 -20.29
CA TRP A 257 19.35 18.98 -20.75
C TRP A 257 18.78 17.88 -21.64
N THR A 258 17.51 18.05 -22.05
CA THR A 258 16.93 17.24 -23.11
C THR A 258 17.93 16.94 -24.28
N ASN A 259 18.50 17.96 -24.94
CA ASN A 259 19.31 17.66 -26.12
C ASN A 259 20.60 16.85 -25.90
N LEU A 260 20.99 16.65 -24.64
CA LEU A 260 22.16 15.82 -24.38
C LEU A 260 21.88 14.28 -24.42
N TYR A 261 20.63 13.88 -24.59
CA TYR A 261 20.32 12.45 -24.63
C TYR A 261 21.28 11.77 -25.61
N SER A 262 21.36 12.36 -26.80
CA SER A 262 22.32 12.05 -27.89
C SER A 262 23.61 11.45 -27.38
N LEU A 263 24.20 12.11 -26.37
CA LEU A 263 25.50 11.70 -25.83
C LEU A 263 25.60 11.30 -24.34
N THR A 264 24.43 11.16 -23.68
CA THR A 264 24.37 10.68 -22.29
C THR A 264 23.58 9.40 -22.16
N VAL A 265 22.96 8.98 -23.27
CA VAL A 265 22.10 7.80 -23.31
C VAL A 265 22.76 6.61 -22.62
N PRO A 266 22.07 5.99 -21.67
CA PRO A 266 22.70 4.87 -20.98
C PRO A 266 23.05 3.69 -21.90
N PHE A 267 22.05 3.18 -22.63
CA PHE A 267 22.22 1.99 -23.48
C PHE A 267 21.82 2.34 -24.89
N GLY A 268 22.78 2.82 -25.68
CA GLY A 268 22.51 3.27 -27.06
C GLY A 268 21.81 2.24 -27.93
N GLN A 269 21.74 1.00 -27.43
CA GLN A 269 21.31 -0.18 -28.19
C GLN A 269 19.79 -0.39 -28.28
N LYS A 270 19.09 -0.17 -27.17
CA LYS A 270 17.65 -0.23 -27.11
C LYS A 270 17.08 1.07 -27.70
N PRO A 271 16.12 0.95 -28.63
CA PRO A 271 15.93 2.02 -29.60
C PRO A 271 14.59 2.80 -29.59
N ASN A 272 13.55 2.21 -30.20
CA ASN A 272 12.36 2.96 -30.61
C ASN A 272 11.13 2.83 -29.72
N ILE A 273 11.02 3.69 -28.72
CA ILE A 273 9.72 3.95 -28.15
C ILE A 273 9.25 5.10 -29.02
N ASP A 274 8.65 4.73 -30.17
CA ASP A 274 8.28 5.71 -31.20
C ASP A 274 7.30 5.06 -32.18
N VAL A 275 6.04 5.45 -32.11
CA VAL A 275 5.02 4.86 -32.97
C VAL A 275 4.76 5.67 -34.25
N THR A 276 5.55 6.72 -34.48
CA THR A 276 5.40 7.58 -35.66
C THR A 276 5.11 6.71 -36.89
N ASP A 277 5.97 5.72 -37.10
CA ASP A 277 5.99 4.86 -38.28
C ASP A 277 4.82 3.87 -38.30
N ALA A 278 4.25 3.61 -37.12
CA ALA A 278 3.13 2.69 -36.96
C ALA A 278 1.79 3.37 -37.23
N MET A 279 1.66 4.63 -36.81
CA MET A 279 0.47 5.41 -37.10
C MET A 279 0.35 5.61 -38.60
N VAL A 280 1.46 5.97 -39.23
CA VAL A 280 1.55 6.17 -40.70
C VAL A 280 1.11 4.92 -41.49
N ASP A 281 1.51 3.73 -41.00
CA ASP A 281 1.18 2.42 -41.62
C ASP A 281 -0.31 2.01 -41.53
N GLN A 282 -1.03 2.53 -40.54
CA GLN A 282 -2.47 2.30 -40.40
C GLN A 282 -3.27 3.47 -40.95
N ALA A 283 -2.58 4.34 -41.69
CA ALA A 283 -3.12 5.57 -42.30
C ALA A 283 -3.89 6.51 -41.36
N TRP A 284 -3.49 6.52 -40.08
CA TRP A 284 -3.99 7.50 -39.11
C TRP A 284 -3.92 8.92 -39.67
N ASP A 285 -4.95 9.72 -39.38
CA ASP A 285 -4.98 11.13 -39.79
C ASP A 285 -5.28 12.03 -38.60
N ALA A 286 -5.27 13.34 -38.83
CA ALA A 286 -5.55 14.32 -37.78
C ALA A 286 -6.77 13.90 -36.96
N GLN A 287 -7.91 13.78 -37.65
CA GLN A 287 -9.18 13.31 -37.08
C GLN A 287 -9.02 12.18 -36.06
N ARG A 288 -8.28 11.13 -36.45
CA ARG A 288 -8.05 9.94 -35.64
C ARG A 288 -7.33 10.28 -34.33
N ILE A 289 -6.23 11.05 -34.41
CA ILE A 289 -5.48 11.53 -33.24
C ILE A 289 -6.45 12.07 -32.17
N PHE A 290 -7.23 13.06 -32.56
CA PHE A 290 -8.06 13.82 -31.64
C PHE A 290 -9.26 13.05 -31.16
N LYS A 291 -9.78 12.22 -32.05
CA LYS A 291 -10.90 11.36 -31.70
C LYS A 291 -10.44 10.35 -30.62
N GLU A 292 -9.16 9.98 -30.69
CA GLU A 292 -8.56 9.01 -29.79
C GLU A 292 -8.30 9.64 -28.42
N ALA A 293 -7.78 10.87 -28.45
CA ALA A 293 -7.62 11.61 -27.21
C ALA A 293 -8.98 11.72 -26.56
N GLU A 294 -9.95 12.28 -27.29
CA GLU A 294 -11.33 12.38 -26.80
C GLU A 294 -11.75 11.06 -26.13
N LYS A 295 -11.40 9.93 -26.75
CA LYS A 295 -11.73 8.62 -26.19
C LYS A 295 -11.10 8.39 -24.81
N PHE A 296 -9.84 8.84 -24.69
CA PHE A 296 -9.06 8.66 -23.48
C PHE A 296 -9.75 9.23 -22.24
N PHE A 297 -10.29 10.45 -22.38
CA PHE A 297 -10.89 11.13 -21.25
C PHE A 297 -12.24 10.52 -21.02
N VAL A 298 -12.94 10.26 -22.13
CA VAL A 298 -14.23 9.62 -22.07
C VAL A 298 -14.09 8.39 -21.15
N SER A 299 -12.96 7.69 -21.32
CA SER A 299 -12.64 6.50 -20.58
C SER A 299 -12.57 6.72 -19.07
N VAL A 300 -12.26 7.95 -18.64
CA VAL A 300 -12.15 8.17 -17.18
C VAL A 300 -13.39 8.78 -16.51
N GLY A 301 -14.43 9.08 -17.30
CA GLY A 301 -15.66 9.65 -16.74
C GLY A 301 -15.90 11.10 -17.14
N LEU A 302 -15.16 11.56 -18.15
CA LEU A 302 -15.25 12.94 -18.67
C LEU A 302 -16.00 12.99 -20.01
N PRO A 303 -16.45 14.19 -20.40
CA PRO A 303 -17.27 14.45 -21.59
C PRO A 303 -16.56 14.42 -22.95
N ASN A 304 -17.30 13.94 -23.96
CA ASN A 304 -16.97 14.12 -25.36
C ASN A 304 -16.74 15.62 -25.62
N MET A 305 -15.72 15.97 -26.39
CA MET A 305 -15.50 17.34 -26.82
C MET A 305 -16.80 17.83 -27.44
N THR A 306 -17.08 19.13 -27.35
CA THR A 306 -18.36 19.68 -27.80
C THR A 306 -18.43 19.65 -29.32
N GLN A 307 -19.64 19.53 -29.88
CA GLN A 307 -19.87 19.63 -31.33
C GLN A 307 -19.22 20.91 -31.84
N GLY A 308 -19.31 21.98 -31.03
CA GLY A 308 -18.61 23.25 -31.25
C GLY A 308 -17.10 23.10 -31.44
N PHE A 309 -16.48 22.20 -30.68
CA PHE A 309 -15.04 21.89 -30.79
C PHE A 309 -14.71 21.25 -32.15
N TRP A 310 -15.57 20.34 -32.60
CA TRP A 310 -15.28 19.50 -33.78
C TRP A 310 -15.46 20.26 -35.07
N GLU A 311 -16.43 21.17 -35.10
CA GLU A 311 -16.71 21.95 -36.30
C GLU A 311 -16.13 23.38 -36.28
N ASN A 312 -15.39 23.71 -35.22
CA ASN A 312 -14.75 25.03 -35.12
C ASN A 312 -13.23 25.00 -35.05
N SER A 313 -12.65 23.98 -34.42
CA SER A 313 -11.20 23.91 -34.21
C SER A 313 -10.48 23.84 -35.55
N MET A 314 -9.18 24.17 -35.56
CA MET A 314 -8.35 23.98 -36.79
C MET A 314 -7.27 22.90 -36.60
N LEU A 315 -7.57 21.67 -37.02
CA LEU A 315 -6.71 20.51 -36.69
C LEU A 315 -5.55 20.18 -37.66
N THR A 316 -5.43 20.90 -38.79
CA THR A 316 -4.32 20.70 -39.72
C THR A 316 -3.84 22.01 -40.33
N ASP A 317 -2.55 22.09 -40.66
CA ASP A 317 -1.99 23.23 -41.38
C ASP A 317 -2.68 23.38 -42.74
N PRO A 318 -3.30 24.55 -42.99
CA PRO A 318 -4.05 24.74 -44.22
C PRO A 318 -3.21 25.10 -45.45
N GLY A 319 -1.97 24.60 -45.50
CA GLY A 319 -1.06 24.82 -46.64
C GLY A 319 -0.74 26.28 -46.88
N ASN A 320 -0.08 26.59 -47.99
CA ASN A 320 0.06 28.00 -48.38
C ASN A 320 -1.26 28.56 -48.94
N VAL A 321 -1.27 29.83 -49.31
CA VAL A 321 -2.51 30.56 -49.62
C VAL A 321 -3.42 30.45 -48.38
N GLN A 322 -3.07 31.24 -47.36
CA GLN A 322 -3.71 31.24 -46.03
C GLN A 322 -2.74 30.66 -45.00
N LYS A 323 -2.04 31.55 -44.30
CA LYS A 323 -0.95 31.18 -43.40
C LYS A 323 -1.34 31.30 -41.92
N ALA A 324 -0.62 30.59 -41.05
CA ALA A 324 -0.93 30.52 -39.60
C ALA A 324 0.30 30.36 -38.70
N VAL A 325 0.19 30.79 -37.45
CA VAL A 325 1.22 30.49 -36.43
C VAL A 325 0.89 29.18 -35.70
N CYS A 326 1.73 28.17 -35.96
CA CYS A 326 1.43 26.76 -35.68
C CYS A 326 1.72 26.23 -34.28
N HIS A 327 1.97 27.12 -33.31
CA HIS A 327 2.14 26.70 -31.91
C HIS A 327 0.83 26.06 -31.40
N PRO A 328 0.87 24.78 -30.95
CA PRO A 328 -0.28 24.06 -30.40
C PRO A 328 -0.87 24.71 -29.15
N THR A 329 -2.14 25.09 -29.23
CA THR A 329 -2.78 25.94 -28.23
C THR A 329 -4.19 25.52 -27.86
N ALA A 330 -4.51 25.60 -26.57
CA ALA A 330 -5.87 25.35 -26.14
C ALA A 330 -6.59 26.69 -26.00
N TRP A 331 -7.77 26.80 -26.62
CA TRP A 331 -8.56 28.04 -26.55
C TRP A 331 -9.90 27.85 -25.82
N ASP A 332 -10.10 28.65 -24.77
CA ASP A 332 -11.37 28.76 -24.05
C ASP A 332 -11.90 30.17 -24.35
N LEU A 333 -12.64 30.33 -25.43
CA LEU A 333 -13.01 31.67 -25.85
C LEU A 333 -14.16 32.22 -25.02
N GLY A 334 -14.79 31.32 -24.26
CA GLY A 334 -15.95 31.66 -23.46
C GLY A 334 -17.17 31.44 -24.31
N LYS A 335 -18.33 31.75 -23.73
CA LYS A 335 -19.61 31.52 -24.38
C LYS A 335 -19.78 30.03 -24.68
N GLY A 336 -19.09 29.18 -23.92
CA GLY A 336 -19.14 27.74 -24.15
C GLY A 336 -18.48 27.25 -25.43
N ASP A 337 -17.76 28.16 -26.09
CA ASP A 337 -17.03 27.82 -27.28
C ASP A 337 -15.65 27.48 -26.83
N PHE A 338 -15.24 26.22 -27.07
CA PHE A 338 -13.84 25.76 -26.87
C PHE A 338 -13.25 25.25 -28.18
N ARG A 339 -11.94 25.39 -28.35
CA ARG A 339 -11.30 24.79 -29.53
C ARG A 339 -9.80 24.70 -29.39
N ILE A 340 -9.18 23.99 -30.33
CA ILE A 340 -7.72 23.84 -30.38
C ILE A 340 -7.19 24.24 -31.76
N LEU A 341 -6.06 24.94 -31.77
CA LEU A 341 -5.34 25.24 -33.00
C LEU A 341 -4.09 24.39 -32.97
N MET A 342 -4.02 23.40 -33.85
CA MET A 342 -2.84 22.51 -33.97
C MET A 342 -2.57 22.05 -35.41
N CYS A 343 -1.38 22.38 -35.93
CA CYS A 343 -0.99 22.02 -37.30
C CYS A 343 -0.51 20.57 -37.38
N THR A 344 -1.35 19.66 -36.89
CA THR A 344 -1.04 18.22 -36.74
C THR A 344 -0.30 17.51 -37.90
N LYS A 345 0.77 16.82 -37.53
CA LYS A 345 1.44 15.83 -38.34
C LYS A 345 1.23 14.49 -37.63
N VAL A 346 1.19 13.41 -38.40
CA VAL A 346 0.96 12.09 -37.83
C VAL A 346 2.31 11.55 -37.26
N THR A 347 2.63 11.94 -36.02
CA THR A 347 3.87 11.51 -35.35
C THR A 347 3.51 11.26 -33.90
N MET A 348 4.34 10.52 -33.18
CA MET A 348 4.08 10.25 -31.76
C MET A 348 4.02 11.54 -30.92
N ASP A 349 4.96 12.45 -31.16
CA ASP A 349 5.06 13.68 -30.37
C ASP A 349 3.75 14.47 -30.39
N ASP A 350 3.06 14.41 -31.52
CA ASP A 350 1.82 15.17 -31.73
C ASP A 350 0.65 14.40 -31.22
N PHE A 351 0.78 13.09 -31.26
CA PHE A 351 -0.17 12.23 -30.64
C PHE A 351 -0.13 12.60 -29.19
N LEU A 352 1.07 12.69 -28.63
CA LEU A 352 1.22 13.08 -27.25
C LEU A 352 0.71 14.50 -26.99
N THR A 353 1.33 15.46 -27.64
CA THR A 353 0.94 16.87 -27.58
C THR A 353 -0.55 17.08 -27.49
N ALA A 354 -1.31 16.45 -28.37
CA ALA A 354 -2.75 16.69 -28.47
C ALA A 354 -3.52 16.16 -27.24
N HIS A 355 -2.99 15.12 -26.61
CA HIS A 355 -3.50 14.69 -25.32
C HIS A 355 -3.22 15.74 -24.22
N HIS A 356 -2.13 16.48 -24.34
CA HIS A 356 -1.84 17.49 -23.37
C HIS A 356 -2.82 18.61 -23.59
N GLU A 357 -3.02 19.00 -24.83
CA GLU A 357 -3.83 20.18 -25.13
C GLU A 357 -5.27 19.94 -24.76
N MET A 358 -5.78 18.80 -25.19
CA MET A 358 -7.12 18.40 -24.79
C MET A 358 -7.24 18.24 -23.24
N GLY A 359 -6.10 18.26 -22.55
CA GLY A 359 -6.06 18.36 -21.11
C GLY A 359 -6.59 19.68 -20.60
N HIS A 360 -6.03 20.79 -21.06
CA HIS A 360 -6.49 22.10 -20.66
C HIS A 360 -7.94 22.32 -21.07
N ILE A 361 -8.32 21.83 -22.27
CA ILE A 361 -9.67 22.08 -22.79
C ILE A 361 -10.65 21.41 -21.84
N GLN A 362 -10.27 20.20 -21.43
CA GLN A 362 -10.99 19.41 -20.46
C GLN A 362 -11.06 20.20 -19.17
N TYR A 363 -9.93 20.76 -18.72
CA TYR A 363 -9.92 21.63 -17.55
C TYR A 363 -10.85 22.84 -17.73
N ASP A 364 -10.79 23.49 -18.89
CA ASP A 364 -11.58 24.70 -19.18
C ASP A 364 -13.10 24.45 -19.01
N MET A 365 -13.55 23.26 -19.42
CA MET A 365 -14.96 22.92 -19.41
C MET A 365 -15.38 22.76 -17.97
N ALA A 366 -14.51 22.10 -17.21
CA ALA A 366 -14.73 21.77 -15.81
C ALA A 366 -15.19 22.97 -14.97
N TYR A 367 -14.53 24.11 -15.12
CA TYR A 367 -14.76 25.20 -14.21
C TYR A 367 -15.56 26.32 -14.83
N ALA A 368 -16.15 26.06 -16.00
CA ALA A 368 -16.91 27.11 -16.73
C ALA A 368 -18.30 27.41 -16.16
N ALA A 369 -18.70 26.67 -15.15
CA ALA A 369 -19.88 27.04 -14.38
C ALA A 369 -19.54 28.13 -13.39
N GLN A 370 -18.26 28.31 -13.07
CA GLN A 370 -17.84 29.25 -12.03
C GLN A 370 -18.07 30.71 -12.47
N PRO A 371 -18.34 31.62 -11.51
CA PRO A 371 -18.50 33.02 -11.94
C PRO A 371 -17.32 33.43 -12.80
N PHE A 372 -17.61 34.18 -13.87
CA PHE A 372 -16.65 34.59 -14.90
C PHE A 372 -15.21 34.78 -14.44
N LEU A 373 -15.00 35.49 -13.33
CA LEU A 373 -13.64 35.81 -12.85
C LEU A 373 -12.87 34.64 -12.15
N LEU A 374 -13.59 33.56 -11.88
CA LEU A 374 -13.05 32.40 -11.19
C LEU A 374 -12.84 31.21 -12.12
N ARG A 375 -13.15 31.40 -13.40
CA ARG A 375 -12.72 30.46 -14.43
C ARG A 375 -11.25 30.68 -14.73
N ASN A 376 -10.45 29.69 -14.33
CA ASN A 376 -9.01 29.67 -14.54
C ASN A 376 -8.36 28.85 -13.44
N GLY A 377 -7.31 28.11 -13.80
CA GLY A 377 -6.60 27.20 -12.89
C GLY A 377 -6.25 27.75 -11.52
N ALA A 378 -6.32 26.88 -10.52
CA ALA A 378 -6.14 27.26 -9.12
C ALA A 378 -4.86 28.06 -8.77
N ASN A 379 -3.87 28.11 -9.68
CA ASN A 379 -2.70 29.03 -9.58
C ASN A 379 -1.83 29.01 -10.85
N GLU A 380 -0.85 29.90 -10.92
CA GLU A 380 -0.06 30.03 -12.15
C GLU A 380 0.37 28.69 -12.76
N GLY A 381 0.67 27.71 -11.92
CA GLY A 381 1.20 26.43 -12.39
C GLY A 381 0.22 25.27 -12.50
N PHE A 382 -1.02 25.48 -12.09
CA PHE A 382 -2.01 24.41 -12.06
C PHE A 382 -2.43 23.87 -13.40
N HIS A 383 -2.50 24.74 -14.40
CA HIS A 383 -3.06 24.35 -15.68
C HIS A 383 -2.08 23.46 -16.43
N GLU A 384 -0.79 23.74 -16.26
CA GLU A 384 0.24 23.00 -16.93
C GLU A 384 0.44 21.58 -16.39
N ALA A 385 0.32 21.41 -15.09
CA ALA A 385 0.41 20.09 -14.49
C ALA A 385 -0.66 19.18 -15.05
N VAL A 386 -1.92 19.58 -14.91
CA VAL A 386 -3.04 18.86 -15.47
C VAL A 386 -2.85 18.51 -16.92
N GLY A 387 -2.17 19.37 -17.66
CA GLY A 387 -1.97 19.16 -19.09
C GLY A 387 -0.89 18.14 -19.33
N GLU A 388 0.08 18.09 -18.43
CA GLU A 388 1.21 17.19 -18.56
C GLU A 388 0.96 15.79 -17.99
N ILE A 389 0.01 15.68 -17.05
CA ILE A 389 -0.46 14.40 -16.49
C ILE A 389 -0.91 13.45 -17.57
N MET A 390 -1.53 14.01 -18.62
CA MET A 390 -2.03 13.25 -19.76
C MET A 390 -0.91 12.69 -20.61
N SER A 391 0.16 13.45 -20.76
CA SER A 391 1.31 13.03 -21.55
C SER A 391 2.02 11.86 -20.89
N LEU A 392 1.96 11.83 -19.56
CA LEU A 392 2.55 10.76 -18.76
C LEU A 392 1.86 9.41 -18.92
N SER A 393 0.52 9.40 -18.92
CA SER A 393 -0.24 8.16 -19.08
C SER A 393 -0.31 7.70 -20.54
N ALA A 394 -0.35 8.64 -21.48
CA ALA A 394 -0.54 8.26 -22.88
C ALA A 394 0.75 7.78 -23.53
N ALA A 395 1.85 7.90 -22.80
CA ALA A 395 3.20 7.54 -23.26
C ALA A 395 3.60 6.11 -22.92
N THR A 396 3.07 5.58 -21.80
CA THR A 396 3.39 4.24 -21.32
C THR A 396 3.18 3.24 -22.44
N PRO A 397 3.98 2.15 -22.45
CA PRO A 397 3.68 1.15 -23.46
C PRO A 397 2.32 0.48 -23.22
N LYS A 398 1.81 0.57 -21.98
CA LYS A 398 0.53 -0.04 -21.58
C LYS A 398 -0.63 0.49 -22.42
N HIS A 399 -0.68 1.82 -22.57
CA HIS A 399 -1.68 2.52 -23.36
C HIS A 399 -1.47 2.30 -24.84
N LEU A 400 -0.22 2.45 -25.28
CA LEU A 400 0.16 2.25 -26.67
C LEU A 400 -0.25 0.88 -27.21
N LYS A 401 -0.13 -0.16 -26.38
CA LYS A 401 -0.64 -1.50 -26.73
C LYS A 401 -2.15 -1.49 -26.76
N SER A 402 -2.74 -1.02 -25.66
CA SER A 402 -4.19 -0.86 -25.48
C SER A 402 -4.91 -0.29 -26.70
N ILE A 403 -4.21 0.51 -27.50
CA ILE A 403 -4.81 1.22 -28.63
C ILE A 403 -4.38 0.70 -30.01
N GLY A 404 -3.54 -0.33 -30.02
CA GLY A 404 -3.12 -0.99 -31.26
C GLY A 404 -2.15 -0.18 -32.11
N LEU A 405 -1.30 0.59 -31.44
CA LEU A 405 -0.25 1.31 -32.12
C LEU A 405 1.09 0.73 -31.73
N LEU A 406 1.09 -0.05 -30.66
CA LEU A 406 2.24 -0.85 -30.28
C LEU A 406 1.93 -2.30 -30.57
N SER A 407 2.77 -2.93 -31.38
CA SER A 407 2.61 -4.33 -31.72
C SER A 407 2.51 -5.12 -30.41
N PRO A 408 1.39 -5.87 -30.24
CA PRO A 408 1.05 -6.59 -29.01
C PRO A 408 2.20 -7.29 -28.29
N ASP A 409 3.13 -7.87 -29.05
CA ASP A 409 4.17 -8.73 -28.49
C ASP A 409 5.51 -8.02 -28.21
N PHE A 410 5.44 -6.83 -27.59
CA PHE A 410 6.66 -6.10 -27.16
C PHE A 410 6.96 -6.38 -25.68
N GLN A 411 8.22 -6.30 -25.29
CA GLN A 411 8.58 -6.56 -23.90
C GLN A 411 9.00 -5.29 -23.18
N GLU A 412 8.70 -5.22 -21.89
CA GLU A 412 9.15 -4.11 -21.09
C GLU A 412 10.34 -4.56 -20.27
N ASP A 413 11.48 -4.59 -20.93
CA ASP A 413 12.76 -4.93 -20.29
C ASP A 413 13.33 -3.76 -19.49
N ASN A 414 14.13 -4.10 -18.48
CA ASN A 414 14.72 -3.10 -17.57
C ASN A 414 15.58 -2.02 -18.25
N GLU A 415 16.28 -2.37 -19.32
CA GLU A 415 17.21 -1.42 -19.97
C GLU A 415 16.47 -0.29 -20.69
N THR A 416 15.37 -0.63 -21.37
CA THR A 416 14.58 0.36 -22.11
C THR A 416 14.02 1.39 -21.15
N GLU A 417 13.77 0.97 -19.91
CA GLU A 417 13.14 1.83 -18.90
C GLU A 417 14.09 2.82 -18.25
N ILE A 418 15.31 2.38 -17.99
CA ILE A 418 16.39 3.28 -17.57
C ILE A 418 16.51 4.37 -18.64
N ASN A 419 16.79 3.95 -19.86
CA ASN A 419 16.83 4.84 -21.01
C ASN A 419 15.75 5.91 -21.05
N PHE A 420 14.54 5.49 -20.75
CA PHE A 420 13.39 6.38 -20.65
C PHE A 420 13.59 7.48 -19.61
N LEU A 421 13.87 7.05 -18.38
CA LEU A 421 13.92 7.96 -17.26
C LEU A 421 14.97 9.05 -17.44
N LEU A 422 16.14 8.60 -17.88
CA LEU A 422 17.27 9.47 -18.14
C LEU A 422 16.81 10.60 -19.10
N LYS A 423 16.12 10.21 -20.18
CA LYS A 423 15.45 11.14 -21.08
C LYS A 423 14.48 12.02 -20.31
N GLN A 424 13.69 11.43 -19.42
CA GLN A 424 12.80 12.25 -18.62
C GLN A 424 13.57 13.19 -17.68
N ALA A 425 14.54 12.61 -16.97
CA ALA A 425 15.37 13.36 -16.03
C ALA A 425 16.05 14.63 -16.63
N LEU A 426 16.72 14.41 -17.76
CA LEU A 426 17.39 15.46 -18.59
C LEU A 426 16.56 16.74 -18.75
N THR A 427 15.29 16.59 -19.11
CA THR A 427 14.27 17.67 -19.05
C THR A 427 13.67 18.01 -17.63
N ILE A 428 12.92 17.06 -17.04
CA ILE A 428 12.14 17.33 -15.81
C ILE A 428 13.03 17.74 -14.65
N VAL A 429 14.12 17.00 -14.43
CA VAL A 429 15.02 17.26 -13.29
C VAL A 429 16.19 18.19 -13.68
N GLY A 430 16.58 18.22 -14.94
CA GLY A 430 17.62 19.19 -15.34
C GLY A 430 17.23 20.61 -14.95
N THR A 431 15.99 20.98 -15.29
CA THR A 431 15.56 22.36 -15.18
C THR A 431 15.23 22.82 -13.77
N LEU A 432 14.81 21.87 -12.90
CA LEU A 432 14.34 22.19 -11.56
C LEU A 432 15.30 23.12 -10.78
N PRO A 433 16.58 22.71 -10.62
CA PRO A 433 17.62 23.62 -10.03
C PRO A 433 17.91 24.87 -10.88
N PHE A 434 18.13 24.70 -12.19
CA PHE A 434 18.31 25.86 -13.03
C PHE A 434 17.16 26.83 -12.82
N THR A 435 15.95 26.33 -12.67
CA THR A 435 14.80 27.24 -12.51
C THR A 435 14.89 27.95 -11.17
N TYR A 436 15.05 27.18 -10.07
CA TYR A 436 15.00 27.75 -8.71
C TYR A 436 15.99 28.88 -8.56
N MET A 437 17.21 28.65 -9.03
CA MET A 437 18.23 29.67 -8.99
C MET A 437 17.87 30.86 -9.93
N LEU A 438 17.00 30.63 -10.92
CA LEU A 438 16.58 31.74 -11.75
C LEU A 438 15.83 32.69 -10.87
N GLU A 439 14.60 32.34 -10.45
CA GLU A 439 13.83 33.24 -9.56
C GLU A 439 14.53 33.55 -8.24
N LYS A 440 15.53 32.76 -7.83
CA LYS A 440 16.27 33.11 -6.62
C LYS A 440 16.99 34.43 -6.82
N TRP A 441 17.73 34.55 -7.90
CA TRP A 441 18.43 35.79 -8.24
C TRP A 441 17.47 36.93 -8.61
N ARG A 442 16.36 36.58 -9.27
CA ARG A 442 15.40 37.58 -9.68
C ARG A 442 14.80 38.13 -8.40
N TRP A 443 14.29 37.22 -7.57
CA TRP A 443 13.74 37.52 -6.26
C TRP A 443 14.62 38.45 -5.48
N MET A 444 15.91 38.12 -5.43
CA MET A 444 16.88 38.90 -4.68
C MET A 444 17.05 40.30 -5.27
N VAL A 445 17.44 40.39 -6.53
CA VAL A 445 17.54 41.68 -7.20
C VAL A 445 16.38 42.54 -6.77
N PHE A 446 15.18 41.97 -6.79
CA PHE A 446 13.96 42.70 -6.41
C PHE A 446 13.89 43.11 -4.95
N LYS A 447 14.30 42.23 -4.04
CA LYS A 447 14.37 42.59 -2.62
C LYS A 447 15.53 43.56 -2.36
N GLY A 448 16.34 43.80 -3.40
CA GLY A 448 17.43 44.75 -3.33
C GLY A 448 18.70 44.22 -2.68
N GLU A 449 18.83 42.90 -2.60
CA GLU A 449 19.98 42.26 -1.97
C GLU A 449 21.16 42.12 -2.91
N ILE A 450 21.02 42.66 -4.12
CA ILE A 450 22.13 42.62 -5.05
C ILE A 450 22.38 43.99 -5.65
N PRO A 451 23.56 44.57 -5.38
CA PRO A 451 23.97 45.87 -5.88
C PRO A 451 24.22 45.80 -7.35
N LYS A 452 23.69 46.79 -8.08
CA LYS A 452 23.78 46.83 -9.53
C LYS A 452 25.14 46.43 -10.08
N ASP A 453 26.21 46.82 -9.39
CA ASP A 453 27.58 46.52 -9.85
C ASP A 453 28.08 45.09 -9.54
N GLN A 454 27.21 44.24 -9.01
CA GLN A 454 27.49 42.81 -8.80
C GLN A 454 26.38 41.90 -9.32
N TRP A 455 25.86 42.23 -10.49
CA TRP A 455 24.72 41.53 -11.07
C TRP A 455 25.13 40.29 -11.83
N MET A 456 26.43 40.06 -11.90
CA MET A 456 26.93 38.91 -12.62
C MET A 456 27.90 38.20 -11.70
N LYS A 457 28.55 38.97 -10.83
CA LYS A 457 29.38 38.38 -9.80
C LYS A 457 28.48 37.61 -8.82
N LYS A 458 27.17 37.83 -8.91
CA LYS A 458 26.20 37.18 -8.04
C LYS A 458 25.42 36.12 -8.80
N TRP A 459 25.18 36.40 -10.08
CA TRP A 459 24.51 35.48 -10.98
C TRP A 459 25.30 34.18 -10.90
N TRP A 460 26.56 34.24 -11.31
CA TRP A 460 27.41 33.05 -11.43
C TRP A 460 27.88 32.46 -10.09
N GLU A 461 27.95 33.29 -9.06
CA GLU A 461 28.12 32.77 -7.70
C GLU A 461 27.03 31.69 -7.49
N MET A 462 25.80 31.96 -7.95
CA MET A 462 24.70 31.02 -7.71
C MET A 462 24.66 29.90 -8.76
N LYS A 463 24.85 30.29 -10.01
CA LYS A 463 25.03 29.33 -11.10
C LYS A 463 26.07 28.22 -10.83
N ARG A 464 27.01 28.48 -9.92
CA ARG A 464 28.05 27.52 -9.55
C ARG A 464 27.70 26.79 -8.27
N GLU A 465 26.88 27.38 -7.44
CA GLU A 465 26.59 26.73 -6.17
C GLU A 465 25.31 25.95 -6.20
N ILE A 466 24.30 26.47 -6.90
CA ILE A 466 23.02 25.79 -6.93
C ILE A 466 22.95 24.84 -8.10
N VAL A 467 23.33 25.37 -9.27
CA VAL A 467 23.17 24.64 -10.52
C VAL A 467 24.41 23.83 -10.93
N GLY A 468 25.59 24.21 -10.47
CA GLY A 468 26.76 23.43 -10.82
C GLY A 468 27.20 23.74 -12.25
N VAL A 469 27.08 25.01 -12.62
CA VAL A 469 27.41 25.45 -13.95
C VAL A 469 28.37 26.66 -13.89
N VAL A 470 29.23 26.80 -14.91
CA VAL A 470 30.22 27.89 -15.00
C VAL A 470 30.22 28.58 -16.36
N GLU A 471 30.46 29.90 -16.35
CA GLU A 471 30.61 30.69 -17.56
C GLU A 471 31.91 30.34 -18.27
N PRO A 472 31.85 30.11 -19.59
CA PRO A 472 33.07 29.79 -20.33
C PRO A 472 34.00 31.00 -20.59
N VAL A 473 33.44 32.20 -20.50
CA VAL A 473 34.21 33.42 -20.57
C VAL A 473 33.68 34.33 -19.45
N PRO A 474 34.58 35.07 -18.74
CA PRO A 474 34.15 35.87 -17.58
C PRO A 474 33.25 37.03 -17.98
N HIS A 475 32.23 37.30 -17.16
CA HIS A 475 31.21 38.30 -17.50
C HIS A 475 31.10 39.39 -16.44
N ASP A 476 31.42 40.63 -16.82
CA ASP A 476 31.26 41.78 -15.91
C ASP A 476 29.87 42.42 -16.06
N GLU A 477 29.66 43.59 -15.47
CA GLU A 477 28.33 44.21 -15.46
C GLU A 477 27.88 44.77 -16.79
N THR A 478 28.81 44.86 -17.75
CA THR A 478 28.46 45.19 -19.14
C THR A 478 27.35 44.23 -19.69
N TYR A 479 27.53 42.93 -19.47
CA TYR A 479 26.56 41.88 -19.80
C TYR A 479 25.38 41.81 -18.84
N CYS A 480 24.28 41.27 -19.33
CA CYS A 480 23.12 41.03 -18.48
C CYS A 480 22.51 39.70 -18.89
N ASP A 481 23.17 38.63 -18.44
CA ASP A 481 22.79 37.28 -18.85
C ASP A 481 21.39 36.79 -18.41
N PRO A 482 21.00 36.96 -17.13
CA PRO A 482 19.69 36.42 -16.77
C PRO A 482 18.60 36.87 -17.74
N ALA A 483 18.80 38.01 -18.38
CA ALA A 483 17.83 38.55 -19.34
C ALA A 483 17.99 38.13 -20.80
N SER A 484 18.98 37.29 -21.08
CA SER A 484 19.12 36.71 -22.43
C SER A 484 18.09 35.60 -22.68
N LEU A 485 17.37 35.22 -21.61
CA LEU A 485 16.26 34.26 -21.68
C LEU A 485 14.90 35.01 -21.80
N PHE A 486 14.15 34.68 -22.84
CA PHE A 486 12.82 35.21 -23.09
C PHE A 486 12.10 35.57 -21.80
N HIS A 487 11.80 34.56 -20.98
CA HIS A 487 11.04 34.72 -19.76
C HIS A 487 11.47 35.87 -18.91
N VAL A 488 12.76 36.15 -18.93
CA VAL A 488 13.29 37.24 -18.14
C VAL A 488 13.18 38.65 -18.77
N SER A 489 13.65 38.79 -20.01
CA SER A 489 13.59 40.09 -20.69
C SER A 489 12.19 40.44 -21.19
N ASN A 490 11.27 39.48 -21.11
CA ASN A 490 9.86 39.72 -21.49
C ASN A 490 8.91 39.59 -20.33
N ASP A 491 9.37 39.95 -19.12
CA ASP A 491 8.53 40.03 -17.89
C ASP A 491 7.67 38.78 -17.58
N TYR A 492 8.27 37.76 -16.97
CA TYR A 492 7.49 36.59 -16.51
C TYR A 492 7.90 35.89 -15.21
N SER A 493 6.92 35.63 -14.37
CA SER A 493 7.06 34.74 -13.24
C SER A 493 7.67 33.44 -13.80
N PHE A 494 8.75 32.91 -13.20
CA PHE A 494 9.40 31.69 -13.75
C PHE A 494 9.32 30.52 -12.80
N ILE A 495 8.92 30.81 -11.56
CA ILE A 495 8.85 29.78 -10.52
C ILE A 495 7.75 28.80 -10.92
N ARG A 496 6.86 29.28 -11.80
CA ARG A 496 5.72 28.48 -12.23
C ARG A 496 6.20 27.12 -12.68
N TYR A 497 7.31 27.14 -13.41
CA TYR A 497 7.87 25.90 -13.92
C TYR A 497 8.42 24.98 -12.83
N TYR A 498 8.72 25.54 -11.65
CA TYR A 498 9.24 24.70 -10.58
C TYR A 498 8.10 24.04 -9.77
N THR A 499 6.99 24.75 -9.67
CA THR A 499 5.91 24.31 -8.79
C THR A 499 4.95 23.40 -9.54
N ARG A 500 4.65 23.74 -10.80
CA ARG A 500 3.92 22.83 -11.64
C ARG A 500 4.59 21.47 -11.59
N THR A 501 5.91 21.41 -11.83
CA THR A 501 6.62 20.10 -11.95
C THR A 501 6.33 19.17 -10.76
N LEU A 502 6.47 19.72 -9.56
CA LEU A 502 6.10 18.99 -8.34
C LEU A 502 4.61 18.57 -8.33
N TYR A 503 3.75 19.56 -8.57
CA TYR A 503 2.33 19.33 -8.59
C TYR A 503 2.07 18.11 -9.45
N GLN A 504 2.57 18.13 -10.68
CA GLN A 504 2.19 17.15 -11.69
C GLN A 504 2.46 15.75 -11.22
N PHE A 505 3.44 15.57 -10.36
CA PHE A 505 3.69 14.25 -9.88
C PHE A 505 2.82 13.92 -8.68
N GLN A 506 2.57 14.90 -7.82
CA GLN A 506 1.64 14.64 -6.73
C GLN A 506 0.31 14.15 -7.32
N PHE A 507 -0.09 14.73 -8.47
CA PHE A 507 -1.26 14.26 -9.19
C PHE A 507 -1.13 12.80 -9.65
N GLN A 508 -0.27 12.53 -10.65
CA GLN A 508 -0.09 11.17 -11.16
C GLN A 508 -0.08 10.08 -10.10
N GLU A 509 0.53 10.38 -8.95
CA GLU A 509 0.69 9.38 -7.88
C GLU A 509 -0.66 9.08 -7.25
N ALA A 510 -1.24 10.09 -6.58
CA ALA A 510 -2.55 9.92 -5.99
C ALA A 510 -3.58 9.33 -6.97
N LEU A 511 -3.41 9.61 -8.27
CA LEU A 511 -4.34 9.11 -9.29
C LEU A 511 -4.13 7.66 -9.64
N CYS A 512 -2.88 7.22 -9.59
CA CYS A 512 -2.50 5.86 -9.99
C CYS A 512 -2.76 4.94 -8.85
N GLN A 513 -2.61 5.49 -7.64
CA GLN A 513 -3.13 4.92 -6.41
C GLN A 513 -4.63 4.68 -6.62
N ALA A 514 -5.37 5.75 -6.93
CA ALA A 514 -6.82 5.71 -6.99
C ALA A 514 -7.26 4.76 -8.07
N ALA A 515 -6.50 4.73 -9.13
CA ALA A 515 -6.82 3.92 -10.28
C ALA A 515 -6.39 2.49 -10.02
N LYS A 516 -5.78 2.25 -8.85
CA LYS A 516 -5.10 0.98 -8.52
C LYS A 516 -4.02 0.66 -9.55
N HIS A 517 -2.77 0.93 -9.23
CA HIS A 517 -1.71 0.71 -10.18
C HIS A 517 -0.61 -0.20 -9.65
N GLU A 518 -0.24 -1.22 -10.43
CA GLU A 518 0.72 -2.23 -9.97
C GLU A 518 2.20 -1.81 -9.84
N GLY A 519 2.87 -1.64 -10.99
CA GLY A 519 4.34 -1.47 -11.04
C GLY A 519 4.93 -0.21 -10.42
N PRO A 520 6.18 0.15 -10.79
CA PRO A 520 6.71 1.46 -10.42
C PRO A 520 5.77 2.62 -10.83
N LEU A 521 5.71 3.70 -10.04
CA LEU A 521 4.77 4.82 -10.29
C LEU A 521 4.81 5.41 -11.71
N HIS A 522 5.72 4.95 -12.55
CA HIS A 522 5.85 5.51 -13.87
C HIS A 522 5.37 4.63 -14.99
N LYS A 523 5.04 3.38 -14.65
CA LYS A 523 4.50 2.46 -15.63
C LYS A 523 3.01 2.74 -15.77
N CYS A 524 2.53 3.66 -14.91
CA CYS A 524 1.11 4.06 -14.81
C CYS A 524 0.48 4.76 -16.00
N ASP A 525 -0.63 4.17 -16.41
CA ASP A 525 -1.57 4.73 -17.36
C ASP A 525 -2.93 4.65 -16.67
N ILE A 526 -3.58 5.81 -16.53
CA ILE A 526 -4.85 5.96 -15.78
C ILE A 526 -6.12 5.85 -16.65
N SER A 527 -6.04 5.14 -17.79
CA SER A 527 -7.20 5.01 -18.65
C SER A 527 -8.21 4.11 -17.94
N ASN A 528 -9.45 4.13 -18.46
CA ASN A 528 -10.56 3.34 -17.95
C ASN A 528 -10.77 3.49 -16.44
N SER A 529 -10.03 4.43 -15.85
CA SER A 529 -9.91 4.54 -14.39
C SER A 529 -11.13 5.04 -13.66
N THR A 530 -12.07 5.65 -14.38
CA THR A 530 -13.36 6.16 -13.83
C THR A 530 -13.31 6.85 -12.45
N GLU A 531 -13.11 6.06 -11.40
CA GLU A 531 -13.05 6.59 -10.03
C GLU A 531 -11.79 7.43 -9.80
N ALA A 532 -10.77 7.20 -10.63
CA ALA A 532 -9.53 7.95 -10.57
C ALA A 532 -9.62 9.29 -11.32
N GLY A 533 -10.63 9.40 -12.20
CA GLY A 533 -10.96 10.63 -12.92
C GLY A 533 -11.81 11.56 -12.08
N GLN A 534 -12.82 10.99 -11.42
CA GLN A 534 -13.69 11.70 -10.48
C GLN A 534 -12.92 12.61 -9.55
N LYS A 535 -11.84 12.05 -8.99
CA LYS A 535 -10.98 12.74 -8.03
C LYS A 535 -10.27 13.94 -8.66
N LEU A 536 -10.05 13.85 -9.97
CA LEU A 536 -9.43 14.91 -10.72
C LEU A 536 -10.42 16.06 -10.94
N PHE A 537 -11.56 15.69 -11.50
CA PHE A 537 -12.67 16.60 -11.74
C PHE A 537 -12.99 17.41 -10.49
N ASN A 538 -13.25 16.72 -9.37
CA ASN A 538 -13.38 17.33 -8.04
C ASN A 538 -12.55 18.60 -7.81
N MET A 539 -11.35 18.67 -8.39
CA MET A 539 -10.57 19.91 -8.34
C MET A 539 -10.62 20.74 -9.65
N LEU A 540 -10.66 20.04 -10.77
CA LEU A 540 -10.72 20.69 -12.06
C LEU A 540 -11.90 21.61 -12.13
N ARG A 541 -13.00 21.24 -11.46
CA ARG A 541 -14.24 22.01 -11.57
C ARG A 541 -14.28 23.26 -10.69
N LEU A 542 -13.28 23.46 -9.85
CA LEU A 542 -13.26 24.67 -9.04
C LEU A 542 -12.71 25.83 -9.81
N GLY A 543 -11.58 25.64 -10.49
CA GLY A 543 -10.88 26.74 -11.09
C GLY A 543 -10.31 27.57 -9.97
N LYS A 544 -10.33 28.88 -10.12
CA LYS A 544 -9.73 29.78 -9.14
C LYS A 544 -10.63 29.89 -7.90
N SER A 545 -11.69 29.07 -7.88
CA SER A 545 -12.82 29.16 -6.92
C SER A 545 -12.44 29.05 -5.44
N GLU A 546 -11.76 27.97 -5.09
CA GLU A 546 -11.31 27.78 -3.71
C GLU A 546 -9.83 28.08 -3.62
N PRO A 547 -9.35 28.35 -2.39
CA PRO A 547 -7.93 28.43 -2.15
C PRO A 547 -7.26 27.22 -2.79
N TRP A 548 -6.15 27.48 -3.48
CA TRP A 548 -5.41 26.43 -4.20
C TRP A 548 -4.99 25.21 -3.38
N THR A 549 -4.69 25.41 -2.10
CA THR A 549 -4.34 24.32 -1.22
C THR A 549 -5.50 23.33 -1.04
N LEU A 550 -6.73 23.84 -0.95
CA LEU A 550 -7.89 22.95 -0.99
C LEU A 550 -8.00 22.32 -2.36
N ALA A 551 -7.87 23.14 -3.41
CA ALA A 551 -7.89 22.66 -4.79
C ALA A 551 -7.02 21.42 -4.94
N LEU A 552 -5.85 21.45 -4.31
CA LEU A 552 -4.95 20.31 -4.30
C LEU A 552 -5.46 19.14 -3.45
N GLU A 553 -5.76 19.38 -2.16
CA GLU A 553 -6.25 18.34 -1.26
C GLU A 553 -7.11 17.34 -2.00
N ASN A 554 -8.16 17.87 -2.63
CA ASN A 554 -9.11 17.10 -3.43
C ASN A 554 -8.51 16.04 -4.33
N VAL A 555 -7.26 16.22 -4.71
CA VAL A 555 -6.58 15.23 -5.52
C VAL A 555 -5.60 14.43 -4.67
N VAL A 556 -4.53 15.08 -4.23
CA VAL A 556 -3.43 14.37 -3.58
C VAL A 556 -3.83 13.82 -2.20
N GLY A 557 -4.24 14.70 -1.29
CA GLY A 557 -4.59 14.31 0.06
C GLY A 557 -4.09 15.25 1.15
N ALA A 558 -3.28 16.23 0.78
CA ALA A 558 -2.84 17.23 1.75
C ALA A 558 -2.68 18.62 1.15
N LYS A 559 -2.41 19.57 2.03
CA LYS A 559 -2.56 20.99 1.73
C LYS A 559 -1.31 21.62 1.16
N ASN A 560 -0.26 20.80 0.92
CA ASN A 560 1.02 21.34 0.46
C ASN A 560 1.76 20.63 -0.67
N MET A 561 2.63 21.43 -1.30
CA MET A 561 3.46 21.05 -2.43
C MET A 561 4.50 20.03 -1.99
N ASN A 562 4.22 18.75 -2.15
CA ASN A 562 5.12 17.72 -1.65
C ASN A 562 6.05 17.12 -2.71
N VAL A 563 7.31 16.89 -2.35
CA VAL A 563 8.35 16.59 -3.35
C VAL A 563 8.55 15.10 -3.63
N ARG A 564 8.26 14.27 -2.62
CA ARG A 564 8.49 12.84 -2.70
C ARG A 564 7.84 12.14 -3.91
N PRO A 565 6.60 12.50 -4.28
CA PRO A 565 6.04 11.84 -5.49
C PRO A 565 6.89 12.01 -6.75
N LEU A 566 7.58 13.15 -6.91
CA LEU A 566 8.55 13.31 -8.00
C LEU A 566 9.72 12.34 -7.84
N LEU A 567 10.24 12.24 -6.60
CA LEU A 567 11.34 11.32 -6.31
C LEU A 567 10.96 9.85 -6.52
N ASN A 568 9.69 9.53 -6.28
CA ASN A 568 9.27 8.15 -6.42
C ASN A 568 9.36 7.78 -7.87
N TYR A 569 8.77 8.62 -8.71
CA TYR A 569 8.83 8.46 -10.15
C TYR A 569 10.25 8.08 -10.60
N PHE A 570 11.26 8.76 -10.05
CA PHE A 570 12.66 8.45 -10.36
C PHE A 570 13.43 7.48 -9.41
N GLU A 571 12.78 6.62 -8.62
CA GLU A 571 13.57 5.61 -7.85
C GLU A 571 14.42 4.69 -8.72
N PRO A 572 13.79 4.03 -9.70
CA PRO A 572 14.57 3.15 -10.59
C PRO A 572 15.79 3.87 -11.24
N LEU A 573 15.68 5.16 -11.49
CA LEU A 573 16.85 5.83 -11.96
C LEU A 573 17.79 6.06 -10.80
N PHE A 574 17.36 6.91 -9.86
CA PHE A 574 18.18 7.44 -8.78
C PHE A 574 19.21 6.47 -8.25
N THR A 575 18.80 5.20 -8.18
CA THR A 575 19.63 4.14 -7.62
C THR A 575 20.68 3.72 -8.61
N TRP A 576 20.26 3.35 -9.82
CA TRP A 576 21.17 3.04 -10.92
C TRP A 576 22.27 4.10 -11.14
N LEU A 577 21.98 5.34 -10.80
CA LEU A 577 22.98 6.39 -10.83
C LEU A 577 23.94 6.41 -9.67
N LYS A 578 23.45 6.06 -8.48
CA LYS A 578 24.32 6.07 -7.31
C LYS A 578 25.37 5.03 -7.58
N ASP A 579 24.91 3.96 -8.22
CA ASP A 579 25.74 2.90 -8.75
C ASP A 579 26.72 3.45 -9.80
N GLN A 580 26.23 3.92 -10.95
CA GLN A 580 27.08 4.49 -11.99
C GLN A 580 28.16 5.42 -11.46
N ASN A 581 27.80 6.24 -10.49
CA ASN A 581 28.73 7.20 -9.90
C ASN A 581 29.76 6.57 -8.95
N LYS A 582 29.63 5.25 -8.75
CA LYS A 582 30.63 4.40 -8.06
C LYS A 582 32.00 5.06 -8.00
N ASN A 583 32.51 5.39 -9.17
CA ASN A 583 33.88 5.80 -9.35
C ASN A 583 34.02 7.21 -9.91
N SER A 584 32.98 7.68 -10.61
CA SER A 584 32.76 9.12 -10.79
C SER A 584 32.75 9.88 -9.44
N PHE A 585 33.06 11.16 -9.49
CA PHE A 585 32.92 12.01 -8.33
C PHE A 585 31.56 12.74 -8.33
N VAL A 586 30.91 12.77 -7.16
CA VAL A 586 29.57 13.36 -7.03
C VAL A 586 29.62 14.77 -6.41
N GLY A 587 28.99 15.76 -7.04
CA GLY A 587 29.02 17.13 -6.51
C GLY A 587 30.07 17.89 -7.27
N TRP A 588 30.30 19.16 -6.95
CA TRP A 588 31.28 19.98 -7.68
C TRP A 588 32.00 21.05 -6.82
N SER A 589 33.15 21.50 -7.30
CA SER A 589 33.79 22.72 -6.78
C SER A 589 33.39 23.98 -7.58
N THR A 590 32.84 24.94 -6.84
CA THR A 590 32.51 26.25 -7.35
C THR A 590 33.75 27.02 -7.88
N ASP A 591 34.93 26.67 -7.40
CA ASP A 591 36.14 27.43 -7.71
C ASP A 591 36.67 27.26 -9.13
N TRP A 592 36.52 26.07 -9.71
CA TRP A 592 37.11 25.74 -11.01
C TRP A 592 36.47 26.52 -12.16
N SER A 593 37.24 26.81 -13.20
CA SER A 593 36.67 27.49 -14.38
C SER A 593 37.24 27.01 -15.71
N PRO A 594 36.41 27.08 -16.77
CA PRO A 594 36.84 26.78 -18.15
C PRO A 594 37.94 27.71 -18.65
N TYR A 595 37.65 29.01 -18.80
CA TYR A 595 38.69 30.00 -19.09
C TYR A 595 39.78 29.85 -18.04
N ALA A 596 39.36 29.55 -16.80
CA ALA A 596 40.21 29.40 -15.59
C ALA A 596 41.02 30.64 -15.21
N ASP A 597 41.37 31.43 -16.23
CA ASP A 597 42.19 32.65 -16.10
C ASP A 597 41.42 33.78 -15.42
N SER B 1 33.35 -29.14 46.24
CA SER B 1 33.05 -27.84 45.55
C SER B 1 31.62 -27.38 45.82
N THR B 2 31.28 -26.17 45.35
CA THR B 2 29.97 -25.56 45.59
C THR B 2 28.81 -26.45 45.18
N THR B 3 27.67 -26.31 45.86
CA THR B 3 26.44 -27.06 45.53
C THR B 3 26.03 -26.82 44.08
N GLU B 4 26.40 -25.65 43.56
CA GLU B 4 26.26 -25.33 42.14
C GLU B 4 27.05 -26.33 41.30
N GLU B 5 28.33 -26.49 41.61
CA GLU B 5 29.21 -27.39 40.86
C GLU B 5 28.68 -28.82 40.78
N LEU B 6 28.12 -29.32 41.90
CA LEU B 6 27.56 -30.67 41.96
C LEU B 6 26.39 -30.81 41.00
N ALA B 7 25.57 -29.76 40.97
CA ALA B 7 24.36 -29.71 40.13
C ALA B 7 24.68 -29.58 38.64
N LYS B 8 25.66 -28.74 38.28
CA LYS B 8 26.22 -28.67 36.93
C LYS B 8 26.45 -30.11 36.40
N THR B 9 27.23 -30.86 37.16
CA THR B 9 27.59 -32.22 36.82
C THR B 9 26.36 -33.13 36.74
N PHE B 10 25.44 -33.01 37.70
CA PHE B 10 24.21 -33.81 37.66
C PHE B 10 23.37 -33.52 36.42
N LEU B 11 23.20 -32.22 36.13
CA LEU B 11 22.40 -31.76 34.99
C LEU B 11 22.98 -32.18 33.65
N GLU B 12 24.29 -32.08 33.52
CA GLU B 12 24.94 -32.54 32.31
C GLU B 12 24.79 -34.05 32.17
N THR B 13 24.82 -34.77 33.29
CA THR B 13 24.57 -36.21 33.28
C THR B 13 23.14 -36.47 32.84
N PHE B 14 22.24 -35.62 33.33
CA PHE B 14 20.81 -35.70 33.06
C PHE B 14 20.44 -35.39 31.60
N ASN B 15 20.87 -34.24 31.10
CA ASN B 15 20.68 -33.84 29.70
C ASN B 15 21.17 -34.89 28.71
N TYR B 16 22.29 -35.55 29.02
CA TYR B 16 22.90 -36.54 28.13
C TYR B 16 22.11 -37.85 28.12
N GLU B 17 21.40 -38.13 29.21
CA GLU B 17 20.52 -39.30 29.29
C GLU B 17 19.14 -39.04 28.70
N ALA B 18 18.48 -37.99 29.20
CA ALA B 18 17.13 -37.65 28.78
C ALA B 18 16.98 -37.81 27.27
N GLN B 19 17.87 -37.15 26.53
CA GLN B 19 17.84 -37.15 25.07
C GLN B 19 17.52 -38.52 24.49
N GLU B 20 18.20 -39.54 25.02
CA GLU B 20 18.05 -40.93 24.56
C GLU B 20 16.72 -41.57 24.95
N LEU B 21 16.24 -41.32 26.18
CA LEU B 21 14.95 -41.87 26.63
C LEU B 21 13.74 -41.19 26.00
N SER B 22 13.84 -39.86 25.87
CA SER B 22 12.80 -39.00 25.31
C SER B 22 12.63 -39.25 23.81
N TYR B 23 13.75 -39.30 23.09
CA TYR B 23 13.76 -39.68 21.68
C TYR B 23 13.01 -40.99 21.45
N GLN B 24 13.13 -41.94 22.38
CA GLN B 24 12.44 -43.23 22.25
C GLN B 24 10.95 -43.19 22.62
N SER B 25 10.60 -42.43 23.66
CA SER B 25 9.19 -42.17 23.95
C SER B 25 8.55 -41.59 22.71
N SER B 26 9.24 -40.61 22.12
CA SER B 26 8.76 -39.91 20.94
C SER B 26 8.63 -40.85 19.75
N VAL B 27 9.74 -41.39 19.28
CA VAL B 27 9.72 -42.28 18.13
C VAL B 27 8.67 -43.41 18.31
N ALA B 28 8.42 -43.79 19.56
CA ALA B 28 7.37 -44.75 19.87
C ALA B 28 5.98 -44.18 19.57
N SER B 29 5.72 -42.99 20.09
CA SER B 29 4.44 -42.30 19.88
C SER B 29 4.15 -42.05 18.41
N TRP B 30 5.19 -41.66 17.67
CA TRP B 30 5.07 -41.48 16.23
C TRP B 30 4.67 -42.77 15.55
N ASN B 31 5.53 -43.80 15.67
CA ASN B 31 5.33 -45.09 15.05
C ASN B 31 3.94 -45.68 15.33
N TYR B 32 3.33 -45.24 16.43
CA TYR B 32 1.96 -45.60 16.76
C TYR B 32 0.94 -44.71 16.09
N ASN B 33 1.04 -43.40 16.34
CA ASN B 33 0.04 -42.43 15.90
C ASN B 33 -0.06 -42.36 14.39
N THR B 34 0.85 -43.06 13.73
CA THR B 34 0.88 -43.13 12.28
C THR B 34 0.71 -44.56 11.79
N ASN B 35 0.40 -45.47 12.71
CA ASN B 35 0.43 -46.92 12.47
C ASN B 35 -0.23 -47.61 13.67
N ILE B 36 -1.55 -47.65 13.72
CA ILE B 36 -2.26 -48.23 14.88
C ILE B 36 -2.26 -49.77 14.85
N THR B 37 -1.11 -50.38 15.12
CA THR B 37 -1.01 -51.82 15.38
C THR B 37 -1.04 -52.03 16.89
N GLU B 38 -1.24 -53.27 17.34
CA GLU B 38 -1.20 -53.60 18.76
C GLU B 38 0.24 -53.73 19.26
N GLU B 39 1.17 -54.01 18.35
CA GLU B 39 2.59 -53.99 18.69
C GLU B 39 3.08 -52.57 18.98
N ASN B 40 2.73 -51.62 18.11
CA ASN B 40 3.17 -50.22 18.22
C ASN B 40 2.65 -49.49 19.46
N VAL B 41 1.48 -49.92 19.93
CA VAL B 41 0.82 -49.33 21.09
C VAL B 41 1.40 -49.87 22.41
N GLN B 42 2.26 -50.87 22.32
CA GLN B 42 2.90 -51.43 23.51
C GLN B 42 4.16 -50.65 23.86
N ASN B 43 5.11 -50.64 22.92
CA ASN B 43 6.38 -49.92 23.08
C ASN B 43 6.21 -48.43 23.32
N MET B 44 5.08 -47.88 22.87
CA MET B 44 4.74 -46.50 23.20
C MET B 44 4.53 -46.34 24.70
N ASN B 45 3.91 -47.35 25.33
CA ASN B 45 3.69 -47.36 26.77
C ASN B 45 4.98 -47.50 27.55
N ASN B 46 5.70 -48.58 27.25
CA ASN B 46 6.93 -48.95 27.96
C ASN B 46 8.05 -47.91 27.84
N ALA B 47 8.31 -47.45 26.61
CA ALA B 47 9.29 -46.38 26.38
C ALA B 47 8.82 -45.13 27.13
N GLY B 48 7.51 -44.86 27.06
CA GLY B 48 6.86 -43.84 27.86
C GLY B 48 6.92 -44.13 29.35
N ASP B 49 6.93 -45.41 29.72
CA ASP B 49 7.12 -45.82 31.13
C ASP B 49 8.57 -45.63 31.56
N LYS B 50 9.49 -46.15 30.75
CA LYS B 50 10.92 -46.00 30.99
C LYS B 50 11.26 -44.53 31.18
N TRP B 51 10.69 -43.69 30.32
CA TRP B 51 10.89 -42.24 30.36
C TRP B 51 10.18 -41.55 31.54
N SER B 52 8.98 -42.02 31.89
CA SER B 52 8.31 -41.45 33.06
C SER B 52 8.88 -41.96 34.40
N ALA B 53 9.29 -43.24 34.43
CA ALA B 53 9.96 -43.81 35.61
C ALA B 53 11.32 -43.13 35.85
N PHE B 54 11.94 -42.66 34.77
CA PHE B 54 13.20 -41.92 34.82
C PHE B 54 12.97 -40.49 35.33
N LEU B 55 11.77 -39.95 35.11
CA LEU B 55 11.42 -38.61 35.57
C LEU B 55 11.30 -38.55 37.09
N LYS B 56 10.53 -39.48 37.66
CA LYS B 56 10.36 -39.59 39.11
C LYS B 56 11.70 -39.81 39.78
N GLU B 57 12.53 -40.64 39.14
CA GLU B 57 13.85 -41.00 39.62
C GLU B 57 14.80 -39.80 39.62
N GLN B 58 14.64 -38.91 38.66
CA GLN B 58 15.53 -37.76 38.52
C GLN B 58 15.04 -36.53 39.30
N SER B 59 13.75 -36.51 39.62
CA SER B 59 13.15 -35.41 40.36
C SER B 59 13.49 -35.48 41.86
N THR B 60 13.06 -36.56 42.52
CA THR B 60 13.34 -36.77 43.94
C THR B 60 14.85 -36.81 44.21
N LEU B 61 15.62 -37.16 43.17
CA LEU B 61 17.07 -37.10 43.23
C LEU B 61 17.57 -35.67 43.10
N ALA B 62 16.93 -34.87 42.25
CA ALA B 62 17.28 -33.46 42.12
C ALA B 62 17.02 -32.67 43.42
N GLN B 63 16.35 -33.31 44.38
CA GLN B 63 16.06 -32.73 45.69
C GLN B 63 17.29 -32.45 46.57
N THR B 64 18.25 -33.37 46.58
CA THR B 64 19.47 -33.27 47.40
C THR B 64 20.27 -31.98 47.08
N TYR B 65 19.69 -31.13 46.23
CA TYR B 65 20.20 -29.79 45.98
C TYR B 65 19.21 -28.74 46.45
N PRO B 66 19.59 -27.93 47.47
CA PRO B 66 18.72 -26.84 47.93
C PRO B 66 18.87 -25.60 47.05
N LEU B 67 18.12 -25.60 45.94
CA LEU B 67 18.22 -24.59 44.86
C LEU B 67 18.56 -23.17 45.29
N GLN B 68 18.10 -22.80 46.50
CA GLN B 68 18.39 -21.51 47.11
C GLN B 68 19.88 -21.18 47.11
N GLU B 69 20.69 -22.24 47.02
CA GLU B 69 22.14 -22.15 47.22
C GLU B 69 22.90 -22.07 45.89
N ILE B 70 22.28 -21.44 44.89
CA ILE B 70 22.82 -21.41 43.52
C ILE B 70 22.44 -20.11 42.77
N GLN B 71 23.35 -19.59 41.96
CA GLN B 71 23.05 -18.46 41.05
C GLN B 71 23.85 -18.41 39.71
N ASN B 72 23.31 -19.07 38.69
CA ASN B 72 23.69 -18.89 37.28
C ASN B 72 22.39 -19.02 36.49
N LEU B 73 21.44 -18.14 36.84
CA LEU B 73 20.06 -18.11 36.34
C LEU B 73 19.53 -19.43 35.74
N THR B 74 20.08 -19.81 34.58
CA THR B 74 19.72 -21.04 33.87
C THR B 74 19.75 -22.26 34.78
N VAL B 75 20.91 -22.46 35.43
CA VAL B 75 21.11 -23.62 36.28
C VAL B 75 19.95 -23.75 37.27
N LYS B 76 19.56 -22.63 37.86
CA LYS B 76 18.48 -22.56 38.83
C LYS B 76 17.14 -22.83 38.17
N LEU B 77 16.92 -22.23 37.00
CA LEU B 77 15.69 -22.42 36.23
C LEU B 77 15.58 -23.87 35.71
N GLN B 78 16.72 -24.43 35.30
CA GLN B 78 16.81 -25.83 34.85
C GLN B 78 16.54 -26.79 35.99
N LEU B 79 17.22 -26.54 37.11
CA LEU B 79 17.07 -27.38 38.30
C LEU B 79 15.66 -27.29 38.86
N GLN B 80 15.19 -26.05 39.07
CA GLN B 80 13.82 -25.78 39.53
C GLN B 80 12.81 -26.58 38.71
N ALA B 81 12.99 -26.56 37.39
CA ALA B 81 12.15 -27.30 36.45
C ALA B 81 12.22 -28.81 36.66
N LEU B 82 13.42 -29.33 36.91
CA LEU B 82 13.63 -30.76 37.12
C LEU B 82 13.01 -31.26 38.43
N GLN B 83 12.97 -30.38 39.44
CA GLN B 83 12.26 -30.65 40.68
C GLN B 83 10.75 -30.55 40.43
N GLN B 84 10.31 -31.27 39.39
CA GLN B 84 8.90 -31.47 39.12
C GLN B 84 8.42 -32.59 40.03
N ASN B 85 7.12 -32.70 40.23
CA ASN B 85 6.58 -33.77 41.04
C ASN B 85 5.56 -34.59 40.26
N GLY B 86 4.49 -33.92 39.82
CA GLY B 86 3.45 -34.56 39.00
C GLY B 86 2.60 -35.57 39.75
N SER B 87 2.13 -36.59 39.03
CA SER B 87 1.17 -37.57 39.57
C SER B 87 1.81 -38.82 40.18
N SER B 88 3.02 -38.67 40.71
CA SER B 88 3.68 -39.73 41.47
C SER B 88 3.18 -39.71 42.92
N VAL B 89 2.74 -38.52 43.33
CA VAL B 89 2.31 -38.23 44.71
C VAL B 89 1.02 -38.98 45.12
N LEU B 90 0.40 -39.67 44.17
CA LEU B 90 -0.76 -40.51 44.46
C LEU B 90 -0.29 -41.88 44.97
N SER B 91 -1.18 -42.56 45.70
CA SER B 91 -0.92 -43.95 46.12
C SER B 91 -0.95 -44.85 44.88
N GLU B 92 0.10 -45.67 44.73
CA GLU B 92 0.29 -46.59 43.61
C GLU B 92 -1.00 -47.05 42.91
N ASP B 93 -2.06 -47.26 43.70
CA ASP B 93 -3.39 -47.66 43.18
C ASP B 93 -4.10 -46.55 42.40
N LYS B 94 -4.25 -45.39 43.04
CA LYS B 94 -4.89 -44.24 42.41
C LYS B 94 -4.14 -43.85 41.13
N SER B 95 -2.82 -43.99 41.14
CA SER B 95 -1.99 -43.73 39.95
C SER B 95 -2.27 -44.67 38.79
N LYS B 96 -2.70 -45.88 39.11
CA LYS B 96 -3.02 -46.88 38.11
C LYS B 96 -4.46 -46.65 37.63
N ARG B 97 -5.36 -46.54 38.60
CA ARG B 97 -6.78 -46.29 38.34
C ARG B 97 -6.98 -45.03 37.48
N LEU B 98 -6.17 -44.00 37.74
CA LEU B 98 -6.26 -42.73 37.01
C LEU B 98 -5.90 -42.91 35.54
N ASN B 99 -4.75 -43.51 35.27
CA ASN B 99 -4.33 -43.82 33.90
C ASN B 99 -5.23 -44.80 33.14
N THR B 100 -6.25 -45.33 33.83
CA THR B 100 -7.28 -46.15 33.24
C THR B 100 -8.45 -45.23 32.85
N ILE B 101 -8.91 -44.45 33.82
CA ILE B 101 -9.87 -43.37 33.60
C ILE B 101 -9.50 -42.59 32.33
N LEU B 102 -8.32 -41.96 32.34
CA LEU B 102 -7.82 -41.18 31.21
C LEU B 102 -7.81 -41.96 29.90
N ASN B 103 -7.24 -43.15 29.93
CA ASN B 103 -7.11 -43.96 28.72
C ASN B 103 -8.48 -44.35 28.14
N THR B 104 -9.47 -44.48 29.02
CA THR B 104 -10.82 -44.92 28.61
C THR B 104 -11.59 -43.85 27.79
N MET B 105 -11.66 -42.63 28.31
CA MET B 105 -12.28 -41.51 27.62
C MET B 105 -11.59 -41.32 26.28
N SER B 106 -10.26 -41.25 26.33
CA SER B 106 -9.43 -41.13 25.15
C SER B 106 -9.84 -42.10 24.03
N THR B 107 -10.31 -43.28 24.45
CA THR B 107 -10.67 -44.39 23.54
C THR B 107 -12.18 -44.44 23.20
N ILE B 108 -13.05 -44.07 24.14
CA ILE B 108 -14.47 -43.90 23.80
C ILE B 108 -14.57 -42.83 22.71
N TYR B 109 -13.89 -41.70 22.90
CA TYR B 109 -13.85 -40.58 21.95
C TYR B 109 -13.49 -40.96 20.52
N SER B 110 -12.54 -41.88 20.34
CA SER B 110 -12.11 -42.30 19.00
C SER B 110 -12.80 -43.57 18.44
N THR B 111 -13.52 -44.29 19.30
CA THR B 111 -14.22 -45.54 18.91
C THR B 111 -15.71 -45.36 18.69
N GLY B 112 -16.34 -44.55 19.57
CA GLY B 112 -17.76 -44.24 19.48
C GLY B 112 -18.22 -43.87 18.09
N LYS B 113 -19.31 -44.49 17.69
CA LYS B 113 -19.88 -44.28 16.38
C LYS B 113 -21.40 -44.23 16.55
N VAL B 114 -22.03 -43.15 16.13
CA VAL B 114 -23.49 -43.07 16.22
C VAL B 114 -24.08 -43.81 15.03
N CYS B 115 -25.13 -44.58 15.28
CA CYS B 115 -25.78 -45.32 14.21
C CYS B 115 -27.17 -44.82 13.95
N ASN B 116 -27.45 -44.62 12.66
CA ASN B 116 -28.76 -44.19 12.19
C ASN B 116 -29.86 -45.06 12.80
N PRO B 117 -30.84 -44.42 13.47
CA PRO B 117 -32.08 -45.12 13.82
C PRO B 117 -32.72 -45.75 12.57
N ASP B 118 -32.64 -45.03 11.45
CA ASP B 118 -33.13 -45.49 10.15
C ASP B 118 -32.19 -46.48 9.44
N ASN B 119 -31.12 -46.92 10.11
CA ASN B 119 -30.15 -47.86 9.52
C ASN B 119 -29.08 -48.44 10.49
N PRO B 120 -29.49 -49.33 11.43
CA PRO B 120 -28.52 -49.92 12.37
C PRO B 120 -27.35 -50.75 11.77
N GLN B 121 -27.25 -50.83 10.44
CA GLN B 121 -26.08 -51.46 9.78
C GLN B 121 -25.02 -50.43 9.31
N GLU B 122 -25.48 -49.30 8.79
CA GLU B 122 -24.62 -48.20 8.34
C GLU B 122 -24.37 -47.22 9.48
N CYS B 123 -23.10 -46.92 9.74
CA CYS B 123 -22.75 -46.07 10.89
C CYS B 123 -21.64 -45.07 10.61
N LEU B 124 -21.53 -44.08 11.49
CA LEU B 124 -20.64 -42.94 11.27
C LEU B 124 -19.90 -42.49 12.50
N LEU B 125 -18.64 -42.12 12.30
CA LEU B 125 -17.68 -41.71 13.32
C LEU B 125 -17.38 -40.20 13.23
N LEU B 126 -16.96 -39.57 14.31
CA LEU B 126 -16.69 -38.13 14.28
C LEU B 126 -16.06 -37.72 12.96
N GLU B 127 -14.86 -38.21 12.68
CA GLU B 127 -14.16 -37.88 11.44
C GLU B 127 -13.90 -39.17 10.65
N PRO B 128 -14.20 -39.17 9.31
CA PRO B 128 -14.73 -38.08 8.51
C PRO B 128 -16.26 -38.04 8.46
N GLY B 129 -16.92 -38.81 9.33
CA GLY B 129 -18.37 -38.95 9.29
C GLY B 129 -19.15 -37.72 9.72
N LEU B 130 -19.37 -37.60 11.02
CA LEU B 130 -20.16 -36.51 11.59
C LEU B 130 -19.57 -35.15 11.20
N ASN B 131 -18.32 -34.89 11.57
CA ASN B 131 -17.69 -33.63 11.23
C ASN B 131 -18.07 -33.12 9.86
N GLU B 132 -18.26 -34.03 8.91
CA GLU B 132 -18.61 -33.69 7.54
C GLU B 132 -20.05 -33.15 7.43
N ILE B 133 -20.99 -33.84 8.07
CA ILE B 133 -22.39 -33.42 8.17
C ILE B 133 -22.51 -32.08 8.89
N MET B 134 -21.87 -31.98 10.06
CA MET B 134 -21.92 -30.80 10.88
C MET B 134 -21.34 -29.57 10.18
N ALA B 135 -20.42 -29.81 9.25
CA ALA B 135 -19.73 -28.72 8.52
C ALA B 135 -20.32 -28.36 7.16
N ASN B 136 -21.25 -29.16 6.65
CA ASN B 136 -21.77 -28.93 5.29
C ASN B 136 -23.29 -29.01 5.09
N SER B 137 -23.97 -29.77 5.93
CA SER B 137 -25.39 -30.05 5.76
C SER B 137 -26.22 -28.81 6.07
N LEU B 138 -27.31 -28.63 5.33
CA LEU B 138 -28.22 -27.50 5.55
C LEU B 138 -29.56 -27.97 6.09
N ASP B 139 -29.71 -29.28 6.27
CA ASP B 139 -30.95 -29.87 6.77
C ASP B 139 -30.93 -29.68 8.30
N TYR B 140 -31.91 -28.94 8.82
CA TYR B 140 -31.98 -28.65 10.26
C TYR B 140 -31.97 -29.91 11.11
N ASN B 141 -32.68 -30.94 10.68
CA ASN B 141 -32.76 -32.19 11.43
C ASN B 141 -31.52 -33.04 11.31
N GLU B 142 -30.94 -33.09 10.12
CA GLU B 142 -29.71 -33.85 9.89
C GLU B 142 -28.68 -33.49 10.95
N ARG B 143 -28.37 -32.20 11.03
CA ARG B 143 -27.37 -31.70 11.96
C ARG B 143 -27.86 -31.89 13.39
N LEU B 144 -29.17 -31.69 13.58
CA LEU B 144 -29.79 -31.84 14.90
C LEU B 144 -29.43 -33.19 15.46
N TRP B 145 -29.65 -34.20 14.64
CA TRP B 145 -29.34 -35.60 14.94
C TRP B 145 -27.86 -35.75 15.25
N ALA B 146 -27.02 -35.52 14.23
CA ALA B 146 -25.58 -35.54 14.41
C ALA B 146 -25.21 -34.93 15.75
N TRP B 147 -25.63 -33.69 15.99
CA TRP B 147 -25.35 -33.02 17.28
C TRP B 147 -25.79 -33.86 18.50
N GLU B 148 -27.07 -34.23 18.55
CA GLU B 148 -27.62 -34.89 19.74
C GLU B 148 -27.06 -36.28 19.96
N SER B 149 -27.07 -37.09 18.90
CA SER B 149 -26.56 -38.46 18.94
C SER B 149 -25.26 -38.53 19.76
N TRP B 150 -24.21 -37.94 19.18
CA TRP B 150 -22.89 -37.77 19.78
C TRP B 150 -22.95 -37.46 21.28
N ARG B 151 -23.66 -36.41 21.66
CA ARG B 151 -23.64 -35.96 23.06
C ARG B 151 -24.44 -36.86 23.98
N SER B 152 -25.20 -37.76 23.35
CA SER B 152 -26.05 -38.72 24.03
C SER B 152 -25.39 -40.09 24.10
N GLU B 153 -24.75 -40.50 23.00
CA GLU B 153 -24.00 -41.77 22.95
C GLU B 153 -22.72 -41.61 23.75
N VAL B 154 -21.65 -41.16 23.09
CA VAL B 154 -20.36 -40.98 23.77
C VAL B 154 -20.50 -40.07 25.00
N GLY B 155 -21.45 -39.15 24.95
CA GLY B 155 -21.65 -38.19 26.04
C GLY B 155 -21.99 -38.87 27.34
N LYS B 156 -23.20 -39.43 27.40
CA LYS B 156 -23.71 -40.10 28.59
C LYS B 156 -22.71 -41.11 29.10
N GLN B 157 -21.93 -41.65 28.16
CA GLN B 157 -20.94 -42.68 28.42
C GLN B 157 -19.67 -42.15 29.12
N LEU B 158 -19.31 -40.90 28.84
CA LEU B 158 -18.11 -40.28 29.41
C LEU B 158 -18.33 -39.68 30.79
N ARG B 159 -19.60 -39.61 31.18
CA ARG B 159 -20.03 -38.96 32.44
C ARG B 159 -19.48 -39.60 33.73
N PRO B 160 -19.58 -40.94 33.87
CA PRO B 160 -19.08 -41.45 35.14
C PRO B 160 -17.56 -41.21 35.25
N LEU B 161 -16.87 -41.38 34.12
CA LEU B 161 -15.42 -41.28 34.03
C LEU B 161 -14.87 -39.88 34.36
N TYR B 162 -15.48 -38.84 33.82
CA TYR B 162 -15.07 -37.47 34.12
C TYR B 162 -15.27 -37.14 35.60
N GLU B 163 -16.37 -37.63 36.18
CA GLU B 163 -16.72 -37.37 37.57
C GLU B 163 -15.60 -37.76 38.53
N GLU B 164 -15.09 -38.99 38.38
CA GLU B 164 -13.97 -39.46 39.17
C GLU B 164 -12.68 -38.78 38.70
N TYR B 165 -12.54 -38.61 37.39
CA TYR B 165 -11.38 -37.94 36.78
C TYR B 165 -11.11 -36.64 37.51
N VAL B 166 -12.17 -35.89 37.77
CA VAL B 166 -12.10 -34.69 38.57
C VAL B 166 -11.48 -35.04 39.92
N VAL B 167 -12.13 -35.95 40.64
CA VAL B 167 -11.75 -36.26 42.02
C VAL B 167 -10.25 -36.55 42.14
N LEU B 168 -9.79 -37.50 41.33
CA LEU B 168 -8.41 -37.99 41.43
C LEU B 168 -7.40 -36.92 41.07
N LYS B 169 -7.74 -36.10 40.07
CA LYS B 169 -6.82 -35.06 39.60
C LYS B 169 -6.81 -33.87 40.56
N ASN B 170 -7.97 -33.62 41.19
CA ASN B 170 -8.05 -32.66 42.29
C ASN B 170 -7.15 -33.07 43.45
N GLU B 171 -7.18 -34.36 43.77
CA GLU B 171 -6.30 -34.94 44.77
C GLU B 171 -4.82 -34.78 44.37
N MET B 172 -4.53 -34.99 43.08
CA MET B 172 -3.18 -34.82 42.53
C MET B 172 -2.71 -33.39 42.68
N ALA B 173 -3.64 -32.45 42.48
CA ALA B 173 -3.34 -31.03 42.61
C ALA B 173 -3.18 -30.65 44.07
N ARG B 174 -4.13 -31.11 44.90
CA ARG B 174 -4.09 -30.89 46.36
C ARG B 174 -2.74 -31.29 46.94
N ALA B 175 -2.26 -32.47 46.53
CA ALA B 175 -1.00 -33.02 47.01
C ALA B 175 0.23 -32.25 46.51
N ASN B 176 0.13 -31.67 45.31
CA ASN B 176 1.19 -30.81 44.76
C ASN B 176 1.10 -29.36 45.26
N HIS B 177 0.31 -29.17 46.31
CA HIS B 177 0.08 -27.87 46.96
C HIS B 177 -0.41 -26.79 45.99
N TYR B 178 -1.51 -27.15 45.31
CA TYR B 178 -2.32 -26.23 44.54
C TYR B 178 -3.75 -26.28 45.09
N GLU B 179 -4.55 -25.24 44.81
CA GLU B 179 -5.93 -25.17 45.28
C GLU B 179 -6.82 -26.29 44.69
N ASP B 180 -6.87 -26.35 43.36
CA ASP B 180 -7.54 -27.44 42.62
C ASP B 180 -6.71 -27.79 41.38
N TYR B 181 -7.18 -28.75 40.58
CA TYR B 181 -6.48 -29.09 39.34
C TYR B 181 -6.54 -27.98 38.30
N GLY B 182 -7.52 -27.08 38.43
CA GLY B 182 -7.61 -25.90 37.60
C GLY B 182 -6.43 -25.00 37.91
N ASP B 183 -6.36 -24.57 39.17
CA ASP B 183 -5.23 -23.79 39.67
C ASP B 183 -3.91 -24.29 39.10
N TYR B 184 -3.82 -25.61 38.97
CA TYR B 184 -2.64 -26.27 38.41
C TYR B 184 -2.28 -25.72 37.03
N TRP B 185 -3.18 -25.83 36.06
CA TRP B 185 -2.88 -25.41 34.67
C TRP B 185 -2.50 -23.93 34.61
N ARG B 186 -3.21 -23.12 35.39
CA ARG B 186 -2.98 -21.68 35.42
C ARG B 186 -1.51 -21.47 35.67
N GLY B 187 -0.93 -22.41 36.42
CA GLY B 187 0.51 -22.49 36.65
C GLY B 187 1.38 -22.08 35.48
N ASP B 188 1.16 -22.67 34.31
CA ASP B 188 2.04 -22.44 33.15
C ASP B 188 2.55 -21.00 33.03
N TYR B 189 1.66 -20.04 33.26
CA TYR B 189 1.97 -18.62 33.02
C TYR B 189 2.63 -17.92 34.20
N GLU B 190 3.00 -18.67 35.24
CA GLU B 190 3.49 -18.09 36.50
C GLU B 190 4.99 -17.75 36.52
N VAL B 191 5.33 -16.62 37.16
CA VAL B 191 6.72 -16.19 37.29
C VAL B 191 7.07 -15.75 38.72
N ASN B 192 8.18 -16.29 39.25
CA ASN B 192 8.75 -15.91 40.56
C ASN B 192 10.12 -15.22 40.43
N GLY B 193 10.23 -14.06 41.09
CA GLY B 193 11.49 -13.33 41.23
C GLY B 193 12.09 -12.80 39.94
N VAL B 194 11.68 -11.59 39.55
CA VAL B 194 12.23 -10.86 38.39
C VAL B 194 11.74 -9.40 38.38
N ASP B 195 10.63 -9.17 39.09
CA ASP B 195 10.06 -7.84 39.35
C ASP B 195 9.53 -7.14 38.10
N GLY B 196 8.20 -6.98 38.06
CA GLY B 196 7.53 -6.38 36.90
C GLY B 196 7.40 -7.38 35.78
N TYR B 197 8.08 -8.51 35.95
CA TYR B 197 8.07 -9.61 35.00
C TYR B 197 7.51 -10.84 35.69
N ASP B 198 7.08 -10.67 36.93
CA ASP B 198 6.35 -11.71 37.64
C ASP B 198 4.88 -11.68 37.20
N TYR B 199 4.17 -12.77 37.49
CA TYR B 199 2.77 -12.92 37.12
C TYR B 199 2.21 -14.01 38.03
N SER B 200 0.97 -13.86 38.50
CA SER B 200 0.38 -14.85 39.42
C SER B 200 -0.67 -15.80 38.79
N ARG B 201 -0.91 -16.91 39.46
CA ARG B 201 -1.90 -17.91 39.01
C ARG B 201 -3.36 -17.52 39.32
N GLY B 202 -3.56 -16.34 39.89
CA GLY B 202 -4.90 -15.79 40.07
C GLY B 202 -5.15 -14.69 39.07
N GLN B 203 -4.06 -14.08 38.61
CA GLN B 203 -4.14 -12.93 37.73
C GLN B 203 -4.41 -13.32 36.29
N LEU B 204 -4.16 -14.57 35.96
CA LEU B 204 -4.58 -15.05 34.67
C LEU B 204 -6.05 -14.72 34.54
N ILE B 205 -6.86 -15.40 35.34
CA ILE B 205 -8.31 -15.20 35.35
C ILE B 205 -8.65 -13.70 35.30
N GLU B 206 -8.01 -12.96 36.20
CA GLU B 206 -8.23 -11.54 36.31
C GLU B 206 -7.97 -10.88 34.96
N ASP B 207 -6.82 -11.16 34.36
CA ASP B 207 -6.44 -10.57 33.08
C ASP B 207 -7.24 -11.05 31.86
N VAL B 208 -7.66 -12.32 31.88
CA VAL B 208 -8.46 -12.91 30.79
C VAL B 208 -9.83 -12.23 30.68
N GLU B 209 -10.44 -12.01 31.84
CA GLU B 209 -11.77 -11.46 31.90
C GLU B 209 -11.77 -9.99 31.53
N HIS B 210 -10.86 -9.21 32.11
CA HIS B 210 -10.76 -7.79 31.77
C HIS B 210 -10.50 -7.58 30.27
N THR B 211 -9.73 -8.50 29.71
CA THR B 211 -9.37 -8.44 28.31
C THR B 211 -10.58 -8.81 27.46
N PHE B 212 -11.22 -9.93 27.82
CA PHE B 212 -12.43 -10.42 27.16
C PHE B 212 -13.56 -9.38 26.98
N GLU B 213 -13.69 -8.48 27.95
CA GLU B 213 -14.75 -7.48 27.99
C GLU B 213 -14.73 -6.61 26.76
N GLU B 214 -13.54 -6.13 26.43
CA GLU B 214 -13.35 -5.22 25.32
C GLU B 214 -13.69 -5.89 23.96
N ILE B 215 -13.71 -7.23 23.95
CA ILE B 215 -14.13 -8.00 22.76
C ILE B 215 -15.67 -8.13 22.65
N LYS B 216 -16.37 -8.21 23.79
CA LYS B 216 -17.81 -8.34 23.78
C LYS B 216 -18.51 -7.53 22.68
N PRO B 217 -18.32 -6.20 22.67
CA PRO B 217 -18.88 -5.36 21.59
C PRO B 217 -18.70 -5.92 20.17
N LEU B 218 -17.48 -6.30 19.81
CA LEU B 218 -17.25 -6.91 18.49
C LEU B 218 -18.11 -8.13 18.31
N TYR B 219 -18.05 -8.99 19.31
CA TYR B 219 -18.69 -10.27 19.21
C TYR B 219 -20.22 -10.14 19.11
N GLU B 220 -20.79 -9.20 19.87
CA GLU B 220 -22.22 -9.00 19.81
C GLU B 220 -22.64 -8.68 18.38
N HIS B 221 -22.04 -7.63 17.81
CA HIS B 221 -22.24 -7.33 16.34
C HIS B 221 -21.91 -8.47 15.37
N LEU B 222 -20.72 -9.06 15.51
CA LEU B 222 -20.40 -10.24 14.74
C LEU B 222 -21.56 -11.22 14.76
N HIS B 223 -22.03 -11.49 15.99
CA HIS B 223 -23.07 -12.45 16.31
C HIS B 223 -24.40 -12.10 15.62
N ALA B 224 -24.87 -10.90 15.91
CA ALA B 224 -26.19 -10.46 15.47
C ALA B 224 -26.28 -10.63 13.97
N TYR B 225 -25.21 -10.17 13.28
CA TYR B 225 -25.08 -10.30 11.81
C TYR B 225 -25.17 -11.74 11.33
N VAL B 226 -24.21 -12.57 11.74
CA VAL B 226 -24.34 -13.98 11.41
C VAL B 226 -25.76 -14.50 11.73
N ARG B 227 -26.35 -14.07 12.87
CA ARG B 227 -27.69 -14.56 13.22
C ARG B 227 -28.75 -14.23 12.17
N ALA B 228 -28.83 -12.95 11.82
CA ALA B 228 -29.73 -12.55 10.72
C ALA B 228 -29.54 -13.44 9.52
N LYS B 229 -28.29 -13.51 9.02
CA LYS B 229 -27.92 -14.36 7.86
C LYS B 229 -28.37 -15.82 7.98
N LEU B 230 -28.15 -16.42 9.15
CA LEU B 230 -28.61 -17.77 9.46
C LEU B 230 -30.12 -17.85 9.37
N MET B 231 -30.79 -16.82 9.87
CA MET B 231 -32.25 -16.79 9.78
C MET B 231 -32.77 -17.17 8.40
N ASN B 232 -32.27 -16.54 7.35
CA ASN B 232 -32.58 -16.95 5.98
C ASN B 232 -32.22 -18.42 5.66
N ALA B 233 -30.99 -18.82 5.96
CA ALA B 233 -30.56 -20.20 5.80
C ALA B 233 -31.50 -21.23 6.46
N TYR B 234 -31.90 -20.97 7.71
CA TYR B 234 -32.82 -21.85 8.44
C TYR B 234 -34.07 -21.11 8.88
N PRO B 235 -34.95 -20.75 7.90
CA PRO B 235 -36.16 -19.99 8.19
C PRO B 235 -37.02 -20.63 9.30
N SER B 236 -37.59 -19.76 10.13
CA SER B 236 -38.54 -20.13 11.19
C SER B 236 -37.84 -20.69 12.43
N TYR B 237 -36.63 -21.17 12.24
CA TYR B 237 -35.91 -21.89 13.27
C TYR B 237 -35.12 -21.06 14.29
N ILE B 238 -34.86 -19.77 14.00
CA ILE B 238 -34.10 -18.91 14.93
C ILE B 238 -34.83 -17.64 15.37
N SER B 239 -34.65 -17.24 16.63
CA SER B 239 -35.25 -15.99 17.09
C SER B 239 -34.41 -14.75 16.73
N PRO B 240 -35.09 -13.66 16.28
CA PRO B 240 -34.45 -12.39 15.97
C PRO B 240 -33.83 -11.76 17.22
N ILE B 241 -34.14 -12.38 18.38
CA ILE B 241 -33.60 -11.98 19.67
C ILE B 241 -32.94 -13.15 20.39
N GLY B 242 -33.18 -14.37 19.91
CA GLY B 242 -32.76 -15.58 20.65
C GLY B 242 -31.35 -16.04 20.33
N CYS B 243 -30.79 -16.84 21.24
CA CYS B 243 -29.45 -17.40 21.05
C CYS B 243 -29.34 -18.24 19.79
N LEU B 244 -28.13 -18.56 19.36
CA LEU B 244 -27.98 -19.40 18.17
C LEU B 244 -27.97 -20.89 18.52
N PRO B 245 -28.71 -21.71 17.76
CA PRO B 245 -28.71 -23.12 18.06
C PRO B 245 -27.35 -23.77 17.86
N ALA B 246 -26.90 -24.48 18.90
CA ALA B 246 -25.61 -25.16 18.94
C ALA B 246 -25.23 -25.91 17.66
N HIS B 247 -26.22 -26.58 17.07
CA HIS B 247 -25.98 -27.42 15.89
C HIS B 247 -25.83 -26.64 14.57
N LEU B 248 -26.13 -25.33 14.62
CA LEU B 248 -26.20 -24.57 13.39
C LEU B 248 -24.95 -23.76 13.03
N LEU B 249 -23.89 -23.92 13.83
CA LEU B 249 -22.74 -23.00 13.85
C LEU B 249 -21.54 -23.42 13.02
N GLY B 250 -21.51 -24.64 12.50
CA GLY B 250 -20.46 -24.93 11.52
C GLY B 250 -19.55 -26.12 11.72
N ASP B 251 -19.18 -26.39 12.97
CA ASP B 251 -18.58 -27.68 13.28
C ASP B 251 -19.40 -28.33 14.38
N MET B 252 -18.84 -29.36 15.01
CA MET B 252 -19.59 -30.18 15.96
C MET B 252 -19.97 -29.45 17.26
N TRP B 253 -19.25 -28.40 17.61
CA TRP B 253 -19.50 -27.72 18.87
C TRP B 253 -19.72 -26.24 18.64
N GLY B 254 -19.29 -25.78 17.47
CA GLY B 254 -19.35 -24.37 17.15
C GLY B 254 -18.07 -23.71 17.57
N ARG B 255 -17.02 -24.54 17.72
CA ARG B 255 -15.69 -24.08 18.15
C ARG B 255 -15.27 -22.94 17.24
N PHE B 256 -15.51 -23.15 15.94
CA PHE B 256 -15.12 -22.24 14.88
C PHE B 256 -16.29 -22.00 13.96
N TRP B 257 -16.61 -20.72 13.70
CA TRP B 257 -17.70 -20.42 12.71
C TRP B 257 -17.21 -20.40 11.25
N THR B 258 -16.01 -20.94 11.06
CA THR B 258 -15.37 -20.95 9.74
C THR B 258 -16.28 -21.40 8.58
N ASN B 259 -17.09 -22.42 8.85
CA ASN B 259 -17.90 -22.95 7.76
C ASN B 259 -19.22 -22.21 7.49
N LEU B 260 -19.46 -21.15 8.28
CA LEU B 260 -20.66 -20.35 8.09
C LEU B 260 -20.39 -19.42 6.96
N TYR B 261 -19.12 -19.32 6.60
CA TYR B 261 -18.75 -18.37 5.61
C TYR B 261 -19.72 -18.54 4.43
N SER B 262 -19.92 -19.81 4.00
CA SER B 262 -20.75 -20.16 2.80
C SER B 262 -21.99 -19.27 2.76
N LEU B 263 -22.66 -19.14 3.91
CA LEU B 263 -23.93 -18.45 3.93
C LEU B 263 -23.95 -17.19 4.81
N THR B 264 -22.77 -16.69 5.19
CA THR B 264 -22.73 -15.36 5.82
C THR B 264 -21.86 -14.36 5.07
N VAL B 265 -21.36 -14.75 3.89
CA VAL B 265 -20.47 -13.91 3.06
C VAL B 265 -21.07 -12.53 2.76
N PRO B 266 -20.33 -11.43 3.04
CA PRO B 266 -20.89 -10.07 2.86
C PRO B 266 -21.28 -9.74 1.43
N PHE B 267 -20.40 -10.04 0.46
CA PHE B 267 -20.65 -9.73 -0.94
C PHE B 267 -20.30 -10.91 -1.82
N GLY B 268 -21.27 -11.78 -2.04
CA GLY B 268 -21.07 -13.00 -2.83
C GLY B 268 -20.57 -12.87 -4.25
N GLN B 269 -20.40 -11.64 -4.73
CA GLN B 269 -20.06 -11.39 -6.14
C GLN B 269 -18.57 -11.17 -6.38
N LYS B 270 -17.84 -11.03 -5.30
CA LYS B 270 -16.41 -10.87 -5.37
C LYS B 270 -15.78 -12.23 -5.66
N PRO B 271 -14.48 -12.26 -6.07
CA PRO B 271 -13.87 -13.57 -6.26
C PRO B 271 -13.40 -14.18 -4.93
N ASN B 272 -14.17 -15.19 -4.48
CA ASN B 272 -13.91 -15.82 -3.20
C ASN B 272 -12.49 -15.64 -2.67
N ILE B 273 -12.40 -15.16 -1.42
CA ILE B 273 -11.18 -15.20 -0.63
C ILE B 273 -11.02 -16.61 -0.05
N ASP B 274 -11.99 -17.47 -0.35
CA ASP B 274 -11.89 -18.89 -0.12
C ASP B 274 -11.34 -19.52 -1.40
N VAL B 275 -10.03 -19.61 -1.43
CA VAL B 275 -9.29 -20.13 -2.55
C VAL B 275 -9.39 -21.65 -2.68
N THR B 276 -10.36 -22.29 -2.00
CA THR B 276 -10.42 -23.74 -2.05
C THR B 276 -10.62 -24.32 -3.44
N ASP B 277 -11.55 -23.77 -4.22
CA ASP B 277 -11.79 -24.24 -5.59
C ASP B 277 -10.55 -23.96 -6.45
N ALA B 278 -10.07 -22.73 -6.38
CA ALA B 278 -8.86 -22.29 -7.02
C ALA B 278 -7.74 -23.32 -6.89
N MET B 279 -7.63 -23.89 -5.70
CA MET B 279 -6.62 -24.89 -5.43
C MET B 279 -7.01 -26.17 -6.13
N VAL B 280 -8.27 -26.54 -6.03
CA VAL B 280 -8.75 -27.76 -6.65
C VAL B 280 -8.63 -27.70 -8.16
N ASP B 281 -8.90 -26.52 -8.71
CA ASP B 281 -8.87 -26.26 -10.13
C ASP B 281 -7.47 -26.19 -10.75
N GLN B 282 -6.44 -25.96 -9.94
CA GLN B 282 -5.08 -25.99 -10.43
C GLN B 282 -4.38 -27.27 -10.01
N ALA B 283 -5.19 -28.24 -9.61
CA ALA B 283 -4.70 -29.54 -9.18
C ALA B 283 -3.60 -29.50 -8.11
N TRP B 284 -3.76 -28.60 -7.12
CA TRP B 284 -2.85 -28.49 -5.99
C TRP B 284 -2.95 -29.74 -5.13
N ASP B 285 -1.83 -30.09 -4.48
CA ASP B 285 -1.76 -31.29 -3.67
C ASP B 285 -0.92 -31.08 -2.43
N ALA B 286 -0.92 -32.05 -1.51
CA ALA B 286 -0.27 -31.87 -0.21
C ALA B 286 1.14 -31.29 -0.35
N GLN B 287 1.97 -31.94 -1.16
CA GLN B 287 3.32 -31.48 -1.46
C GLN B 287 3.35 -30.00 -1.92
N ARG B 288 2.39 -29.62 -2.74
CA ARG B 288 2.32 -28.26 -3.20
C ARG B 288 2.04 -27.36 -2.04
N ILE B 289 1.07 -27.75 -1.20
CA ILE B 289 0.70 -27.01 0.02
C ILE B 289 1.92 -26.89 0.92
N PHE B 290 2.57 -28.00 1.23
CA PHE B 290 3.66 -27.87 2.18
C PHE B 290 4.91 -27.19 1.61
N LYS B 291 5.27 -27.57 0.41
CA LYS B 291 6.40 -27.00 -0.31
C LYS B 291 6.17 -25.50 -0.45
N GLU B 292 4.91 -25.14 -0.64
CA GLU B 292 4.49 -23.74 -0.78
C GLU B 292 4.65 -22.91 0.47
N ALA B 293 4.43 -23.52 1.63
CA ALA B 293 4.57 -22.86 2.93
C ALA B 293 6.03 -22.72 3.40
N GLU B 294 6.77 -23.81 3.30
CA GLU B 294 8.18 -23.77 3.57
C GLU B 294 8.77 -22.56 2.87
N LYS B 295 8.35 -22.31 1.62
CA LYS B 295 8.87 -21.21 0.82
C LYS B 295 8.65 -19.86 1.49
N PHE B 296 7.42 -19.66 2.00
CA PHE B 296 7.09 -18.48 2.80
C PHE B 296 8.14 -18.26 3.90
N PHE B 297 8.36 -19.27 4.75
CA PHE B 297 9.34 -19.13 5.83
C PHE B 297 10.71 -18.75 5.33
N VAL B 298 11.17 -19.45 4.30
CA VAL B 298 12.39 -19.05 3.60
C VAL B 298 12.30 -17.59 3.18
N SER B 299 11.17 -17.16 2.62
CA SER B 299 11.09 -15.79 2.09
C SER B 299 11.50 -14.77 3.14
N VAL B 300 11.24 -15.07 4.42
CA VAL B 300 11.60 -14.14 5.49
C VAL B 300 12.95 -14.42 6.15
N GLY B 301 13.75 -15.29 5.54
CA GLY B 301 15.14 -15.51 5.98
C GLY B 301 15.32 -16.72 6.86
N LEU B 302 14.30 -17.56 6.95
CA LEU B 302 14.37 -18.77 7.76
C LEU B 302 14.75 -20.00 6.95
N PRO B 303 15.19 -21.06 7.62
CA PRO B 303 15.70 -22.22 6.88
C PRO B 303 14.63 -23.08 6.18
N ASN B 304 15.05 -23.71 5.08
CA ASN B 304 14.31 -24.83 4.48
C ASN B 304 14.09 -25.94 5.50
N MET B 305 12.97 -26.65 5.40
CA MET B 305 12.75 -27.81 6.26
C MET B 305 13.87 -28.82 5.96
N THR B 306 14.32 -29.56 6.98
CA THR B 306 15.45 -30.48 6.87
C THR B 306 15.14 -31.63 5.95
N GLN B 307 16.14 -32.12 5.22
CA GLN B 307 15.98 -33.29 4.34
C GLN B 307 15.10 -34.37 4.99
N GLY B 308 15.28 -34.53 6.31
CA GLY B 308 14.58 -35.54 7.10
C GLY B 308 13.10 -35.27 7.29
N PHE B 309 12.74 -33.99 7.41
CA PHE B 309 11.35 -33.55 7.48
C PHE B 309 10.53 -34.09 6.32
N TRP B 310 10.97 -33.82 5.09
CA TRP B 310 10.26 -34.32 3.91
C TRP B 310 10.19 -35.84 3.85
N GLU B 311 11.29 -36.53 4.15
CA GLU B 311 11.32 -37.99 4.05
C GLU B 311 10.76 -38.75 5.25
N ASN B 312 10.56 -38.06 6.37
CA ASN B 312 10.06 -38.72 7.56
C ASN B 312 8.64 -38.31 7.94
N SER B 313 8.16 -37.23 7.33
CA SER B 313 6.86 -36.68 7.69
C SER B 313 5.74 -37.39 6.96
N MET B 314 4.56 -37.38 7.56
CA MET B 314 3.36 -37.96 6.94
C MET B 314 2.30 -36.88 6.64
N LEU B 315 2.12 -36.62 5.36
CA LEU B 315 1.33 -35.49 4.94
C LEU B 315 -0.09 -35.83 4.48
N THR B 316 -0.34 -37.05 4.03
CA THR B 316 -1.67 -37.45 3.61
C THR B 316 -2.18 -38.64 4.41
N ASP B 317 -3.51 -38.76 4.50
CA ASP B 317 -4.14 -39.94 5.08
C ASP B 317 -3.74 -41.15 4.22
N PRO B 318 -3.01 -42.13 4.80
CA PRO B 318 -2.74 -43.33 4.02
C PRO B 318 -3.96 -44.26 4.07
N GLY B 319 -5.14 -43.66 4.26
CA GLY B 319 -6.42 -44.33 4.25
C GLY B 319 -6.50 -45.49 5.21
N ASN B 320 -7.41 -46.40 4.91
CA ASN B 320 -7.43 -47.73 5.50
C ASN B 320 -6.17 -48.49 5.09
N VAL B 321 -5.95 -49.66 5.68
CA VAL B 321 -4.64 -50.35 5.61
C VAL B 321 -3.64 -49.48 6.36
N GLN B 322 -3.60 -49.69 7.68
CA GLN B 322 -2.87 -48.83 8.61
C GLN B 322 -3.71 -47.58 8.89
N LYS B 323 -4.32 -47.52 10.08
CA LYS B 323 -5.09 -46.34 10.51
C LYS B 323 -4.25 -45.41 11.39
N ALA B 324 -4.53 -44.11 11.30
CA ALA B 324 -3.76 -43.10 12.02
C ALA B 324 -4.70 -42.06 12.62
N VAL B 325 -4.26 -41.40 13.69
CA VAL B 325 -5.10 -40.42 14.36
C VAL B 325 -4.84 -39.01 13.83
N CYS B 326 -5.76 -38.55 13.01
CA CYS B 326 -5.55 -37.46 12.06
C CYS B 326 -5.46 -36.03 12.60
N HIS B 327 -5.18 -35.84 13.88
CA HIS B 327 -5.08 -34.47 14.37
C HIS B 327 -3.78 -33.86 13.89
N PRO B 328 -3.85 -32.66 13.28
CA PRO B 328 -2.63 -32.06 12.75
C PRO B 328 -1.67 -31.74 13.89
N THR B 329 -0.45 -32.27 13.81
CA THR B 329 0.52 -32.06 14.88
C THR B 329 1.92 -31.74 14.34
N ALA B 330 2.65 -30.90 15.06
CA ALA B 330 4.06 -30.68 14.80
C ALA B 330 4.85 -31.51 15.80
N TRP B 331 5.83 -32.25 15.31
CA TRP B 331 6.60 -33.18 16.14
C TRP B 331 8.07 -32.82 16.23
N ASP B 332 8.51 -32.45 17.43
CA ASP B 332 9.93 -32.27 17.73
C ASP B 332 10.43 -33.47 18.54
N LEU B 333 10.95 -34.49 17.86
CA LEU B 333 11.35 -35.75 18.52
C LEU B 333 12.66 -35.60 19.28
N GLY B 334 13.30 -34.45 19.12
CA GLY B 334 14.68 -34.27 19.59
C GLY B 334 15.68 -34.73 18.52
N LYS B 335 16.91 -35.01 18.96
CA LYS B 335 17.98 -35.42 18.06
C LYS B 335 17.87 -34.78 16.67
N GLY B 336 17.42 -33.53 16.63
CA GLY B 336 17.31 -32.77 15.40
C GLY B 336 16.29 -33.35 14.43
N ASP B 337 15.35 -34.14 14.96
CA ASP B 337 14.40 -34.86 14.12
C ASP B 337 13.00 -34.25 14.17
N PHE B 338 12.69 -33.48 13.13
CA PHE B 338 11.41 -32.76 13.02
C PHE B 338 10.48 -33.38 11.97
N ARG B 339 9.19 -33.25 12.22
CA ARG B 339 8.19 -33.79 11.30
C ARG B 339 6.77 -33.44 11.70
N ILE B 340 5.90 -33.47 10.71
CA ILE B 340 4.51 -33.06 10.84
C ILE B 340 3.61 -34.28 10.60
N LEU B 341 2.44 -34.31 11.24
CA LEU B 341 1.41 -35.33 10.97
C LEU B 341 0.11 -34.62 10.60
N MET B 342 -0.35 -34.81 9.37
CA MET B 342 -1.55 -34.11 8.89
C MET B 342 -2.21 -34.84 7.75
N CYS B 343 -3.51 -35.11 7.89
CA CYS B 343 -4.25 -35.76 6.82
C CYS B 343 -4.80 -34.73 5.82
N THR B 344 -3.86 -34.01 5.20
CA THR B 344 -4.09 -32.85 4.33
C THR B 344 -5.15 -33.07 3.26
N LYS B 345 -6.09 -32.14 3.16
CA LYS B 345 -6.99 -32.05 2.01
C LYS B 345 -6.74 -30.72 1.25
N VAL B 346 -6.81 -30.77 -0.07
CA VAL B 346 -6.68 -29.55 -0.85
C VAL B 346 -7.88 -28.68 -0.48
N THR B 347 -7.69 -27.83 0.52
CA THR B 347 -8.67 -26.82 0.92
C THR B 347 -7.90 -25.64 1.44
N MET B 348 -8.54 -24.48 1.50
CA MET B 348 -7.84 -23.33 2.03
C MET B 348 -7.48 -23.63 3.45
N ASP B 349 -8.44 -24.15 4.22
CA ASP B 349 -8.24 -24.42 5.64
C ASP B 349 -6.94 -25.11 5.92
N ASP B 350 -6.70 -26.21 5.22
CA ASP B 350 -5.47 -26.95 5.39
C ASP B 350 -4.26 -26.17 4.89
N PHE B 351 -4.44 -25.35 3.85
CA PHE B 351 -3.38 -24.45 3.39
C PHE B 351 -2.92 -23.54 4.51
N LEU B 352 -3.86 -22.81 5.11
CA LEU B 352 -3.62 -22.08 6.37
C LEU B 352 -3.11 -22.94 7.52
N THR B 353 -3.76 -24.07 7.82
CA THR B 353 -3.22 -24.94 8.90
C THR B 353 -1.77 -25.40 8.64
N ALA B 354 -1.48 -25.84 7.40
CA ALA B 354 -0.10 -26.10 6.96
C ALA B 354 0.87 -25.02 7.45
N HIS B 355 0.62 -23.76 7.07
CA HIS B 355 1.45 -22.65 7.59
C HIS B 355 1.54 -22.64 9.16
N HIS B 356 0.40 -22.83 9.86
CA HIS B 356 0.41 -22.86 11.35
C HIS B 356 1.33 -23.93 11.91
N GLU B 357 1.14 -25.20 11.53
CA GLU B 357 2.05 -26.24 12.02
C GLU B 357 3.55 -25.94 11.74
N MET B 358 3.89 -25.76 10.45
CA MET B 358 5.26 -25.48 10.02
C MET B 358 5.80 -24.21 10.65
N GLY B 359 4.94 -23.44 11.31
CA GLY B 359 5.34 -22.45 12.32
C GLY B 359 5.89 -23.07 13.63
N HIS B 360 5.15 -24.02 14.21
CA HIS B 360 5.65 -24.66 15.44
C HIS B 360 7.03 -25.26 15.18
N ILE B 361 7.18 -25.85 13.98
CA ILE B 361 8.41 -26.58 13.63
C ILE B 361 9.58 -25.59 13.55
N GLN B 362 9.30 -24.45 12.92
CA GLN B 362 10.26 -23.37 12.77
C GLN B 362 10.65 -22.81 14.14
N TYR B 363 9.67 -22.69 15.04
CA TYR B 363 9.94 -22.37 16.45
C TYR B 363 10.83 -23.42 17.11
N ASP B 364 10.42 -24.70 17.04
CA ASP B 364 11.20 -25.82 17.57
C ASP B 364 12.67 -25.76 17.17
N MET B 365 12.90 -25.42 15.90
CA MET B 365 14.24 -25.39 15.29
C MET B 365 15.08 -24.24 15.82
N ALA B 366 14.46 -23.07 15.91
CA ALA B 366 15.14 -21.91 16.48
C ALA B 366 15.69 -22.22 17.88
N TYR B 367 14.88 -22.86 18.74
CA TYR B 367 15.31 -23.10 20.13
C TYR B 367 15.95 -24.47 20.41
N ALA B 368 16.34 -25.19 19.35
CA ALA B 368 17.06 -26.46 19.51
C ALA B 368 18.46 -26.28 20.13
N ALA B 369 19.01 -25.07 20.00
CA ALA B 369 20.31 -24.71 20.59
C ALA B 369 20.33 -24.60 22.13
N GLN B 370 19.16 -24.48 22.78
CA GLN B 370 19.08 -24.40 24.26
C GLN B 370 19.27 -25.76 24.94
N PRO B 371 19.78 -25.76 26.19
CA PRO B 371 19.93 -26.99 26.96
C PRO B 371 18.63 -27.73 27.07
N PHE B 372 18.69 -29.06 26.99
CA PHE B 372 17.49 -29.91 26.82
C PHE B 372 16.22 -29.33 27.43
N LEU B 373 16.25 -29.10 28.74
CA LEU B 373 15.06 -28.75 29.53
C LEU B 373 14.44 -27.39 29.21
N LEU B 374 15.09 -26.64 28.34
CA LEU B 374 14.67 -25.30 27.96
C LEU B 374 14.12 -25.28 26.56
N ARG B 375 14.03 -26.46 25.94
CA ARG B 375 13.56 -26.55 24.57
C ARG B 375 12.06 -26.60 24.54
N ASN B 376 11.41 -25.43 24.62
CA ASN B 376 9.95 -25.35 24.69
C ASN B 376 9.47 -23.90 24.60
N GLY B 377 8.24 -23.69 24.13
CA GLY B 377 7.67 -22.34 24.03
C GLY B 377 7.56 -21.60 25.34
N ALA B 378 7.77 -20.28 25.29
CA ALA B 378 7.83 -19.45 26.51
C ALA B 378 6.66 -19.65 27.50
N ASN B 379 5.48 -19.94 26.95
CA ASN B 379 4.32 -20.37 27.71
C ASN B 379 3.39 -21.15 26.78
N GLU B 380 2.40 -21.85 27.35
CA GLU B 380 1.53 -22.77 26.57
C GLU B 380 0.95 -22.14 25.29
N GLY B 381 0.71 -20.84 25.34
CA GLY B 381 0.13 -20.14 24.22
C GLY B 381 1.12 -19.59 23.23
N PHE B 382 2.41 -19.62 23.57
CA PHE B 382 3.44 -19.03 22.71
C PHE B 382 3.63 -19.80 21.41
N HIS B 383 3.67 -21.12 21.50
CA HIS B 383 3.81 -21.97 20.33
C HIS B 383 2.62 -21.74 19.41
N GLU B 384 1.43 -21.94 19.96
CA GLU B 384 0.18 -21.62 19.24
C GLU B 384 0.16 -20.28 18.47
N ALA B 385 0.68 -19.21 19.04
CA ALA B 385 0.64 -17.90 18.40
C ALA B 385 1.63 -17.76 17.22
N VAL B 386 2.85 -18.21 17.42
CA VAL B 386 3.91 -18.20 16.42
C VAL B 386 3.39 -18.84 15.14
N GLY B 387 2.51 -19.83 15.35
CA GLY B 387 1.95 -20.61 14.28
C GLY B 387 0.93 -19.78 13.56
N GLU B 388 0.14 -19.03 14.32
CA GLU B 388 -1.00 -18.31 13.79
C GLU B 388 -0.67 -17.01 13.10
N ILE B 389 0.46 -16.40 13.45
CA ILE B 389 1.04 -15.24 12.75
C ILE B 389 1.17 -15.56 11.28
N MET B 390 1.50 -16.81 11.03
CA MET B 390 1.74 -17.28 9.71
C MET B 390 0.45 -17.21 8.92
N SER B 391 -0.52 -18.04 9.30
CA SER B 391 -1.88 -17.97 8.75
C SER B 391 -2.26 -16.54 8.38
N LEU B 392 -1.98 -15.60 9.27
CA LEU B 392 -2.44 -14.25 9.11
C LEU B 392 -1.91 -13.57 7.85
N SER B 393 -0.62 -13.68 7.59
CA SER B 393 -0.07 -13.05 6.40
C SER B 393 -0.45 -13.92 5.23
N ALA B 394 -0.45 -15.23 5.46
CA ALA B 394 -0.71 -16.20 4.40
C ALA B 394 -2.13 -16.16 3.85
N ALA B 395 -3.01 -15.43 4.53
CA ALA B 395 -4.45 -15.40 4.22
C ALA B 395 -4.83 -14.20 3.39
N THR B 396 -4.09 -13.11 3.56
CA THR B 396 -4.27 -11.90 2.76
C THR B 396 -4.47 -12.19 1.25
N PRO B 397 -5.42 -11.50 0.57
CA PRO B 397 -5.48 -11.52 -0.89
C PRO B 397 -4.16 -11.13 -1.57
N LYS B 398 -3.45 -10.14 -1.01
CA LYS B 398 -2.13 -9.70 -1.49
C LYS B 398 -1.20 -10.89 -1.68
N HIS B 399 -1.23 -11.82 -0.72
CA HIS B 399 -0.39 -13.00 -0.72
C HIS B 399 -0.92 -14.06 -1.66
N LEU B 400 -2.24 -14.21 -1.68
CA LEU B 400 -2.87 -15.19 -2.54
C LEU B 400 -2.58 -14.98 -4.04
N LYS B 401 -2.52 -13.72 -4.50
CA LYS B 401 -2.14 -13.39 -5.89
C LYS B 401 -0.72 -13.80 -6.13
N SER B 402 0.11 -13.50 -5.14
CA SER B 402 1.52 -13.73 -5.18
C SER B 402 1.82 -15.20 -5.44
N ILE B 403 0.96 -16.09 -4.95
CA ILE B 403 1.20 -17.52 -5.13
C ILE B 403 0.38 -18.10 -6.27
N GLY B 404 -0.33 -17.21 -6.97
CA GLY B 404 -1.07 -17.57 -8.18
C GLY B 404 -2.36 -18.35 -7.94
N LEU B 405 -2.98 -18.12 -6.77
CA LEU B 405 -4.27 -18.69 -6.41
C LEU B 405 -5.33 -17.63 -6.66
N LEU B 406 -4.91 -16.39 -6.64
CA LEU B 406 -5.80 -15.30 -6.97
C LEU B 406 -5.29 -14.65 -8.25
N SER B 407 -6.24 -14.32 -9.13
CA SER B 407 -5.90 -13.80 -10.45
C SER B 407 -4.82 -12.74 -10.33
N PRO B 408 -3.82 -12.77 -11.21
CA PRO B 408 -2.86 -11.70 -11.19
C PRO B 408 -3.51 -10.33 -11.42
N ASP B 409 -4.64 -10.28 -12.14
CA ASP B 409 -5.38 -9.03 -12.37
C ASP B 409 -6.41 -8.75 -11.29
N PHE B 410 -6.27 -9.36 -10.11
CA PHE B 410 -7.20 -9.15 -9.01
C PHE B 410 -7.13 -7.72 -8.56
N GLN B 411 -8.23 -7.22 -8.01
CA GLN B 411 -8.35 -5.81 -7.67
C GLN B 411 -8.94 -5.62 -6.27
N GLU B 412 -8.08 -5.40 -5.27
CA GLU B 412 -8.55 -5.18 -3.90
C GLU B 412 -9.37 -3.89 -3.83
N ASP B 413 -10.64 -4.02 -3.46
CA ASP B 413 -11.51 -2.90 -3.15
C ASP B 413 -12.10 -3.07 -1.74
N ASN B 414 -12.71 -2.01 -1.20
CA ASN B 414 -13.22 -2.01 0.18
C ASN B 414 -14.31 -3.09 0.45
N GLU B 415 -14.76 -3.74 -0.63
CA GLU B 415 -15.78 -4.79 -0.57
C GLU B 415 -15.19 -6.20 -0.47
N THR B 416 -14.09 -6.43 -1.15
CA THR B 416 -13.33 -7.65 -0.94
C THR B 416 -12.71 -7.55 0.45
N GLU B 417 -12.42 -6.31 0.84
CA GLU B 417 -11.75 -6.06 2.08
C GLU B 417 -12.63 -6.57 3.20
N ILE B 418 -13.92 -6.26 3.15
CA ILE B 418 -14.84 -6.75 4.19
C ILE B 418 -15.06 -8.26 4.13
N ASN B 419 -15.21 -8.79 2.92
CA ASN B 419 -15.29 -10.24 2.70
C ASN B 419 -14.17 -10.94 3.46
N PHE B 420 -12.97 -10.39 3.34
CA PHE B 420 -11.80 -10.92 3.98
C PHE B 420 -12.01 -10.87 5.46
N LEU B 421 -12.03 -9.65 6.02
CA LEU B 421 -12.16 -9.49 7.47
C LEU B 421 -13.22 -10.44 8.05
N LEU B 422 -14.45 -10.33 7.56
CA LEU B 422 -15.53 -11.22 7.97
C LEU B 422 -15.01 -12.64 8.11
N LYS B 423 -14.62 -13.24 7.00
CA LYS B 423 -14.14 -14.61 7.04
C LYS B 423 -13.16 -14.74 8.21
N GLN B 424 -12.23 -13.80 8.31
CA GLN B 424 -11.21 -13.88 9.37
C GLN B 424 -11.89 -13.92 10.73
N ALA B 425 -12.82 -12.99 10.95
CA ALA B 425 -13.55 -12.82 12.19
C ALA B 425 -14.30 -14.10 12.60
N LEU B 426 -15.02 -14.63 11.61
CA LEU B 426 -15.79 -15.85 11.75
C LEU B 426 -14.96 -16.88 12.51
N THR B 427 -13.65 -16.89 12.23
CA THR B 427 -12.73 -17.88 12.82
C THR B 427 -11.97 -17.41 14.05
N ILE B 428 -11.25 -16.30 13.90
CA ILE B 428 -10.50 -15.74 14.99
C ILE B 428 -11.42 -15.30 16.14
N VAL B 429 -12.42 -14.46 15.82
CA VAL B 429 -13.28 -13.86 16.84
C VAL B 429 -14.37 -14.83 17.26
N GLY B 430 -14.73 -15.75 16.37
CA GLY B 430 -15.73 -16.77 16.70
C GLY B 430 -15.33 -17.60 17.93
N THR B 431 -14.12 -18.16 17.88
CA THR B 431 -13.72 -19.05 18.95
C THR B 431 -13.52 -18.36 20.32
N LEU B 432 -13.37 -17.02 20.32
CA LEU B 432 -12.99 -16.29 21.53
C LEU B 432 -13.89 -16.54 22.76
N PRO B 433 -15.20 -16.21 22.67
CA PRO B 433 -16.16 -16.55 23.71
C PRO B 433 -16.12 -18.05 23.99
N PHE B 434 -16.58 -18.86 23.05
CA PHE B 434 -16.51 -20.34 23.11
C PHE B 434 -15.42 -20.85 24.03
N THR B 435 -14.20 -20.41 23.76
CA THR B 435 -13.00 -20.83 24.49
C THR B 435 -13.06 -20.46 25.98
N TYR B 436 -12.98 -19.15 26.23
CA TYR B 436 -13.07 -18.60 27.57
C TYR B 436 -14.23 -19.24 28.38
N MET B 437 -15.40 -19.31 27.75
CA MET B 437 -16.59 -19.89 28.34
C MET B 437 -16.29 -21.32 28.78
N LEU B 438 -15.95 -22.17 27.81
CA LEU B 438 -15.61 -23.54 28.11
C LEU B 438 -14.68 -23.63 29.33
N GLU B 439 -13.51 -23.00 29.25
CA GLU B 439 -12.54 -23.10 30.33
C GLU B 439 -13.11 -22.61 31.65
N LYS B 440 -13.82 -21.48 31.60
CA LYS B 440 -14.41 -20.86 32.79
C LYS B 440 -15.35 -21.84 33.49
N TRP B 441 -15.56 -22.99 32.87
CA TRP B 441 -16.46 -23.97 33.41
C TRP B 441 -15.68 -25.08 34.11
N ARG B 442 -14.60 -25.53 33.48
CA ARG B 442 -13.72 -26.54 34.08
C ARG B 442 -12.98 -25.95 35.28
N TRP B 443 -12.37 -24.79 35.11
CA TRP B 443 -11.80 -24.05 36.23
C TRP B 443 -12.79 -24.03 37.40
N MET B 444 -14.03 -23.66 37.10
CA MET B 444 -15.09 -23.57 38.10
C MET B 444 -15.51 -24.90 38.67
N VAL B 445 -15.47 -25.95 37.84
CA VAL B 445 -15.81 -27.30 38.27
C VAL B 445 -14.84 -27.83 39.33
N PHE B 446 -13.54 -27.70 39.02
CA PHE B 446 -12.46 -28.22 39.86
C PHE B 446 -12.36 -27.49 41.19
N LYS B 447 -12.58 -26.17 41.17
CA LYS B 447 -12.55 -25.35 42.38
C LYS B 447 -13.70 -25.72 43.34
N GLY B 448 -14.43 -26.78 42.98
CA GLY B 448 -15.54 -27.27 43.78
C GLY B 448 -16.85 -26.54 43.55
N GLU B 449 -16.75 -25.28 43.12
CA GLU B 449 -17.90 -24.38 42.92
C GLU B 449 -19.15 -24.91 42.18
N ILE B 450 -18.98 -25.96 41.35
CA ILE B 450 -20.10 -26.61 40.66
C ILE B 450 -20.31 -28.09 41.06
N PRO B 451 -21.45 -28.38 41.72
CA PRO B 451 -21.89 -29.71 42.14
C PRO B 451 -22.45 -30.52 40.99
N LYS B 452 -22.27 -31.84 41.07
CA LYS B 452 -22.59 -32.77 39.97
C LYS B 452 -24.03 -32.73 39.46
N ASP B 453 -24.96 -32.32 40.31
CA ASP B 453 -26.37 -32.24 39.93
C ASP B 453 -26.74 -30.89 39.29
N GLN B 454 -25.74 -30.09 38.93
CA GLN B 454 -25.95 -28.84 38.17
C GLN B 454 -24.90 -28.72 37.06
N TRP B 455 -23.93 -29.65 37.11
CA TRP B 455 -22.81 -29.76 36.18
C TRP B 455 -23.13 -29.43 34.73
N MET B 456 -24.37 -29.72 34.32
CA MET B 456 -24.77 -29.59 32.94
C MET B 456 -25.85 -28.53 32.72
N LYS B 457 -26.57 -28.22 33.79
CA LYS B 457 -27.51 -27.12 33.80
C LYS B 457 -26.70 -25.83 33.72
N LYS B 458 -25.53 -25.85 34.35
CA LYS B 458 -24.72 -24.65 34.45
C LYS B 458 -23.79 -24.47 33.25
N TRP B 459 -23.48 -25.56 32.56
CA TRP B 459 -22.71 -25.50 31.30
C TRP B 459 -23.49 -24.74 30.25
N TRP B 460 -24.79 -25.04 30.18
CA TRP B 460 -25.68 -24.39 29.23
C TRP B 460 -26.07 -23.00 29.68
N GLU B 461 -26.26 -22.80 30.99
CA GLU B 461 -26.48 -21.47 31.56
C GLU B 461 -25.44 -20.53 30.95
N MET B 462 -24.20 -21.00 30.90
CA MET B 462 -23.05 -20.24 30.42
C MET B 462 -22.98 -20.12 28.88
N LYS B 463 -23.30 -21.20 28.17
CA LYS B 463 -23.34 -21.16 26.71
C LYS B 463 -24.31 -20.10 26.17
N ARG B 464 -25.21 -19.66 27.07
CA ARG B 464 -26.20 -18.63 26.78
C ARG B 464 -25.74 -17.22 27.16
N GLU B 465 -25.33 -17.01 28.42
CA GLU B 465 -24.76 -15.74 28.90
C GLU B 465 -23.62 -15.30 28.02
N ILE B 466 -22.71 -16.23 27.75
CA ILE B 466 -21.41 -15.81 27.25
C ILE B 466 -21.20 -16.09 25.77
N VAL B 467 -21.83 -17.12 25.24
CA VAL B 467 -21.62 -17.44 23.84
C VAL B 467 -22.85 -17.25 22.99
N GLY B 468 -24.01 -17.11 23.64
CA GLY B 468 -25.26 -16.94 22.90
C GLY B 468 -25.53 -18.12 21.98
N VAL B 469 -25.49 -19.30 22.61
CA VAL B 469 -25.74 -20.54 21.91
C VAL B 469 -26.73 -21.30 22.77
N VAL B 470 -27.58 -22.11 22.12
CA VAL B 470 -28.58 -22.86 22.85
C VAL B 470 -28.63 -24.30 22.42
N GLU B 471 -28.85 -25.18 23.39
CA GLU B 471 -29.04 -26.59 23.14
C GLU B 471 -30.37 -26.77 22.42
N PRO B 472 -30.40 -27.57 21.35
CA PRO B 472 -31.65 -27.76 20.63
C PRO B 472 -32.62 -28.75 21.32
N VAL B 473 -32.11 -29.61 22.20
CA VAL B 473 -32.99 -30.46 23.02
C VAL B 473 -32.54 -30.35 24.48
N PRO B 474 -33.40 -30.67 25.47
CA PRO B 474 -32.94 -30.51 26.86
C PRO B 474 -31.80 -31.47 27.17
N HIS B 475 -31.09 -31.25 28.28
CA HIS B 475 -30.04 -32.17 28.71
C HIS B 475 -30.00 -32.34 30.22
N ASP B 476 -30.23 -33.58 30.67
CA ASP B 476 -30.15 -33.93 32.09
C ASP B 476 -28.71 -34.29 32.44
N GLU B 477 -28.48 -34.66 33.70
CA GLU B 477 -27.12 -34.95 34.18
C GLU B 477 -26.63 -36.36 33.81
N THR B 478 -27.27 -36.98 32.82
CA THR B 478 -26.72 -38.19 32.19
C THR B 478 -25.61 -37.76 31.23
N TYR B 479 -25.89 -36.68 30.52
CA TYR B 479 -24.98 -36.10 29.54
C TYR B 479 -23.73 -35.48 30.17
N CYS B 480 -22.62 -35.50 29.42
CA CYS B 480 -21.36 -34.89 29.85
C CYS B 480 -20.74 -34.20 28.66
N ASP B 481 -21.53 -33.31 28.05
CA ASP B 481 -21.18 -32.52 26.84
C ASP B 481 -19.78 -31.91 26.77
N PRO B 482 -19.33 -31.22 27.84
CA PRO B 482 -18.00 -30.66 27.69
C PRO B 482 -17.01 -31.69 27.08
N ALA B 483 -17.12 -32.94 27.54
CA ALA B 483 -16.28 -34.04 27.08
C ALA B 483 -16.40 -34.39 25.60
N SER B 484 -17.57 -34.11 24.98
CA SER B 484 -17.82 -34.29 23.52
C SER B 484 -16.77 -33.61 22.66
N LEU B 485 -16.06 -32.66 23.28
CA LEU B 485 -14.98 -31.96 22.65
C LEU B 485 -13.69 -32.62 23.07
N PHE B 486 -12.78 -32.79 22.09
CA PHE B 486 -11.52 -33.48 22.33
C PHE B 486 -10.85 -33.07 23.65
N HIS B 487 -10.33 -31.85 23.64
CA HIS B 487 -9.45 -31.34 24.68
C HIS B 487 -9.96 -31.59 26.11
N VAL B 488 -11.27 -31.74 26.25
CA VAL B 488 -11.88 -31.94 27.55
C VAL B 488 -11.71 -33.38 27.96
N SER B 489 -12.07 -34.28 27.02
CA SER B 489 -12.06 -35.73 27.23
C SER B 489 -10.67 -36.36 27.12
N ASN B 490 -9.77 -35.70 26.38
CA ASN B 490 -8.39 -36.18 26.28
C ASN B 490 -7.45 -35.31 27.10
N ASP B 491 -8.00 -34.55 28.06
CA ASP B 491 -7.19 -33.82 29.05
C ASP B 491 -6.11 -32.86 28.50
N TYR B 492 -6.52 -31.66 28.09
CA TYR B 492 -5.58 -30.59 27.73
C TYR B 492 -6.06 -29.22 28.20
N SER B 493 -5.12 -28.44 28.73
CA SER B 493 -5.32 -27.02 28.97
C SER B 493 -5.96 -26.43 27.70
N PHE B 494 -7.06 -25.69 27.86
CA PHE B 494 -7.74 -25.06 26.71
C PHE B 494 -7.56 -23.55 26.58
N ILE B 495 -7.22 -22.88 27.67
CA ILE B 495 -7.13 -21.43 27.61
C ILE B 495 -6.06 -20.94 26.66
N ARG B 496 -5.14 -21.84 26.30
CA ARG B 496 -4.07 -21.53 25.36
C ARG B 496 -4.62 -20.78 24.16
N TYR B 497 -5.82 -21.17 23.74
CA TYR B 497 -6.38 -20.67 22.49
C TYR B 497 -6.95 -19.27 22.61
N TYR B 498 -7.25 -18.82 23.83
CA TYR B 498 -7.55 -17.40 24.07
C TYR B 498 -6.25 -16.59 24.00
N THR B 499 -5.42 -16.84 25.01
CA THR B 499 -4.13 -16.18 25.15
C THR B 499 -3.44 -16.00 23.78
N ARG B 500 -3.28 -17.12 23.06
CA ARG B 500 -2.61 -17.16 21.78
C ARG B 500 -3.22 -16.22 20.73
N THR B 501 -4.55 -16.18 20.67
CA THR B 501 -5.27 -15.32 19.72
C THR B 501 -4.95 -13.85 20.00
N LEU B 502 -4.50 -13.55 21.22
CA LEU B 502 -4.14 -12.17 21.50
C LEU B 502 -2.74 -11.83 21.00
N TYR B 503 -1.76 -12.63 21.41
CA TYR B 503 -0.37 -12.45 20.98
C TYR B 503 -0.30 -12.49 19.45
N GLN B 504 -1.06 -13.43 18.89
CA GLN B 504 -1.28 -13.57 17.47
C GLN B 504 -1.11 -12.20 16.87
N PHE B 505 -2.03 -11.30 17.22
CA PHE B 505 -2.02 -9.96 16.70
C PHE B 505 -0.97 -9.04 17.29
N GLN B 506 -0.50 -9.36 18.50
CA GLN B 506 0.54 -8.55 19.16
C GLN B 506 1.84 -8.61 18.37
N PHE B 507 2.37 -9.82 18.16
CA PHE B 507 3.52 -10.00 17.29
C PHE B 507 3.25 -9.35 15.94
N GLN B 508 2.12 -9.72 15.32
CA GLN B 508 1.83 -9.26 13.95
C GLN B 508 2.04 -7.77 13.82
N GLU B 509 1.54 -7.01 14.80
CA GLU B 509 1.73 -5.57 14.83
C GLU B 509 3.24 -5.29 14.67
N ALA B 510 4.01 -5.69 15.70
CA ALA B 510 5.46 -5.43 15.80
C ALA B 510 6.20 -5.92 14.56
N LEU B 511 5.90 -7.16 14.24
CA LEU B 511 6.43 -7.84 13.08
C LEU B 511 6.21 -7.06 11.77
N CYS B 512 5.06 -6.40 11.62
CA CYS B 512 4.78 -5.63 10.39
C CYS B 512 5.46 -4.27 10.36
N GLN B 513 5.53 -3.59 11.51
CA GLN B 513 6.31 -2.35 11.63
C GLN B 513 7.74 -2.65 11.24
N ALA B 514 8.25 -3.77 11.71
CA ALA B 514 9.55 -4.25 11.33
C ALA B 514 9.67 -4.39 9.81
N ALA B 515 8.57 -4.72 9.16
CA ALA B 515 8.58 -4.91 7.72
C ALA B 515 8.22 -3.63 6.94
N LYS B 516 8.42 -2.49 7.60
CA LYS B 516 8.11 -1.16 7.02
C LYS B 516 6.77 -1.16 6.32
N HIS B 517 5.73 -1.67 6.99
CA HIS B 517 4.45 -1.86 6.33
C HIS B 517 3.69 -0.57 6.07
N GLU B 518 2.68 -0.64 5.21
CA GLU B 518 1.87 0.54 4.84
C GLU B 518 0.80 0.98 5.85
N GLY B 519 -0.44 0.57 5.63
CA GLY B 519 -1.53 1.05 6.48
C GLY B 519 -2.16 -0.01 7.36
N PRO B 520 -3.46 -0.32 7.09
CA PRO B 520 -4.28 -1.19 7.94
C PRO B 520 -3.61 -2.54 8.17
N LEU B 521 -3.46 -2.94 9.44
CA LEU B 521 -2.75 -4.18 9.80
C LEU B 521 -3.17 -5.44 9.03
N HIS B 522 -4.46 -5.69 8.91
CA HIS B 522 -4.97 -6.76 8.06
C HIS B 522 -4.40 -6.83 6.61
N LYS B 523 -3.90 -5.72 6.09
CA LYS B 523 -3.38 -5.73 4.72
C LYS B 523 -1.92 -6.14 4.66
N CYS B 524 -1.38 -6.44 5.84
CA CYS B 524 0.06 -6.69 5.99
C CYS B 524 0.48 -8.09 5.71
N ASP B 525 1.44 -8.22 4.79
CA ASP B 525 2.07 -9.51 4.52
C ASP B 525 3.57 -9.39 4.77
N ILE B 526 4.07 -10.20 5.73
CA ILE B 526 5.51 -10.16 6.08
C ILE B 526 6.33 -11.07 5.17
N SER B 527 5.82 -11.38 3.98
CA SER B 527 6.59 -12.17 3.04
C SER B 527 7.76 -11.34 2.57
N ASN B 528 8.75 -12.00 1.99
CA ASN B 528 9.95 -11.36 1.48
C ASN B 528 10.78 -10.56 2.52
N SER B 529 10.18 -10.18 3.66
CA SER B 529 10.82 -9.23 4.59
C SER B 529 11.67 -9.85 5.68
N THR B 530 12.88 -10.22 5.30
CA THR B 530 13.86 -10.82 6.20
C THR B 530 14.09 -10.12 7.54
N GLU B 531 13.84 -8.81 7.59
CA GLU B 531 14.09 -8.02 8.78
C GLU B 531 13.01 -8.30 9.80
N ALA B 532 11.79 -8.44 9.28
CA ALA B 532 10.64 -8.79 10.06
C ALA B 532 10.75 -10.23 10.54
N GLY B 533 11.34 -11.08 9.68
CA GLY B 533 11.61 -12.47 10.03
C GLY B 533 12.66 -12.61 11.11
N GLN B 534 13.72 -11.80 11.05
CA GLN B 534 14.78 -11.79 12.06
C GLN B 534 14.22 -11.40 13.44
N LYS B 535 13.50 -10.28 13.46
CA LYS B 535 12.83 -9.83 14.65
C LYS B 535 12.10 -10.96 15.36
N LEU B 536 11.29 -11.72 14.64
CA LEU B 536 10.59 -12.87 15.22
C LEU B 536 11.58 -13.91 15.77
N PHE B 537 12.52 -14.31 14.91
CA PHE B 537 13.52 -15.34 15.21
C PHE B 537 14.25 -15.13 16.56
N ASN B 538 14.67 -13.89 16.82
CA ASN B 538 15.44 -13.58 18.03
C ASN B 538 14.76 -13.96 19.32
N MET B 539 13.44 -13.79 19.39
CA MET B 539 12.68 -14.22 20.57
C MET B 539 12.31 -15.68 20.39
N LEU B 540 12.25 -16.10 19.13
CA LEU B 540 11.79 -17.43 18.81
C LEU B 540 12.72 -18.50 19.40
N ARG B 541 14.02 -18.21 19.46
CA ARG B 541 15.01 -19.22 19.87
C ARG B 541 15.29 -19.30 21.38
N LEU B 542 14.71 -18.39 22.14
CA LEU B 542 14.92 -18.34 23.57
C LEU B 542 14.21 -19.48 24.35
N GLY B 543 13.28 -20.19 23.72
CA GLY B 543 12.56 -21.27 24.39
C GLY B 543 11.94 -20.84 25.72
N LYS B 544 12.00 -21.74 26.72
CA LYS B 544 11.47 -21.51 28.10
C LYS B 544 12.46 -20.76 29.07
N SER B 545 13.60 -20.33 28.54
CA SER B 545 14.69 -19.73 29.34
C SER B 545 14.35 -18.35 29.87
N GLU B 546 13.48 -17.65 29.15
CA GLU B 546 12.99 -16.35 29.55
C GLU B 546 11.55 -16.50 30.06
N PRO B 547 11.23 -15.86 31.19
CA PRO B 547 9.82 -15.89 31.54
C PRO B 547 9.04 -15.07 30.49
N TRP B 548 7.92 -15.62 30.07
CA TRP B 548 7.20 -15.14 28.89
C TRP B 548 6.85 -13.66 28.89
N THR B 549 6.71 -13.11 30.09
CA THR B 549 6.46 -11.68 30.30
C THR B 549 7.58 -10.81 29.76
N LEU B 550 8.82 -11.28 29.93
CA LEU B 550 10.00 -10.65 29.32
C LEU B 550 10.06 -11.05 27.87
N ALA B 551 9.98 -12.36 27.62
CA ALA B 551 10.08 -12.92 26.28
C ALA B 551 9.20 -12.15 25.27
N LEU B 552 8.05 -11.70 25.76
CA LEU B 552 7.08 -10.94 24.95
C LEU B 552 7.55 -9.49 24.76
N GLU B 553 7.91 -8.84 25.86
CA GLU B 553 8.27 -7.41 25.87
C GLU B 553 9.42 -7.05 24.94
N ASN B 554 10.18 -8.06 24.54
CA ASN B 554 11.27 -7.87 23.59
C ASN B 554 10.78 -7.54 22.18
N VAL B 555 9.78 -8.29 21.71
CA VAL B 555 9.30 -8.23 20.32
C VAL B 555 8.25 -7.15 20.12
N VAL B 556 7.19 -7.23 20.92
CA VAL B 556 6.06 -6.32 20.80
C VAL B 556 6.33 -4.95 21.42
N GLY B 557 6.61 -4.95 22.73
CA GLY B 557 6.80 -3.72 23.48
C GLY B 557 6.32 -3.80 24.92
N ALA B 558 5.28 -4.58 25.20
CA ALA B 558 4.72 -4.61 26.56
C ALA B 558 4.93 -5.94 27.28
N LYS B 559 4.57 -5.97 28.57
CA LYS B 559 4.89 -7.09 29.45
C LYS B 559 3.75 -8.10 29.60
N ASN B 560 2.51 -7.63 29.46
CA ASN B 560 1.34 -8.50 29.54
C ASN B 560 0.46 -8.37 28.27
N MET B 561 -0.32 -9.41 27.97
CA MET B 561 -1.18 -9.41 26.77
C MET B 561 -2.08 -8.17 26.64
N ASN B 562 -2.19 -7.64 25.43
CA ASN B 562 -2.94 -6.41 25.18
C ASN B 562 -3.91 -6.52 24.03
N VAL B 563 -5.18 -6.61 24.38
CA VAL B 563 -6.27 -6.86 23.44
C VAL B 563 -6.41 -5.81 22.31
N ARG B 564 -5.47 -4.87 22.23
CA ARG B 564 -5.59 -3.72 21.32
C ARG B 564 -5.44 -4.04 19.83
N PRO B 565 -4.29 -4.63 19.43
CA PRO B 565 -4.12 -4.94 18.01
C PRO B 565 -5.30 -5.75 17.47
N LEU B 566 -5.72 -6.81 18.18
CA LEU B 566 -6.88 -7.59 17.75
C LEU B 566 -8.00 -6.64 17.30
N LEU B 567 -8.47 -5.80 18.22
CA LEU B 567 -9.57 -4.87 17.98
C LEU B 567 -9.38 -4.02 16.71
N ASN B 568 -8.13 -3.59 16.46
CA ASN B 568 -7.79 -2.81 15.27
C ASN B 568 -7.82 -3.57 13.95
N TYR B 569 -7.18 -4.74 13.94
CA TYR B 569 -7.17 -5.58 12.77
C TYR B 569 -8.59 -5.73 12.30
N PHE B 570 -9.53 -5.65 13.24
CA PHE B 570 -10.96 -5.79 12.94
C PHE B 570 -11.80 -4.53 12.79
N GLU B 571 -11.28 -3.41 13.28
CA GLU B 571 -11.97 -2.12 13.20
C GLU B 571 -12.78 -1.86 11.92
N PRO B 572 -12.21 -2.10 10.71
CA PRO B 572 -13.02 -1.91 9.50
C PRO B 572 -14.34 -2.70 9.54
N LEU B 573 -14.21 -3.99 9.91
CA LEU B 573 -15.35 -4.88 9.98
C LEU B 573 -16.22 -4.53 11.17
N PHE B 574 -15.61 -4.01 12.24
CA PHE B 574 -16.41 -3.56 13.35
C PHE B 574 -17.30 -2.39 13.01
N THR B 575 -16.79 -1.41 12.27
CA THR B 575 -17.65 -0.25 12.06
C THR B 575 -18.75 -0.74 11.14
N TRP B 576 -18.36 -1.54 10.14
CA TRP B 576 -19.29 -1.98 9.11
C TRP B 576 -20.43 -2.85 9.69
N LEU B 577 -20.09 -3.85 10.52
CA LEU B 577 -21.09 -4.61 11.30
C LEU B 577 -22.14 -3.75 12.04
N LYS B 578 -21.66 -2.82 12.88
CA LYS B 578 -22.52 -1.83 13.58
C LYS B 578 -23.60 -1.22 12.68
N ASP B 579 -23.20 -0.81 11.47
CA ASP B 579 -24.10 -0.20 10.50
C ASP B 579 -24.97 -1.28 9.88
N GLN B 580 -24.34 -2.36 9.46
CA GLN B 580 -25.09 -3.40 8.83
C GLN B 580 -26.20 -3.86 9.76
N ASN B 581 -25.95 -3.86 11.06
CA ASN B 581 -26.94 -4.29 12.01
C ASN B 581 -28.07 -3.29 12.34
N LYS B 582 -28.05 -2.10 11.76
CA LYS B 582 -29.04 -1.06 12.10
C LYS B 582 -30.46 -1.60 12.21
N ASN B 583 -30.73 -2.69 11.49
CA ASN B 583 -32.08 -3.26 11.46
C ASN B 583 -32.22 -4.59 12.19
N SER B 584 -31.15 -5.04 12.83
CA SER B 584 -31.15 -6.33 13.48
C SER B 584 -31.14 -6.02 14.95
N PHE B 585 -31.59 -6.96 15.76
CA PHE B 585 -31.43 -6.80 17.17
C PHE B 585 -30.04 -7.28 17.59
N VAL B 586 -29.25 -6.38 18.17
CA VAL B 586 -27.85 -6.65 18.53
C VAL B 586 -27.78 -7.19 19.94
N GLY B 587 -27.36 -8.44 20.08
CA GLY B 587 -27.40 -9.13 21.37
C GLY B 587 -28.48 -10.19 21.48
N TRP B 588 -28.58 -10.84 22.64
CA TRP B 588 -29.45 -12.01 22.77
C TRP B 588 -30.10 -12.21 24.14
N SER B 589 -31.25 -12.86 24.16
CA SER B 589 -31.91 -13.23 25.40
C SER B 589 -31.43 -14.58 25.92
N THR B 590 -31.19 -14.65 27.23
CA THR B 590 -30.74 -15.89 27.90
C THR B 590 -31.82 -16.95 27.82
N ASP B 591 -33.05 -16.51 27.54
CA ASP B 591 -34.18 -17.40 27.37
C ASP B 591 -34.35 -17.82 25.90
N TRP B 592 -35.55 -18.34 25.60
CA TRP B 592 -35.86 -18.89 24.28
C TRP B 592 -35.09 -20.21 24.11
N SER B 593 -35.82 -21.25 23.76
CA SER B 593 -35.23 -22.58 23.62
C SER B 593 -35.95 -23.26 22.45
N PRO B 594 -35.20 -23.64 21.39
CA PRO B 594 -35.86 -24.28 20.25
C PRO B 594 -36.77 -25.46 20.67
N TYR B 595 -36.56 -26.03 21.86
CA TYR B 595 -37.32 -27.19 22.32
C TYR B 595 -38.49 -26.80 23.21
N ALA B 596 -38.23 -25.87 24.13
CA ALA B 596 -39.27 -25.34 25.02
C ALA B 596 -40.18 -24.34 24.28
N ASP B 597 -40.24 -24.51 22.95
CA ASP B 597 -41.03 -23.67 22.05
C ASP B 597 -42.52 -24.04 22.08
N PRO C 1 -54.56 27.37 -36.90
CA PRO C 1 -54.04 28.74 -36.77
C PRO C 1 -52.63 28.76 -36.20
N PHE C 2 -52.15 27.59 -35.74
CA PHE C 2 -50.83 27.45 -35.11
C PHE C 2 -49.67 27.91 -35.99
N GLY C 3 -49.86 27.77 -37.30
CA GLY C 3 -48.87 28.21 -38.29
C GLY C 3 -48.42 29.64 -38.05
N GLU C 4 -49.25 30.41 -37.36
CA GLU C 4 -48.96 31.82 -37.12
C GLU C 4 -47.94 32.12 -36.00
N VAL C 5 -47.74 31.18 -35.06
CA VAL C 5 -46.79 31.42 -33.95
C VAL C 5 -45.45 30.70 -34.12
N PHE C 6 -45.49 29.37 -34.22
CA PHE C 6 -44.35 28.60 -34.74
C PHE C 6 -44.27 29.00 -36.21
N ASN C 7 -43.26 28.53 -36.94
CA ASN C 7 -43.13 28.88 -38.37
C ASN C 7 -43.03 30.42 -38.61
N ALA C 8 -43.40 31.21 -37.60
CA ALA C 8 -43.40 32.69 -37.68
C ALA C 8 -41.99 33.23 -37.86
N THR C 9 -41.90 34.39 -38.49
CA THR C 9 -40.65 34.91 -39.05
C THR C 9 -39.79 35.72 -38.09
N LYS C 10 -40.42 36.34 -37.11
CA LYS C 10 -39.75 37.14 -36.10
C LYS C 10 -40.31 36.84 -34.70
N PHE C 11 -39.43 36.77 -33.73
CA PHE C 11 -39.83 36.45 -32.36
C PHE C 11 -39.49 37.58 -31.43
N PRO C 12 -40.13 37.62 -30.26
CA PRO C 12 -39.85 38.66 -29.28
C PRO C 12 -38.82 38.31 -28.22
N SER C 13 -38.37 39.34 -27.50
CA SER C 13 -37.46 39.17 -26.38
C SER C 13 -38.26 38.70 -25.19
N VAL C 14 -37.71 37.73 -24.43
CA VAL C 14 -38.39 37.21 -23.23
C VAL C 14 -39.06 38.28 -22.38
N TYR C 15 -38.35 39.39 -22.14
CA TYR C 15 -38.83 40.43 -21.24
C TYR C 15 -40.14 41.02 -21.71
N ALA C 16 -40.30 41.07 -23.04
CA ALA C 16 -41.51 41.57 -23.67
C ALA C 16 -42.15 40.48 -24.52
N TRP C 17 -42.45 39.35 -23.89
CA TRP C 17 -43.00 38.17 -24.56
C TRP C 17 -44.44 38.35 -25.05
N GLU C 18 -44.80 37.69 -26.14
CA GLU C 18 -46.10 37.87 -26.73
C GLU C 18 -46.98 36.70 -26.45
N ARG C 19 -48.21 36.99 -26.05
CA ARG C 19 -49.26 35.99 -25.87
C ARG C 19 -50.22 36.05 -27.04
N LYS C 20 -50.58 34.87 -27.55
CA LYS C 20 -51.67 34.74 -28.51
C LYS C 20 -52.82 33.96 -27.86
N LYS C 21 -54.04 34.39 -28.13
CA LYS C 21 -55.26 33.76 -27.59
C LYS C 21 -56.01 33.04 -28.69
N ILE C 22 -55.87 31.71 -28.71
CA ILE C 22 -56.53 30.88 -29.71
C ILE C 22 -57.73 30.12 -29.12
N SER C 23 -58.91 30.52 -29.58
CA SER C 23 -60.19 29.91 -29.22
C SER C 23 -61.01 29.59 -30.49
N ASN C 24 -62.05 28.76 -30.34
CA ASN C 24 -62.89 28.30 -31.47
C ASN C 24 -62.15 27.40 -32.46
N CYS C 25 -60.84 27.60 -32.54
CA CYS C 25 -59.99 26.90 -33.50
C CYS C 25 -60.07 25.40 -33.34
N VAL C 26 -59.81 24.69 -34.44
CA VAL C 26 -59.57 23.26 -34.38
C VAL C 26 -58.20 22.95 -34.96
N ALA C 27 -57.40 22.23 -34.16
CA ALA C 27 -56.10 21.74 -34.58
C ALA C 27 -55.85 20.41 -33.89
N ASP C 28 -55.17 19.51 -34.60
CA ASP C 28 -55.02 18.10 -34.19
C ASP C 28 -53.87 17.84 -33.22
N TYR C 29 -53.05 18.86 -32.95
CA TYR C 29 -51.79 18.75 -32.15
C TYR C 29 -50.78 17.76 -32.76
N SER C 30 -51.18 17.14 -33.88
CA SER C 30 -50.33 16.23 -34.63
C SER C 30 -49.31 17.03 -35.46
N VAL C 31 -49.57 18.33 -35.60
CA VAL C 31 -48.62 19.26 -36.20
C VAL C 31 -47.34 19.27 -35.34
N LEU C 32 -47.51 19.11 -34.03
CA LEU C 32 -46.43 19.25 -33.07
C LEU C 32 -45.87 17.91 -32.63
N TYR C 33 -46.74 16.93 -32.38
CA TYR C 33 -46.35 15.59 -31.90
C TYR C 33 -45.13 15.07 -32.63
N ASN C 34 -45.33 14.61 -33.87
CA ASN C 34 -44.25 14.11 -34.72
C ASN C 34 -43.39 15.26 -35.27
N SER C 35 -42.09 15.23 -34.96
CA SER C 35 -41.12 16.22 -35.47
C SER C 35 -39.82 16.22 -34.67
N THR C 36 -38.72 15.79 -35.29
CA THR C 36 -37.40 16.00 -34.67
C THR C 36 -36.85 17.35 -35.15
N PHE C 37 -37.72 18.36 -34.99
CA PHE C 37 -37.39 19.77 -35.20
C PHE C 37 -37.32 20.40 -33.82
N PHE C 38 -38.04 19.81 -32.87
CA PHE C 38 -38.04 20.29 -31.51
C PHE C 38 -36.94 19.63 -30.72
N SER C 39 -36.39 20.35 -29.75
CA SER C 39 -35.44 19.80 -28.80
C SER C 39 -36.00 19.72 -27.37
N THR C 40 -37.09 20.45 -27.10
CA THR C 40 -37.71 20.42 -25.80
C THR C 40 -39.21 20.38 -25.94
N PHE C 41 -39.83 19.41 -25.25
CA PHE C 41 -41.27 19.17 -25.30
C PHE C 41 -41.80 18.77 -23.93
N LYS C 42 -41.24 19.33 -22.87
CA LYS C 42 -41.68 18.94 -21.54
C LYS C 42 -43.09 19.45 -21.31
N CYS C 43 -44.04 18.53 -21.10
CA CYS C 43 -45.47 18.84 -20.99
C CYS C 43 -46.01 18.63 -19.58
N TYR C 44 -45.91 19.66 -18.74
CA TYR C 44 -46.29 19.53 -17.33
C TYR C 44 -47.81 19.51 -17.16
N GLY C 45 -48.46 18.52 -17.77
CA GLY C 45 -49.92 18.40 -17.74
C GLY C 45 -50.38 17.05 -18.25
N VAL C 46 -50.16 16.80 -19.55
CA VAL C 46 -50.51 15.53 -20.22
C VAL C 46 -49.89 15.37 -21.63
N SER C 47 -50.56 14.58 -22.48
CA SER C 47 -50.28 14.41 -23.93
C SER C 47 -51.32 13.46 -24.59
N ALA C 48 -52.41 14.05 -25.08
CA ALA C 48 -53.50 13.35 -25.74
C ALA C 48 -54.19 14.29 -26.75
N THR C 49 -55.47 14.06 -27.05
CA THR C 49 -56.24 14.92 -27.96
C THR C 49 -57.75 14.83 -27.70
N LYS C 50 -58.34 15.97 -27.37
CA LYS C 50 -59.81 16.11 -27.31
C LYS C 50 -60.34 17.17 -28.33
N LEU C 51 -59.40 17.83 -29.02
CA LEU C 51 -59.67 18.81 -30.11
C LEU C 51 -60.54 20.02 -29.72
N ASN C 52 -60.03 20.83 -28.77
CA ASN C 52 -60.69 22.05 -28.28
C ASN C 52 -60.81 23.12 -29.38
N VAL C 59 -57.06 28.33 -24.84
CA VAL C 59 -55.65 28.06 -25.15
C VAL C 59 -54.81 29.32 -25.33
N TYR C 60 -53.75 29.45 -24.51
CA TYR C 60 -52.82 30.56 -24.62
C TYR C 60 -51.47 30.09 -25.17
N ALA C 61 -50.87 30.88 -26.06
CA ALA C 61 -49.60 30.51 -26.72
C ALA C 61 -48.50 31.61 -26.68
N ASP C 62 -47.90 31.79 -25.51
CA ASP C 62 -46.81 32.74 -25.32
C ASP C 62 -45.62 32.29 -26.15
N SER C 63 -44.83 33.24 -26.67
CA SER C 63 -43.59 32.89 -27.37
C SER C 63 -42.45 33.90 -27.16
N PHE C 64 -41.20 33.43 -27.30
CA PHE C 64 -39.98 34.26 -27.11
C PHE C 64 -38.64 33.52 -27.38
N VAL C 65 -37.55 34.19 -27.04
CA VAL C 65 -36.21 33.70 -27.31
C VAL C 65 -35.38 33.74 -26.02
N VAL C 66 -34.71 32.64 -25.74
CA VAL C 66 -33.70 32.60 -24.69
C VAL C 66 -32.44 31.85 -25.15
N LYS C 67 -31.31 32.19 -24.53
CA LYS C 67 -30.08 31.37 -24.53
C LYS C 67 -30.39 29.90 -24.26
N GLY C 68 -29.52 29.00 -24.71
CA GLY C 68 -29.77 27.56 -24.53
C GLY C 68 -29.97 27.10 -23.08
N ASP C 69 -28.95 27.32 -22.27
CA ASP C 69 -28.99 26.96 -20.86
C ASP C 69 -30.08 27.73 -20.12
N ASP C 70 -30.68 28.71 -20.80
CA ASP C 70 -31.77 29.48 -20.19
C ASP C 70 -33.08 28.69 -20.16
N VAL C 71 -33.29 27.88 -21.20
CA VAL C 71 -34.53 27.12 -21.42
C VAL C 71 -35.01 26.33 -20.21
N ARG C 72 -34.08 25.67 -19.49
CA ARG C 72 -34.44 24.86 -18.31
C ARG C 72 -35.22 25.61 -17.23
N GLN C 73 -35.37 26.92 -17.39
CA GLN C 73 -36.15 27.77 -16.49
C GLN C 73 -37.56 28.06 -16.97
N ILE C 74 -37.96 27.44 -18.06
CA ILE C 74 -39.34 27.58 -18.43
C ILE C 74 -40.03 26.30 -17.94
N ALA C 75 -40.26 26.27 -16.63
CA ALA C 75 -40.85 25.13 -15.91
C ALA C 75 -41.14 25.57 -14.47
N PRO C 76 -42.16 24.96 -13.82
CA PRO C 76 -42.48 25.28 -12.40
C PRO C 76 -41.29 25.11 -11.43
N GLY C 77 -41.23 25.95 -10.39
CA GLY C 77 -40.00 26.08 -9.60
C GLY C 77 -38.98 26.95 -10.34
N GLN C 78 -37.75 26.44 -10.45
CA GLN C 78 -36.57 27.15 -11.03
C GLN C 78 -36.31 28.57 -10.47
N THR C 79 -35.07 28.82 -10.02
CA THR C 79 -34.74 30.07 -9.32
C THR C 79 -35.12 31.22 -10.22
N GLY C 80 -34.25 31.56 -11.17
CA GLY C 80 -34.54 32.72 -11.98
C GLY C 80 -33.44 33.40 -12.74
N VAL C 81 -33.41 34.72 -12.63
CA VAL C 81 -32.86 35.65 -13.63
C VAL C 81 -33.80 35.74 -14.81
N ILE C 82 -34.19 34.60 -15.39
CA ILE C 82 -35.24 34.57 -16.41
C ILE C 82 -36.59 34.31 -15.77
N ALA C 83 -36.69 33.27 -14.96
CA ALA C 83 -37.93 32.97 -14.25
C ALA C 83 -38.22 34.01 -13.14
N ASP C 84 -37.16 34.61 -12.60
CA ASP C 84 -37.32 35.71 -11.67
C ASP C 84 -37.79 37.00 -12.37
N TYR C 85 -37.22 37.28 -13.55
CA TYR C 85 -37.35 38.62 -14.08
C TYR C 85 -38.01 38.83 -15.46
N ASN C 86 -38.07 37.81 -16.29
CA ASN C 86 -38.63 38.02 -17.64
C ASN C 86 -39.93 37.29 -17.86
N TYR C 87 -39.97 36.04 -17.40
CA TYR C 87 -41.11 35.11 -17.59
C TYR C 87 -41.20 34.01 -16.51
N LYS C 88 -42.38 33.81 -15.94
CA LYS C 88 -42.57 32.84 -14.84
C LYS C 88 -43.81 31.98 -15.02
N LEU C 89 -43.62 30.67 -15.04
CA LEU C 89 -44.73 29.72 -15.03
C LEU C 89 -45.21 29.47 -13.61
N PRO C 90 -46.52 29.21 -13.42
CA PRO C 90 -47.07 28.94 -12.07
C PRO C 90 -46.65 27.59 -11.55
N ASP C 91 -46.63 27.45 -10.22
CA ASP C 91 -46.27 26.18 -9.59
C ASP C 91 -47.10 25.04 -10.15
N ASP C 92 -48.35 25.36 -10.51
CA ASP C 92 -49.30 24.34 -10.93
C ASP C 92 -49.82 24.54 -12.35
N PHE C 93 -51.03 25.07 -12.45
CA PHE C 93 -51.81 25.27 -13.69
C PHE C 93 -50.96 25.24 -14.96
N MET C 94 -50.84 24.09 -15.60
CA MET C 94 -49.95 24.00 -16.74
C MET C 94 -50.41 23.24 -17.98
N GLY C 95 -49.57 23.31 -19.01
CA GLY C 95 -49.75 22.57 -20.25
C GLY C 95 -48.41 22.06 -20.77
N CYS C 96 -47.82 22.79 -21.72
CA CYS C 96 -46.56 22.36 -22.38
C CYS C 96 -45.58 23.48 -22.69
N VAL C 97 -44.35 23.10 -23.03
CA VAL C 97 -43.20 24.00 -23.28
C VAL C 97 -42.41 23.47 -24.48
N LEU C 98 -42.09 24.33 -25.44
CA LEU C 98 -41.43 23.87 -26.68
C LEU C 98 -40.24 24.73 -27.17
N ALA C 99 -39.14 24.07 -27.55
CA ALA C 99 -37.94 24.78 -27.99
C ALA C 99 -37.27 24.16 -29.22
N TRP C 100 -36.29 24.87 -29.77
CA TRP C 100 -35.66 24.50 -31.03
C TRP C 100 -34.44 25.40 -31.30
N ASN C 101 -33.31 24.81 -31.67
CA ASN C 101 -32.11 25.62 -31.89
C ASN C 101 -32.17 26.49 -33.14
N THR C 102 -32.38 27.79 -32.93
CA THR C 102 -32.53 28.71 -34.06
C THR C 102 -31.26 29.52 -34.25
N ARG C 103 -30.16 28.81 -34.35
CA ARG C 103 -28.83 29.40 -34.45
C ARG C 103 -28.65 30.03 -35.82
N ASN C 104 -29.12 29.31 -36.83
CA ASN C 104 -28.97 29.67 -38.23
C ASN C 104 -29.81 30.88 -38.57
N ILE C 105 -30.80 31.12 -37.71
CA ILE C 105 -31.82 32.12 -37.94
C ILE C 105 -31.60 33.38 -37.07
N ASP C 106 -31.39 33.18 -35.77
CA ASP C 106 -31.30 34.26 -34.81
C ASP C 106 -29.86 34.59 -34.43
N ALA C 107 -28.90 34.01 -35.13
CA ALA C 107 -27.51 34.26 -34.77
C ALA C 107 -26.65 34.37 -36.01
N THR C 108 -25.61 35.20 -35.91
CA THR C 108 -24.69 35.47 -37.02
C THR C 108 -23.25 35.29 -36.57
N SER C 109 -22.36 35.06 -37.54
CA SER C 109 -20.93 34.85 -37.26
C SER C 109 -20.31 36.12 -36.71
N THR C 110 -21.04 37.23 -36.84
CA THR C 110 -20.52 38.52 -36.47
C THR C 110 -21.13 39.03 -35.16
N GLY C 111 -22.20 38.34 -34.73
CA GLY C 111 -22.91 38.63 -33.49
C GLY C 111 -24.24 39.33 -33.70
N ASN C 112 -25.30 38.75 -33.14
CA ASN C 112 -26.62 39.35 -33.17
C ASN C 112 -27.08 39.77 -31.78
N TYR C 113 -27.03 41.06 -31.50
CA TYR C 113 -27.44 41.55 -30.19
C TYR C 113 -28.88 42.11 -30.11
N ASN C 114 -29.78 41.64 -30.98
CA ASN C 114 -31.13 42.20 -31.02
C ASN C 114 -32.00 41.75 -29.89
N TYR C 115 -31.85 40.49 -29.48
CA TYR C 115 -32.67 39.92 -28.41
C TYR C 115 -32.19 40.43 -27.08
N LYS C 116 -33.13 40.80 -26.22
CA LYS C 116 -32.86 41.26 -24.84
C LYS C 116 -33.43 40.31 -23.78
N TYR C 117 -33.05 40.55 -22.51
CA TYR C 117 -33.61 39.92 -21.30
C TYR C 117 -33.35 40.86 -20.11
N ARG C 118 -34.08 40.71 -19.00
CA ARG C 118 -33.90 41.56 -17.81
C ARG C 118 -33.04 40.89 -16.73
N TYR C 119 -32.17 41.65 -16.07
CA TYR C 119 -31.25 41.06 -15.11
C TYR C 119 -31.24 41.81 -13.80
N LEU C 120 -32.04 42.85 -13.71
CA LEU C 120 -32.24 43.53 -12.42
C LEU C 120 -33.70 43.89 -12.22
N ARG C 121 -34.23 43.57 -11.04
CA ARG C 121 -35.55 44.04 -10.63
C ARG C 121 -35.72 44.00 -9.15
N HIS C 122 -36.53 44.93 -8.64
CA HIS C 122 -36.96 44.91 -7.26
C HIS C 122 -38.17 43.97 -7.22
N GLY C 123 -37.95 42.78 -6.68
CA GLY C 123 -39.02 41.76 -6.58
C GLY C 123 -39.10 40.78 -7.72
N LYS C 124 -39.76 39.66 -7.48
CA LYS C 124 -39.94 38.65 -8.51
C LYS C 124 -41.30 38.78 -9.18
N LEU C 125 -41.44 38.13 -10.33
CA LEU C 125 -42.65 38.21 -11.11
C LEU C 125 -43.67 37.24 -10.59
N ARG C 126 -44.92 37.44 -10.99
CA ARG C 126 -45.98 36.50 -10.65
C ARG C 126 -46.25 35.68 -11.90
N PRO C 127 -46.64 34.41 -11.70
CA PRO C 127 -46.99 33.60 -12.86
C PRO C 127 -47.69 34.41 -13.95
N PHE C 128 -47.11 34.34 -15.15
CA PHE C 128 -47.63 35.00 -16.36
C PHE C 128 -47.70 36.52 -16.33
N GLU C 129 -46.96 37.12 -15.41
CA GLU C 129 -46.80 38.56 -15.36
C GLU C 129 -45.79 38.98 -16.44
N ARG C 130 -45.68 40.29 -16.67
CA ARG C 130 -44.83 40.88 -17.70
C ARG C 130 -44.36 42.23 -17.17
N ASP C 131 -43.23 42.71 -17.67
CA ASP C 131 -42.74 44.01 -17.27
C ASP C 131 -41.96 44.61 -18.44
N ILE C 132 -42.53 45.63 -19.05
CA ILE C 132 -41.99 46.29 -20.23
C ILE C 132 -41.33 47.61 -19.83
N SER C 133 -41.11 47.81 -18.53
CA SER C 133 -40.48 49.02 -18.07
C SER C 133 -38.99 48.96 -18.37
N ASN C 134 -38.47 50.09 -18.85
CA ASN C 134 -37.04 50.30 -18.97
C ASN C 134 -36.60 51.62 -18.31
N VAL C 135 -36.36 51.55 -17.00
CA VAL C 135 -36.04 52.72 -16.15
C VAL C 135 -34.81 52.45 -15.29
N PRO C 136 -33.79 53.34 -15.38
CA PRO C 136 -32.58 53.21 -14.57
C PRO C 136 -32.85 52.69 -13.15
N PHE C 137 -32.14 51.59 -12.81
CA PHE C 137 -32.32 50.82 -11.57
C PHE C 137 -31.19 51.06 -10.58
N SER C 138 -31.57 51.40 -9.35
CA SER C 138 -30.65 51.51 -8.23
C SER C 138 -31.17 50.56 -7.18
N PRO C 139 -30.27 49.85 -6.48
CA PRO C 139 -30.75 48.76 -5.59
C PRO C 139 -31.52 49.22 -4.35
N ASP C 140 -32.28 50.31 -4.47
CA ASP C 140 -33.00 50.93 -3.34
C ASP C 140 -33.84 52.14 -3.79
N GLY C 141 -34.92 51.89 -4.52
CA GLY C 141 -35.76 52.96 -5.08
C GLY C 141 -34.92 54.01 -5.78
N LYS C 142 -35.08 55.26 -5.36
CA LYS C 142 -34.21 56.37 -5.78
C LYS C 142 -34.00 56.50 -7.29
N PRO C 143 -34.62 57.51 -7.92
CA PRO C 143 -34.45 57.67 -9.37
C PRO C 143 -32.98 57.75 -9.76
N CYS C 144 -32.53 56.72 -10.44
CA CYS C 144 -31.18 56.61 -10.97
C CYS C 144 -30.94 57.63 -12.06
N THR C 145 -29.68 57.98 -12.29
CA THR C 145 -29.35 58.81 -13.45
C THR C 145 -27.98 58.50 -13.95
N PRO C 146 -27.87 57.48 -14.82
CA PRO C 146 -26.57 57.14 -15.41
C PRO C 146 -25.88 58.39 -15.95
N PRO C 147 -24.54 58.44 -15.85
CA PRO C 147 -23.63 57.41 -15.33
C PRO C 147 -23.44 57.31 -13.80
N ALA C 148 -24.20 58.08 -13.00
CA ALA C 148 -24.11 58.04 -11.53
C ALA C 148 -23.88 56.63 -11.00
N LEU C 149 -22.92 56.48 -10.08
CA LEU C 149 -22.50 55.15 -9.57
C LEU C 149 -23.65 54.34 -8.94
N ASN C 150 -23.71 53.05 -9.27
CA ASN C 150 -24.81 52.14 -8.89
C ASN C 150 -26.15 52.37 -9.61
N CYS C 151 -26.02 52.97 -10.79
CA CYS C 151 -27.08 53.02 -11.81
C CYS C 151 -26.82 51.99 -12.89
N TYR C 152 -27.85 51.23 -13.20
CA TYR C 152 -27.78 50.30 -14.32
C TYR C 152 -29.09 50.33 -15.09
N TRP C 153 -29.00 50.20 -16.42
CA TRP C 153 -30.18 49.95 -17.23
C TRP C 153 -30.53 48.49 -17.10
N PRO C 154 -31.78 48.19 -16.70
CA PRO C 154 -32.10 46.83 -16.28
C PRO C 154 -32.20 45.83 -17.43
N LEU C 155 -32.17 46.34 -18.66
CA LEU C 155 -32.24 45.48 -19.86
C LEU C 155 -30.86 45.15 -20.40
N ASN C 156 -30.68 43.95 -20.95
CA ASN C 156 -29.38 43.52 -21.48
C ASN C 156 -29.53 42.80 -22.83
N ASP C 157 -28.54 42.96 -23.71
CA ASP C 157 -28.52 42.20 -24.96
C ASP C 157 -28.01 40.76 -24.76
N TYR C 158 -28.31 39.91 -25.73
CA TYR C 158 -27.91 38.52 -25.65
C TYR C 158 -26.62 38.29 -26.45
N GLY C 159 -26.44 38.94 -27.59
CA GLY C 159 -25.29 38.59 -28.45
C GLY C 159 -25.15 37.08 -28.86
N PHE C 160 -25.92 36.67 -29.86
CA PHE C 160 -25.89 35.32 -30.33
C PHE C 160 -24.99 35.17 -31.54
N TYR C 161 -23.80 34.60 -31.32
CA TYR C 161 -22.88 34.20 -32.38
C TYR C 161 -23.08 32.73 -32.72
N THR C 162 -22.90 32.41 -34.01
CA THR C 162 -23.05 31.03 -34.52
C THR C 162 -22.02 30.06 -33.94
N THR C 163 -20.83 30.57 -33.61
CA THR C 163 -19.72 29.75 -33.15
C THR C 163 -19.83 29.31 -31.69
N THR C 164 -20.54 30.06 -30.85
CA THR C 164 -20.70 29.78 -29.41
C THR C 164 -21.09 28.34 -29.14
N GLY C 165 -20.90 27.91 -27.88
CA GLY C 165 -21.41 26.62 -27.39
C GLY C 165 -22.93 26.51 -27.39
N ILE C 166 -23.44 25.28 -27.28
CA ILE C 166 -24.88 25.03 -27.37
C ILE C 166 -25.58 25.63 -26.16
N GLY C 167 -24.83 25.85 -25.08
CA GLY C 167 -25.37 26.56 -23.94
C GLY C 167 -25.76 28.00 -24.23
N TYR C 168 -25.18 28.56 -25.29
CA TYR C 168 -25.24 29.99 -25.59
C TYR C 168 -25.86 30.28 -26.96
N GLN C 169 -26.51 29.30 -27.55
CA GLN C 169 -27.11 29.49 -28.86
C GLN C 169 -28.55 29.96 -28.69
N PRO C 170 -29.11 30.60 -29.73
CA PRO C 170 -30.46 31.09 -29.52
C PRO C 170 -31.47 29.99 -29.74
N TYR C 171 -32.54 30.06 -28.98
CA TYR C 171 -33.57 29.04 -29.03
C TYR C 171 -34.90 29.75 -28.94
N ARG C 172 -35.82 29.42 -29.83
CA ARG C 172 -37.16 29.98 -29.67
C ARG C 172 -38.04 29.10 -28.78
N VAL C 173 -38.95 29.73 -28.03
CA VAL C 173 -39.80 29.03 -27.09
C VAL C 173 -41.27 29.30 -27.35
N VAL C 174 -42.11 28.30 -27.15
CA VAL C 174 -43.54 28.51 -27.17
C VAL C 174 -44.17 27.76 -26.01
N VAL C 175 -44.74 28.53 -25.11
CA VAL C 175 -45.37 27.97 -23.96
C VAL C 175 -46.85 27.88 -24.31
N LEU C 176 -47.39 26.68 -24.26
CA LEU C 176 -48.82 26.49 -24.48
C LEU C 176 -49.55 26.27 -23.16
N SER C 177 -50.48 27.16 -22.87
CA SER C 177 -51.28 27.14 -21.65
C SER C 177 -52.73 26.78 -21.96
N PHE C 178 -53.30 25.93 -21.11
CA PHE C 178 -54.66 25.38 -21.31
C PHE C 178 -55.63 25.88 -20.21
N GLU C 179 -56.87 26.20 -20.59
CA GLU C 179 -57.82 26.82 -19.64
C GLU C 179 -59.27 26.33 -19.76
N PRO D 1 48.86 -47.11 0.67
CA PRO D 1 48.20 -47.93 1.68
C PRO D 1 47.07 -47.18 2.39
N PHE D 2 46.34 -46.34 1.65
CA PHE D 2 45.32 -45.46 2.25
C PHE D 2 43.93 -46.07 2.38
N GLY D 3 43.50 -46.80 1.35
CA GLY D 3 42.29 -47.59 1.41
C GLY D 3 42.37 -48.66 2.49
N GLU D 4 43.02 -48.30 3.61
CA GLU D 4 43.16 -49.14 4.80
C GLU D 4 42.67 -48.41 6.05
N VAL D 5 42.70 -47.08 6.00
CA VAL D 5 42.14 -46.24 7.07
C VAL D 5 40.81 -45.70 6.59
N PHE D 6 40.82 -45.00 5.46
CA PHE D 6 39.61 -44.69 4.69
C PHE D 6 39.26 -46.02 4.03
N ASN D 7 37.99 -46.22 3.67
CA ASN D 7 37.54 -47.52 3.17
C ASN D 7 37.55 -48.61 4.28
N ALA D 8 38.35 -48.41 5.33
CA ALA D 8 38.50 -49.35 6.45
C ALA D 8 37.18 -49.70 7.08
N THR D 9 37.07 -50.91 7.60
CA THR D 9 35.77 -51.48 7.94
C THR D 9 35.13 -50.94 9.23
N LYS D 10 35.68 -51.29 10.38
CA LYS D 10 35.12 -50.80 11.64
C LYS D 10 35.92 -49.59 12.12
N PHE D 11 35.28 -48.72 12.90
CA PHE D 11 35.92 -47.52 13.40
C PHE D 11 35.81 -47.41 14.91
N PRO D 12 36.84 -46.83 15.55
CA PRO D 12 36.93 -46.67 16.99
C PRO D 12 36.14 -45.48 17.48
N SER D 13 35.90 -45.44 18.78
CA SER D 13 35.21 -44.34 19.44
C SER D 13 36.22 -43.30 19.92
N VAL D 14 35.93 -42.02 19.66
CA VAL D 14 36.84 -40.90 20.01
C VAL D 14 37.76 -41.12 21.22
N TYR D 15 37.20 -41.37 22.41
CA TYR D 15 38.03 -41.42 23.61
C TYR D 15 39.20 -42.38 23.44
N ALA D 16 38.96 -43.48 22.74
CA ALA D 16 39.98 -44.47 22.43
C ALA D 16 40.24 -44.54 20.92
N TRP D 17 40.50 -43.38 20.33
CA TRP D 17 40.79 -43.24 18.89
C TRP D 17 42.04 -44.02 18.44
N GLU D 18 42.02 -44.50 17.19
CA GLU D 18 43.19 -45.24 16.65
C GLU D 18 44.19 -44.30 15.98
N ARG D 19 45.45 -44.48 16.35
CA ARG D 19 46.59 -43.84 15.70
C ARG D 19 47.18 -44.87 14.75
N LYS D 20 47.57 -44.45 13.55
CA LYS D 20 48.34 -45.33 12.64
C LYS D 20 49.68 -44.70 12.26
N LYS D 21 50.68 -45.54 12.02
CA LYS D 21 52.04 -45.10 11.70
C LYS D 21 52.41 -45.51 10.26
N ILE D 22 52.21 -44.61 9.29
CA ILE D 22 52.54 -44.91 7.88
C ILE D 22 53.74 -44.10 7.37
N SER D 23 54.83 -44.81 7.05
CA SER D 23 56.06 -44.18 6.51
C SER D 23 56.74 -45.06 5.46
N ASN D 24 57.43 -44.41 4.53
CA ASN D 24 58.09 -45.08 3.39
C ASN D 24 57.14 -45.57 2.28
N CYS D 25 55.87 -45.15 2.38
CA CYS D 25 54.90 -45.27 1.29
C CYS D 25 54.91 -43.99 0.47
N VAL D 26 54.92 -44.16 -0.86
CA VAL D 26 54.78 -43.04 -1.77
C VAL D 26 53.30 -42.87 -2.08
N ALA D 27 52.83 -41.63 -1.97
CA ALA D 27 51.43 -41.32 -2.24
C ALA D 27 51.30 -40.12 -3.18
N ASP D 28 50.17 -40.07 -3.89
CA ASP D 28 49.87 -38.96 -4.79
C ASP D 28 48.84 -38.00 -4.18
N TYR D 29 47.99 -38.53 -3.27
CA TYR D 29 46.93 -37.78 -2.57
C TYR D 29 45.67 -37.53 -3.39
N SER D 30 45.78 -37.65 -4.72
CA SER D 30 44.68 -37.39 -5.66
C SER D 30 43.40 -38.18 -5.34
N VAL D 31 43.56 -39.33 -4.68
CA VAL D 31 42.44 -40.17 -4.23
C VAL D 31 41.59 -39.39 -3.21
N LEU D 32 42.16 -38.33 -2.65
CA LEU D 32 41.46 -37.48 -1.70
C LEU D 32 41.02 -36.15 -2.32
N TYR D 33 41.83 -35.63 -3.25
CA TYR D 33 41.47 -34.43 -4.01
C TYR D 33 40.12 -34.66 -4.69
N ASN D 34 40.09 -35.54 -5.68
CA ASN D 34 38.86 -35.90 -6.41
C ASN D 34 37.97 -36.80 -5.56
N SER D 35 36.84 -36.27 -5.09
CA SER D 35 35.84 -37.04 -4.33
C SER D 35 34.79 -36.14 -3.66
N THR D 36 33.55 -36.11 -4.18
CA THR D 36 32.46 -35.44 -3.45
C THR D 36 31.81 -36.47 -2.52
N PHE D 37 32.66 -37.09 -1.71
CA PHE D 37 32.24 -38.00 -0.66
C PHE D 37 32.56 -37.26 0.64
N PHE D 38 33.66 -36.50 0.64
CA PHE D 38 34.13 -35.77 1.84
C PHE D 38 33.33 -34.51 2.11
N SER D 39 32.88 -34.35 3.35
CA SER D 39 32.09 -33.21 3.77
C SER D 39 32.94 -32.23 4.58
N THR D 40 34.26 -32.45 4.60
CA THR D 40 35.22 -31.62 5.33
C THR D 40 36.64 -31.88 4.80
N PHE D 41 37.34 -30.82 4.41
CA PHE D 41 38.71 -30.93 3.86
C PHE D 41 39.67 -29.87 4.45
N LYS D 42 39.43 -29.47 5.70
CA LYS D 42 40.19 -28.39 6.37
C LYS D 42 41.69 -28.71 6.55
N CYS D 43 42.54 -28.03 5.78
CA CYS D 43 43.98 -28.28 5.81
C CYS D 43 44.81 -27.12 6.38
N TYR D 44 45.31 -27.32 7.60
CA TYR D 44 46.06 -26.28 8.31
C TYR D 44 47.55 -26.33 7.96
N GLY D 45 47.83 -26.87 6.77
CA GLY D 45 49.18 -26.96 6.19
C GLY D 45 49.22 -26.20 4.87
N VAL D 46 48.66 -26.81 3.82
CA VAL D 46 48.41 -26.16 2.50
C VAL D 46 47.43 -26.97 1.63
N SER D 47 47.81 -27.21 0.38
CA SER D 47 47.11 -28.16 -0.49
C SER D 47 47.84 -28.37 -1.83
N ALA D 48 49.09 -28.87 -1.74
CA ALA D 48 49.90 -29.25 -2.90
C ALA D 48 50.38 -30.70 -2.74
N THR D 49 51.62 -30.99 -3.17
CA THR D 49 52.17 -32.35 -3.10
C THR D 49 53.70 -32.33 -3.13
N LYS D 50 54.29 -33.34 -2.48
CA LYS D 50 55.71 -33.64 -2.62
C LYS D 50 56.03 -35.12 -2.28
N LEU D 51 55.24 -36.04 -2.87
CA LEU D 51 55.38 -37.52 -2.79
C LEU D 51 56.22 -38.11 -1.62
N ASN D 52 55.85 -37.76 -0.39
CA ASN D 52 56.55 -38.19 0.82
C ASN D 52 56.36 -39.68 1.12
N VAL D 59 54.57 -39.30 8.67
CA VAL D 59 53.12 -39.10 8.60
C VAL D 59 52.37 -40.05 9.52
N TYR D 60 51.52 -39.49 10.38
CA TYR D 60 50.63 -40.27 11.23
C TYR D 60 49.20 -40.12 10.74
N ALA D 61 48.32 -41.01 11.20
CA ALA D 61 46.90 -40.94 10.82
C ALA D 61 45.96 -41.44 11.92
N ASP D 62 45.40 -40.49 12.66
CA ASP D 62 44.40 -40.81 13.66
C ASP D 62 43.02 -40.97 13.00
N SER D 63 42.14 -41.76 13.63
CA SER D 63 40.78 -41.99 13.13
C SER D 63 39.82 -42.39 14.25
N PHE D 64 38.57 -41.93 14.14
CA PHE D 64 37.51 -42.17 15.14
C PHE D 64 36.14 -41.74 14.59
N VAL D 65 35.10 -41.85 15.42
CA VAL D 65 33.74 -41.47 15.02
C VAL D 65 33.01 -40.56 16.03
N VAL D 66 32.40 -39.50 15.48
CA VAL D 66 31.72 -38.45 16.25
C VAL D 66 30.39 -38.00 15.61
N LYS D 67 29.52 -37.44 16.45
CA LYS D 67 28.29 -36.73 16.06
C LYS D 67 28.45 -35.75 14.87
N GLY D 68 27.35 -35.27 14.29
CA GLY D 68 27.42 -34.18 13.31
C GLY D 68 28.09 -32.93 13.86
N ASP D 69 27.39 -32.19 14.72
CA ASP D 69 27.91 -30.94 15.29
C ASP D 69 29.25 -31.08 16.05
N ASP D 70 29.67 -32.31 16.29
CA ASP D 70 30.91 -32.56 17.00
C ASP D 70 32.14 -32.47 16.09
N VAL D 71 31.93 -32.55 14.77
CA VAL D 71 33.02 -32.50 13.80
C VAL D 71 33.76 -31.16 13.74
N ARG D 72 33.02 -30.05 13.84
CA ARG D 72 33.62 -28.69 13.80
C ARG D 72 34.71 -28.44 14.86
N GLN D 73 34.80 -29.37 15.82
CA GLN D 73 35.76 -29.33 16.95
C GLN D 73 37.14 -29.90 16.61
N ILE D 74 37.20 -30.75 15.60
CA ILE D 74 38.46 -31.36 15.19
C ILE D 74 39.27 -30.28 14.50
N ALA D 75 39.85 -29.42 15.35
CA ALA D 75 40.50 -28.17 14.97
C ALA D 75 41.24 -27.52 16.15
N PRO D 76 42.26 -26.67 15.85
CA PRO D 76 42.92 -25.84 16.88
C PRO D 76 41.94 -24.78 17.42
N GLY D 77 42.13 -24.39 18.69
CA GLY D 77 41.11 -23.65 19.45
C GLY D 77 40.07 -24.65 19.96
N GLN D 78 38.80 -24.26 19.91
CA GLN D 78 37.66 -25.15 20.25
C GLN D 78 37.67 -25.58 21.71
N THR D 79 36.70 -25.11 22.49
CA THR D 79 36.66 -25.44 23.92
C THR D 79 36.65 -26.96 24.06
N GLY D 80 35.48 -27.60 24.09
CA GLY D 80 35.54 -29.02 24.36
C GLY D 80 34.38 -29.94 24.53
N VAL D 81 34.36 -30.63 25.66
CA VAL D 81 33.70 -31.93 25.82
C VAL D 81 34.31 -32.96 24.87
N ILE D 82 34.78 -32.51 23.70
CA ILE D 82 35.53 -33.37 22.78
C ILE D 82 37.02 -32.97 22.70
N ALA D 83 37.29 -31.71 22.35
CA ALA D 83 38.65 -31.21 22.36
C ALA D 83 39.18 -31.19 23.80
N ASP D 84 38.24 -31.05 24.73
CA ASP D 84 38.55 -31.09 26.16
C ASP D 84 38.93 -32.48 26.66
N TYR D 85 38.17 -33.50 26.27
CA TYR D 85 38.23 -34.77 26.99
C TYR D 85 38.58 -36.01 26.20
N ASN D 86 38.39 -35.94 24.89
CA ASN D 86 38.59 -37.10 24.04
C ASN D 86 39.82 -36.93 23.19
N TYR D 87 39.80 -35.92 22.32
CA TYR D 87 40.83 -35.75 21.33
C TYR D 87 41.07 -34.26 21.19
N LYS D 88 42.33 -33.85 21.31
CA LYS D 88 42.71 -32.43 21.23
C LYS D 88 43.79 -32.20 20.18
N LEU D 89 43.54 -31.28 19.26
CA LEU D 89 44.52 -30.91 18.25
C LEU D 89 45.38 -29.75 18.73
N PRO D 90 46.70 -29.80 18.46
CA PRO D 90 47.60 -28.72 18.87
C PRO D 90 47.19 -27.38 18.29
N ASP D 91 47.28 -26.36 19.13
CA ASP D 91 47.01 -24.98 18.71
C ASP D 91 47.66 -24.67 17.36
N ASP D 92 48.78 -25.34 17.10
CA ASP D 92 49.53 -25.18 15.86
C ASP D 92 49.80 -26.53 15.18
N PHE D 93 51.08 -26.89 15.11
CA PHE D 93 51.61 -28.17 14.63
C PHE D 93 50.58 -29.00 13.86
N MET D 94 50.45 -28.79 12.55
CA MET D 94 49.34 -29.42 11.83
C MET D 94 49.48 -29.91 10.38
N GLY D 95 48.53 -30.79 10.02
CA GLY D 95 48.24 -31.29 8.66
C GLY D 95 46.75 -31.11 8.29
N CYS D 96 46.02 -32.21 8.09
CA CYS D 96 44.60 -32.11 7.64
C CYS D 96 43.56 -32.90 8.48
N VAL D 97 42.29 -32.46 8.34
CA VAL D 97 41.13 -33.14 8.92
C VAL D 97 40.15 -33.51 7.78
N LEU D 98 39.60 -34.72 7.87
CA LEU D 98 38.67 -35.24 6.85
C LEU D 98 37.47 -35.96 7.45
N ALA D 99 36.29 -35.64 6.95
CA ALA D 99 35.05 -36.16 7.51
C ALA D 99 34.06 -36.63 6.45
N TRP D 100 33.23 -37.60 6.83
CA TRP D 100 32.18 -38.08 5.94
C TRP D 100 30.98 -38.71 6.66
N ASN D 101 29.77 -38.36 6.19
CA ASN D 101 28.52 -38.85 6.76
C ASN D 101 28.38 -40.33 6.53
N THR D 102 28.16 -41.07 7.62
CA THR D 102 28.07 -42.51 7.57
C THR D 102 26.80 -42.99 8.28
N ARG D 103 25.66 -42.40 7.93
CA ARG D 103 24.38 -42.75 8.56
C ARG D 103 23.95 -44.18 8.24
N ASN D 104 23.95 -44.51 6.96
CA ASN D 104 23.63 -45.87 6.48
C ASN D 104 24.41 -47.02 7.15
N ILE D 105 25.64 -46.71 7.61
CA ILE D 105 26.59 -47.71 8.11
C ILE D 105 26.70 -47.78 9.65
N ASP D 106 26.84 -46.61 10.29
CA ASP D 106 27.03 -46.53 11.73
C ASP D 106 25.73 -46.23 12.46
N ALA D 107 24.71 -45.83 11.72
CA ALA D 107 23.40 -45.57 12.31
C ALA D 107 22.44 -46.68 11.94
N THR D 108 21.71 -47.17 12.95
CA THR D 108 20.67 -48.17 12.74
C THR D 108 19.31 -47.55 13.05
N SER D 109 18.30 -47.90 12.28
CA SER D 109 16.96 -47.34 12.45
C SER D 109 16.35 -47.74 13.77
N THR D 110 17.18 -48.24 14.66
CA THR D 110 16.73 -48.77 15.93
C THR D 110 17.64 -48.28 17.06
N GLY D 111 18.79 -47.72 16.66
CA GLY D 111 19.74 -47.14 17.59
C GLY D 111 21.01 -47.95 17.70
N ASN D 112 22.14 -47.31 17.39
CA ASN D 112 23.46 -47.94 17.53
C ASN D 112 24.35 -47.31 18.63
N TYR D 113 24.32 -47.93 19.81
CA TYR D 113 24.94 -47.35 21.00
C TYR D 113 26.36 -47.85 21.27
N ASN D 114 27.03 -48.35 20.23
CA ASN D 114 28.38 -48.89 20.39
C ASN D 114 29.45 -47.82 20.54
N TYR D 115 29.35 -46.76 19.75
CA TYR D 115 30.29 -45.65 19.84
C TYR D 115 30.11 -44.88 21.13
N LYS D 116 31.24 -44.53 21.74
CA LYS D 116 31.31 -43.85 23.04
C LYS D 116 32.16 -42.56 22.99
N TYR D 117 32.00 -41.74 24.02
CA TYR D 117 32.84 -40.55 24.24
C TYR D 117 32.91 -40.30 25.74
N ARG D 118 33.89 -39.50 26.15
CA ARG D 118 34.10 -39.17 27.55
C ARG D 118 33.55 -37.77 27.86
N TYR D 119 32.61 -37.65 28.81
CA TYR D 119 32.08 -36.32 29.22
C TYR D 119 32.64 -35.71 30.53
N LEU D 120 33.20 -36.54 31.42
CA LEU D 120 33.79 -36.05 32.67
C LEU D 120 35.25 -36.50 32.83
N ARG D 121 36.09 -35.54 33.24
CA ARG D 121 37.50 -35.79 33.46
C ARG D 121 38.07 -34.62 34.27
N HIS D 122 39.12 -34.90 35.03
CA HIS D 122 39.82 -33.83 35.73
C HIS D 122 40.89 -33.27 34.79
N GLY D 123 40.70 -32.00 34.41
CA GLY D 123 41.59 -31.32 33.47
C GLY D 123 41.24 -31.57 32.02
N LYS D 124 41.92 -30.86 31.13
CA LYS D 124 41.76 -31.07 29.70
C LYS D 124 42.89 -31.97 29.23
N LEU D 125 42.84 -32.37 27.97
CA LEU D 125 43.92 -33.14 27.39
C LEU D 125 45.05 -32.24 26.88
N ARG D 126 46.18 -32.85 26.51
CA ARG D 126 47.24 -32.18 25.78
C ARG D 126 47.13 -32.59 24.31
N PRO D 127 47.47 -31.68 23.37
CA PRO D 127 47.50 -32.00 21.93
C PRO D 127 48.06 -33.38 21.60
N PHE D 128 47.22 -34.24 21.06
CA PHE D 128 47.54 -35.65 20.73
C PHE D 128 47.64 -36.64 21.89
N GLU D 129 47.27 -36.20 23.08
CA GLU D 129 47.18 -37.08 24.25
C GLU D 129 45.96 -38.02 24.13
N ARG D 130 46.00 -39.14 24.85
CA ARG D 130 44.98 -40.19 24.78
C ARG D 130 44.62 -40.73 26.17
N ASP D 131 43.32 -40.86 26.45
CA ASP D 131 42.81 -41.36 27.76
C ASP D 131 41.73 -42.45 27.63
N ILE D 132 42.09 -43.66 28.07
CA ILE D 132 41.24 -44.83 27.97
C ILE D 132 40.69 -45.22 29.35
N SER D 133 41.20 -44.61 30.42
CA SER D 133 40.84 -45.02 31.77
C SER D 133 39.34 -44.85 32.06
N ASN D 134 38.73 -45.91 32.55
CA ASN D 134 37.30 -45.95 32.85
C ASN D 134 37.09 -46.04 34.37
N VAL D 135 37.33 -44.93 35.03
CA VAL D 135 37.38 -44.92 36.49
C VAL D 135 36.38 -43.92 37.06
N PRO D 136 35.42 -44.41 37.89
CA PRO D 136 34.27 -43.62 38.35
C PRO D 136 34.65 -42.25 38.90
N PHE D 137 33.90 -41.23 38.49
CA PHE D 137 34.28 -39.82 38.63
C PHE D 137 33.45 -39.07 39.68
N SER D 138 34.13 -38.21 40.43
CA SER D 138 33.49 -37.30 41.39
C SER D 138 34.14 -35.91 41.30
N PRO D 139 33.31 -34.83 41.42
CA PRO D 139 33.77 -33.43 41.31
C PRO D 139 35.02 -33.04 42.13
N ASP D 140 35.45 -33.88 43.07
CA ASP D 140 36.69 -33.66 43.85
C ASP D 140 37.33 -34.96 44.35
N GLY D 141 38.46 -35.34 43.74
CA GLY D 141 39.20 -36.57 44.05
C GLY D 141 38.31 -37.75 44.39
N LYS D 142 38.61 -38.42 45.49
CA LYS D 142 37.75 -39.46 46.10
C LYS D 142 37.23 -40.54 45.15
N PRO D 143 37.89 -41.72 45.13
CA PRO D 143 37.39 -42.86 44.34
C PRO D 143 35.89 -43.10 44.58
N CYS D 144 35.21 -43.55 43.54
CA CYS D 144 33.76 -43.63 43.57
C CYS D 144 33.18 -45.00 43.90
N THR D 145 31.88 -45.02 44.19
CA THR D 145 31.14 -46.27 44.41
C THR D 145 29.68 -46.15 43.93
N PRO D 146 29.48 -46.14 42.59
CA PRO D 146 28.11 -46.25 42.08
C PRO D 146 27.40 -47.46 42.71
N PRO D 147 26.09 -47.33 43.02
CA PRO D 147 25.23 -46.19 42.74
C PRO D 147 25.19 -45.10 43.84
N ALA D 148 26.36 -44.68 44.31
CA ALA D 148 26.43 -43.57 45.28
C ALA D 148 26.25 -42.24 44.56
N LEU D 149 25.72 -41.24 45.27
CA LEU D 149 25.47 -39.89 44.72
C LEU D 149 26.76 -39.20 44.25
N ASN D 150 26.68 -38.49 43.13
CA ASN D 150 27.84 -37.82 42.53
C ASN D 150 28.95 -38.75 42.03
N CYS D 151 28.55 -39.98 41.73
CA CYS D 151 29.36 -40.92 40.98
C CYS D 151 28.80 -41.08 39.57
N TYR D 152 29.65 -40.83 38.58
CA TYR D 152 29.24 -41.00 37.19
C TYR D 152 30.33 -41.74 36.40
N TRP D 153 29.92 -42.79 35.68
CA TRP D 153 30.83 -43.50 34.79
C TRP D 153 31.16 -42.59 33.63
N PRO D 154 32.43 -42.15 33.55
CA PRO D 154 32.88 -41.10 32.62
C PRO D 154 32.65 -41.40 31.13
N LEU D 155 32.28 -42.63 30.83
CA LEU D 155 32.08 -43.05 29.45
C LEU D 155 30.61 -43.16 29.07
N ASN D 156 30.14 -42.20 28.25
CA ASN D 156 28.76 -42.23 27.72
C ASN D 156 28.62 -42.78 26.30
N ASP D 157 27.39 -43.10 25.90
CA ASP D 157 27.10 -43.60 24.55
C ASP D 157 26.53 -42.51 23.65
N TYR D 158 26.83 -42.64 22.35
CA TYR D 158 26.25 -41.76 21.35
C TYR D 158 24.85 -42.24 21.00
N GLY D 159 24.76 -43.38 20.30
CA GLY D 159 23.47 -43.85 19.81
C GLY D 159 22.96 -43.10 18.59
N PHE D 160 23.27 -43.64 17.41
CA PHE D 160 22.94 -43.05 16.12
C PHE D 160 21.76 -43.75 15.48
N TYR D 161 20.61 -43.09 15.45
CA TYR D 161 19.49 -43.57 14.67
C TYR D 161 19.60 -42.96 13.27
N THR D 162 18.95 -43.58 12.28
CA THR D 162 19.02 -43.09 10.89
C THR D 162 18.03 -41.99 10.62
N THR D 163 17.23 -41.67 11.61
CA THR D 163 16.19 -40.68 11.46
C THR D 163 16.61 -39.28 11.94
N THR D 164 17.65 -39.21 12.79
CA THR D 164 18.14 -37.94 13.36
C THR D 164 18.63 -36.92 12.35
N GLY D 165 18.52 -35.64 12.71
CA GLY D 165 19.03 -34.53 11.90
C GLY D 165 20.49 -34.69 11.60
N ILE D 166 20.96 -33.99 10.57
CA ILE D 166 22.33 -34.17 10.07
C ILE D 166 23.36 -33.78 11.13
N GLY D 167 22.92 -33.04 12.14
CA GLY D 167 23.77 -32.67 13.27
C GLY D 167 23.92 -33.76 14.33
N TYR D 168 23.10 -34.81 14.22
CA TYR D 168 23.13 -35.92 15.16
C TYR D 168 23.35 -37.26 14.47
N GLN D 169 23.93 -37.20 13.26
CA GLN D 169 24.27 -38.40 12.50
C GLN D 169 25.73 -38.78 12.72
N PRO D 170 26.08 -40.07 12.53
CA PRO D 170 27.48 -40.47 12.71
C PRO D 170 28.39 -39.91 11.60
N TYR D 171 29.66 -39.67 11.93
CA TYR D 171 30.64 -39.09 11.00
C TYR D 171 32.03 -39.63 11.32
N ARG D 172 32.67 -40.22 10.32
CA ARG D 172 34.03 -40.78 10.50
C ARG D 172 35.11 -39.73 10.17
N VAL D 173 36.20 -39.75 10.94
CA VAL D 173 37.20 -38.68 10.89
C VAL D 173 38.59 -39.24 10.84
N VAL D 174 39.29 -39.00 9.74
CA VAL D 174 40.71 -39.37 9.62
C VAL D 174 41.69 -38.16 9.68
N VAL D 175 42.23 -37.90 10.86
CA VAL D 175 43.20 -36.82 11.06
C VAL D 175 44.57 -37.27 10.55
N LEU D 176 45.15 -36.51 9.61
CA LEU D 176 46.53 -36.78 9.16
C LEU D 176 47.48 -35.71 9.67
N SER D 177 48.55 -36.15 10.33
CA SER D 177 49.56 -35.22 10.83
C SER D 177 50.86 -35.40 10.04
N PHE D 178 51.36 -34.31 9.47
CA PHE D 178 52.59 -34.34 8.68
C PHE D 178 53.78 -33.83 9.52
N GLU D 179 54.98 -34.33 9.21
CA GLU D 179 56.19 -34.01 9.98
C GLU D 179 57.47 -34.21 9.18
ZN ZN E . 0.05 23.54 -22.46
CL CL F . 23.10 32.61 -18.37
ZN ZN G . -1.43 -26.38 17.00
CL CL H . -21.36 -28.36 24.23
#